data_7OEO
# 
_entry.id   7OEO 
# 
_audit_conform.dict_name       mmcif_pdbx.dic 
_audit_conform.dict_version    5.391 
_audit_conform.dict_location   http://mmcif.pdb.org/dictionaries/ascii/mmcif_pdbx.dic 
# 
loop_
_database_2.database_id 
_database_2.database_code 
_database_2.pdbx_database_accession 
_database_2.pdbx_DOI 
PDB   7OEO         pdb_00007oeo 10.2210/pdb7oeo/pdb 
WWPDB D_1292115611 ?            ?                   
# 
loop_
_pdbx_audit_revision_history.ordinal 
_pdbx_audit_revision_history.data_content_type 
_pdbx_audit_revision_history.major_revision 
_pdbx_audit_revision_history.minor_revision 
_pdbx_audit_revision_history.revision_date 
1 'Structure model' 1 0 2021-07-21 
2 'Structure model' 1 1 2021-08-25 
3 'Structure model' 1 2 2024-05-01 
# 
_pdbx_audit_revision_details.ordinal             1 
_pdbx_audit_revision_details.revision_ordinal    1 
_pdbx_audit_revision_details.data_content_type   'Structure model' 
_pdbx_audit_revision_details.provider            repository 
_pdbx_audit_revision_details.type                'Initial release' 
_pdbx_audit_revision_details.description         ? 
_pdbx_audit_revision_details.details             ? 
# 
loop_
_pdbx_audit_revision_group.ordinal 
_pdbx_audit_revision_group.revision_ordinal 
_pdbx_audit_revision_group.data_content_type 
_pdbx_audit_revision_group.group 
1 2 'Structure model' 'Database references'    
2 3 'Structure model' 'Data collection'        
3 3 'Structure model' 'Derived calculations'   
4 3 'Structure model' 'Refinement description' 
# 
loop_
_pdbx_audit_revision_category.ordinal 
_pdbx_audit_revision_category.revision_ordinal 
_pdbx_audit_revision_category.data_content_type 
_pdbx_audit_revision_category.category 
1 2 'Structure model' citation                      
2 2 'Structure model' database_2                    
3 3 'Structure model' atom_type                     
4 3 'Structure model' chem_comp_atom                
5 3 'Structure model' chem_comp_bond                
6 3 'Structure model' pdbx_initial_refinement_model 
# 
loop_
_pdbx_audit_revision_item.ordinal 
_pdbx_audit_revision_item.revision_ordinal 
_pdbx_audit_revision_item.data_content_type 
_pdbx_audit_revision_item.item 
1 2 'Structure model' '_citation.journal_volume'            
2 2 'Structure model' '_citation.page_first'                
3 2 'Structure model' '_citation.page_last'                 
4 2 'Structure model' '_database_2.pdbx_DOI'                
5 2 'Structure model' '_database_2.pdbx_database_accession' 
6 3 'Structure model' '_atom_type.pdbx_N_electrons'         
7 3 'Structure model' '_atom_type.pdbx_scat_Z'              
# 
_pdbx_database_status.status_code                     REL 
_pdbx_database_status.status_code_sf                  REL 
_pdbx_database_status.status_code_mr                  ? 
_pdbx_database_status.entry_id                        7OEO 
_pdbx_database_status.recvd_initial_deposition_date   2021-05-03 
_pdbx_database_status.SG_entry                        N 
_pdbx_database_status.deposit_site                    PDBE 
_pdbx_database_status.process_site                    PDBE 
_pdbx_database_status.status_code_cs                  ? 
_pdbx_database_status.status_code_nmr_data            ? 
_pdbx_database_status.methods_development_category    ? 
_pdbx_database_status.pdb_format_compatible           N 
# 
_audit_author.name               'Chung, C.' 
_audit_author.pdbx_ordinal       1 
_audit_author.identifier_ORCID   0000-0002-2480-3110 
# 
_citation.abstract                  ? 
_citation.abstract_id_CAS           ? 
_citation.book_id_ISBN              ? 
_citation.book_publisher            ? 
_citation.book_publisher_city       ? 
_citation.book_title                ? 
_citation.coordinate_linkage        ? 
_citation.country                   US 
_citation.database_id_Medline       ? 
_citation.details                   ? 
_citation.id                        primary 
_citation.journal_abbrev            J.Med.Chem. 
_citation.journal_id_ASTM           JMCMAR 
_citation.journal_id_CSD            0151 
_citation.journal_id_ISSN           0022-2623 
_citation.journal_full              ? 
_citation.journal_issue             ? 
_citation.journal_volume            64 
_citation.language                  ? 
_citation.page_first                10806 
_citation.page_last                 10833 
_citation.title                     
'Discovery of a Highly Selective BET BD2 Inhibitor from a DNA-Encoded Library Technology Screening Hit.' 
_citation.year                      2021 
_citation.database_id_CSD           ? 
_citation.pdbx_database_id_DOI      10.1021/acs.jmedchem.1c00412 
_citation.pdbx_database_id_PubMed   34251219 
_citation.pdbx_database_id_patent   ? 
_citation.unpublished_flag          ? 
# 
loop_
_citation_author.citation_id 
_citation_author.name 
_citation_author.ordinal 
_citation_author.identifier_ORCID 
primary 'Rianjongdee, F.'  1  0000-0003-4432-3007 
primary 'Atkinson, S.J.'   2  0000-0003-3636-3674 
primary 'Chung, C.W.'      3  0000-0002-2480-3110 
primary 'Grandi, P.'       4  ?                   
primary 'Gray, J.R.J.'     5  ?                   
primary 'Kaushansky, L.J.' 6  ?                   
primary 'Medeiros, P.'     7  ?                   
primary 'Messenger, C.'    8  ?                   
primary 'Phillipou, A.'    9  ?                   
primary 'Preston, A.'      10 0000-0003-0334-0679 
primary 'Prinjha, R.K.'    11 ?                   
primary 'Rioja, I.'        12 ?                   
primary 'Satz, A.L.'       13 0000-0003-1284-1977 
primary 'Taylor, S.'       14 ?                   
primary 'Wall, I.D.'       15 ?                   
primary 'Watson, R.J.'     16 ?                   
primary 'Yao, G.'          17 ?                   
primary 'Demont, E.H.'     18 0000-0001-7307-3129 
# 
loop_
_entity.id 
_entity.type 
_entity.src_method 
_entity.pdbx_description 
_entity.formula_weight 
_entity.pdbx_number_of_molecules 
_entity.pdbx_ec 
_entity.pdbx_mutation 
_entity.pdbx_fragment 
_entity.details 
1 polymer     man 'Bromodomain-containing protein 4'                                                                13636.714 1   
? ? 'UNP residues 347-463' ? 
2 non-polymer syn 'N-(2,2-diphenylethyl)-4-methoxy-3,5-dimethyl-N-[2-(methylamino)-2-oxidanylidene-ethyl]benzamide' 430.539   1   
? ? ?                      ? 
3 water       nat water                                                                                             18.015    169 
? ? ?                      ? 
# 
_entity_name_com.entity_id   1 
_entity_name_com.name        'Protein HUNK1' 
# 
_entity_poly.entity_id                      1 
_entity_poly.type                           'polypeptide(L)' 
_entity_poly.nstd_linkage                   no 
_entity_poly.nstd_monomer                   no 
_entity_poly.pdbx_seq_one_letter_code       
;SSKVSEQLKCCSGILKEMFAKKHAAYAWPFYKPVDVEALGLHDYCDIIKHPMDMSTIKSKLEAREYRDAQEFGADVRLMF
SNCYKYNPPDHEVVAMARKLQDVFEMRFAKMPDEPEE
;
_entity_poly.pdbx_seq_one_letter_code_can   
;SSKVSEQLKCCSGILKEMFAKKHAAYAWPFYKPVDVEALGLHDYCDIIKHPMDMSTIKSKLEAREYRDAQEFGADVRLMF
SNCYKYNPPDHEVVAMARKLQDVFEMRFAKMPDEPEE
;
_entity_poly.pdbx_strand_id                 AAA 
_entity_poly.pdbx_target_identifier         ? 
# 
loop_
_pdbx_entity_nonpoly.entity_id 
_pdbx_entity_nonpoly.name 
_pdbx_entity_nonpoly.comp_id 
2 'N-(2,2-diphenylethyl)-4-methoxy-3,5-dimethyl-N-[2-(methylamino)-2-oxidanylidene-ethyl]benzamide' V9Z 
3 water                                                                                             HOH 
# 
loop_
_entity_poly_seq.entity_id 
_entity_poly_seq.num 
_entity_poly_seq.mon_id 
_entity_poly_seq.hetero 
1 1   SER n 
1 2   SER n 
1 3   LYS n 
1 4   VAL n 
1 5   SER n 
1 6   GLU n 
1 7   GLN n 
1 8   LEU n 
1 9   LYS n 
1 10  CYS n 
1 11  CYS n 
1 12  SER n 
1 13  GLY n 
1 14  ILE n 
1 15  LEU n 
1 16  LYS n 
1 17  GLU n 
1 18  MET n 
1 19  PHE n 
1 20  ALA n 
1 21  LYS n 
1 22  LYS n 
1 23  HIS n 
1 24  ALA n 
1 25  ALA n 
1 26  TYR n 
1 27  ALA n 
1 28  TRP n 
1 29  PRO n 
1 30  PHE n 
1 31  TYR n 
1 32  LYS n 
1 33  PRO n 
1 34  VAL n 
1 35  ASP n 
1 36  VAL n 
1 37  GLU n 
1 38  ALA n 
1 39  LEU n 
1 40  GLY n 
1 41  LEU n 
1 42  HIS n 
1 43  ASP n 
1 44  TYR n 
1 45  CYS n 
1 46  ASP n 
1 47  ILE n 
1 48  ILE n 
1 49  LYS n 
1 50  HIS n 
1 51  PRO n 
1 52  MET n 
1 53  ASP n 
1 54  MET n 
1 55  SER n 
1 56  THR n 
1 57  ILE n 
1 58  LYS n 
1 59  SER n 
1 60  LYS n 
1 61  LEU n 
1 62  GLU n 
1 63  ALA n 
1 64  ARG n 
1 65  GLU n 
1 66  TYR n 
1 67  ARG n 
1 68  ASP n 
1 69  ALA n 
1 70  GLN n 
1 71  GLU n 
1 72  PHE n 
1 73  GLY n 
1 74  ALA n 
1 75  ASP n 
1 76  VAL n 
1 77  ARG n 
1 78  LEU n 
1 79  MET n 
1 80  PHE n 
1 81  SER n 
1 82  ASN n 
1 83  CYS n 
1 84  TYR n 
1 85  LYS n 
1 86  TYR n 
1 87  ASN n 
1 88  PRO n 
1 89  PRO n 
1 90  ASP n 
1 91  HIS n 
1 92  GLU n 
1 93  VAL n 
1 94  VAL n 
1 95  ALA n 
1 96  MET n 
1 97  ALA n 
1 98  ARG n 
1 99  LYS n 
1 100 LEU n 
1 101 GLN n 
1 102 ASP n 
1 103 VAL n 
1 104 PHE n 
1 105 GLU n 
1 106 MET n 
1 107 ARG n 
1 108 PHE n 
1 109 ALA n 
1 110 LYS n 
1 111 MET n 
1 112 PRO n 
1 113 ASP n 
1 114 GLU n 
1 115 PRO n 
1 116 GLU n 
1 117 GLU n 
# 
_entity_src_gen.entity_id                          1 
_entity_src_gen.pdbx_src_id                        1 
_entity_src_gen.pdbx_alt_source_flag               sample 
_entity_src_gen.pdbx_seq_type                      'Biological sequence' 
_entity_src_gen.pdbx_beg_seq_num                   1 
_entity_src_gen.pdbx_end_seq_num                   117 
_entity_src_gen.gene_src_common_name               Human 
_entity_src_gen.gene_src_genus                     ? 
_entity_src_gen.pdbx_gene_src_gene                 'BRD4, HUNK1' 
_entity_src_gen.gene_src_species                   ? 
_entity_src_gen.gene_src_strain                    ? 
_entity_src_gen.gene_src_tissue                    ? 
_entity_src_gen.gene_src_tissue_fraction           ? 
_entity_src_gen.gene_src_details                   ? 
_entity_src_gen.pdbx_gene_src_fragment             ? 
_entity_src_gen.pdbx_gene_src_scientific_name      'Homo sapiens' 
_entity_src_gen.pdbx_gene_src_ncbi_taxonomy_id     9606 
_entity_src_gen.pdbx_gene_src_variant              ? 
_entity_src_gen.pdbx_gene_src_cell_line            ? 
_entity_src_gen.pdbx_gene_src_atcc                 ? 
_entity_src_gen.pdbx_gene_src_organ                ? 
_entity_src_gen.pdbx_gene_src_organelle            ? 
_entity_src_gen.pdbx_gene_src_cell                 ? 
_entity_src_gen.pdbx_gene_src_cellular_location    ? 
_entity_src_gen.host_org_common_name               ? 
_entity_src_gen.pdbx_host_org_scientific_name      'Escherichia coli' 
_entity_src_gen.pdbx_host_org_ncbi_taxonomy_id     562 
_entity_src_gen.host_org_genus                     ? 
_entity_src_gen.pdbx_host_org_gene                 ? 
_entity_src_gen.pdbx_host_org_organ                ? 
_entity_src_gen.host_org_species                   ? 
_entity_src_gen.pdbx_host_org_tissue               ? 
_entity_src_gen.pdbx_host_org_tissue_fraction      ? 
_entity_src_gen.pdbx_host_org_strain               ? 
_entity_src_gen.pdbx_host_org_variant              ? 
_entity_src_gen.pdbx_host_org_cell_line            ? 
_entity_src_gen.pdbx_host_org_atcc                 ? 
_entity_src_gen.pdbx_host_org_culture_collection   ? 
_entity_src_gen.pdbx_host_org_cell                 ? 
_entity_src_gen.pdbx_host_org_organelle            ? 
_entity_src_gen.pdbx_host_org_cellular_location    ? 
_entity_src_gen.pdbx_host_org_vector_type          ? 
_entity_src_gen.pdbx_host_org_vector               ? 
_entity_src_gen.host_org_details                   ? 
_entity_src_gen.expression_system_id               ? 
_entity_src_gen.plasmid_name                       ? 
_entity_src_gen.plasmid_details                    ? 
_entity_src_gen.pdbx_description                   ? 
# 
loop_
_chem_comp.id 
_chem_comp.type 
_chem_comp.mon_nstd_flag 
_chem_comp.name 
_chem_comp.pdbx_synonyms 
_chem_comp.formula 
_chem_comp.formula_weight 
ALA 'L-peptide linking' y ALANINE                                                                                           ? 
'C3 H7 N O2'     89.093  
ARG 'L-peptide linking' y ARGININE                                                                                          ? 
'C6 H15 N4 O2 1' 175.209 
ASN 'L-peptide linking' y ASPARAGINE                                                                                        ? 
'C4 H8 N2 O3'    132.118 
ASP 'L-peptide linking' y 'ASPARTIC ACID'                                                                                   ? 
'C4 H7 N O4'     133.103 
CYS 'L-peptide linking' y CYSTEINE                                                                                          ? 
'C3 H7 N O2 S'   121.158 
GLN 'L-peptide linking' y GLUTAMINE                                                                                         ? 
'C5 H10 N2 O3'   146.144 
GLU 'L-peptide linking' y 'GLUTAMIC ACID'                                                                                   ? 
'C5 H9 N O4'     147.129 
GLY 'peptide linking'   y GLYCINE                                                                                           ? 
'C2 H5 N O2'     75.067  
HIS 'L-peptide linking' y HISTIDINE                                                                                         ? 
'C6 H10 N3 O2 1' 156.162 
HOH non-polymer         . WATER                                                                                             ? 
'H2 O'           18.015  
ILE 'L-peptide linking' y ISOLEUCINE                                                                                        ? 
'C6 H13 N O2'    131.173 
LEU 'L-peptide linking' y LEUCINE                                                                                           ? 
'C6 H13 N O2'    131.173 
LYS 'L-peptide linking' y LYSINE                                                                                            ? 
'C6 H15 N2 O2 1' 147.195 
MET 'L-peptide linking' y METHIONINE                                                                                        ? 
'C5 H11 N O2 S'  149.211 
PHE 'L-peptide linking' y PHENYLALANINE                                                                                     ? 
'C9 H11 N O2'    165.189 
PRO 'L-peptide linking' y PROLINE                                                                                           ? 
'C5 H9 N O2'     115.130 
SER 'L-peptide linking' y SERINE                                                                                            ? 
'C3 H7 N O3'     105.093 
THR 'L-peptide linking' y THREONINE                                                                                         ? 
'C4 H9 N O3'     119.119 
TRP 'L-peptide linking' y TRYPTOPHAN                                                                                        ? 
'C11 H12 N2 O2'  204.225 
TYR 'L-peptide linking' y TYROSINE                                                                                          ? 
'C9 H11 N O3'    181.189 
V9Z non-polymer         . 'N-(2,2-diphenylethyl)-4-methoxy-3,5-dimethyl-N-[2-(methylamino)-2-oxidanylidene-ethyl]benzamide' 
'N-(2,2-diphenylethyl)-4-methoxy-3,5-dimethyl-N-(2-(methylamino)-2-oxoethyl)benzamide' 'C27 H30 N2 O3'  430.539 
VAL 'L-peptide linking' y VALINE                                                                                            ? 
'C5 H11 N O2'    117.146 
# 
loop_
_pdbx_poly_seq_scheme.asym_id 
_pdbx_poly_seq_scheme.entity_id 
_pdbx_poly_seq_scheme.seq_id 
_pdbx_poly_seq_scheme.mon_id 
_pdbx_poly_seq_scheme.ndb_seq_num 
_pdbx_poly_seq_scheme.pdb_seq_num 
_pdbx_poly_seq_scheme.auth_seq_num 
_pdbx_poly_seq_scheme.pdb_mon_id 
_pdbx_poly_seq_scheme.auth_mon_id 
_pdbx_poly_seq_scheme.pdb_strand_id 
_pdbx_poly_seq_scheme.pdb_ins_code 
_pdbx_poly_seq_scheme.hetero 
A 1 1   SER 1   347 ?   ?   ?   AAA . n 
A 1 2   SER 2   348 ?   ?   ?   AAA . n 
A 1 3   LYS 3   349 349 LYS LYS AAA . n 
A 1 4   VAL 4   350 350 VAL VAL AAA . n 
A 1 5   SER 5   351 351 SER SER AAA . n 
A 1 6   GLU 6   352 352 GLU GLU AAA . n 
A 1 7   GLN 7   353 353 GLN GLN AAA . n 
A 1 8   LEU 8   354 354 LEU LEU AAA . n 
A 1 9   LYS 9   355 355 LYS LYS AAA . n 
A 1 10  CYS 10  356 356 CYS CYS AAA . n 
A 1 11  CYS 11  357 357 CYS CYS AAA . n 
A 1 12  SER 12  358 358 SER SER AAA . n 
A 1 13  GLY 13  359 359 GLY GLY AAA . n 
A 1 14  ILE 14  360 360 ILE ILE AAA . n 
A 1 15  LEU 15  361 361 LEU LEU AAA . n 
A 1 16  LYS 16  362 362 LYS LYS AAA . n 
A 1 17  GLU 17  363 363 GLU GLU AAA . n 
A 1 18  MET 18  364 364 MET MET AAA . n 
A 1 19  PHE 19  365 365 PHE PHE AAA . n 
A 1 20  ALA 20  366 366 ALA ALA AAA . n 
A 1 21  LYS 21  367 367 LYS LYS AAA . n 
A 1 22  LYS 22  368 368 LYS LYS AAA . n 
A 1 23  HIS 23  369 369 HIS HIS AAA . n 
A 1 24  ALA 24  370 370 ALA ALA AAA . n 
A 1 25  ALA 25  371 371 ALA ALA AAA . n 
A 1 26  TYR 26  372 372 TYR TYR AAA . n 
A 1 27  ALA 27  373 373 ALA ALA AAA . n 
A 1 28  TRP 28  374 374 TRP TRP AAA . n 
A 1 29  PRO 29  375 375 PRO PRO AAA . n 
A 1 30  PHE 30  376 376 PHE PHE AAA . n 
A 1 31  TYR 31  377 377 TYR TYR AAA . n 
A 1 32  LYS 32  378 378 LYS LYS AAA . n 
A 1 33  PRO 33  379 379 PRO PRO AAA . n 
A 1 34  VAL 34  380 380 VAL VAL AAA . n 
A 1 35  ASP 35  381 381 ASP ASP AAA . n 
A 1 36  VAL 36  382 382 VAL VAL AAA . n 
A 1 37  GLU 37  383 383 GLU GLU AAA . n 
A 1 38  ALA 38  384 384 ALA ALA AAA . n 
A 1 39  LEU 39  385 385 LEU LEU AAA . n 
A 1 40  GLY 40  386 386 GLY GLY AAA . n 
A 1 41  LEU 41  387 387 LEU LEU AAA . n 
A 1 42  HIS 42  388 388 HIS HIS AAA . n 
A 1 43  ASP 43  389 389 ASP ASP AAA . n 
A 1 44  TYR 44  390 390 TYR TYR AAA . n 
A 1 45  CYS 45  391 391 CYS CYS AAA . n 
A 1 46  ASP 46  392 392 ASP ASP AAA . n 
A 1 47  ILE 47  393 393 ILE ILE AAA . n 
A 1 48  ILE 48  394 394 ILE ILE AAA . n 
A 1 49  LYS 49  395 395 LYS LYS AAA . n 
A 1 50  HIS 50  396 396 HIS HIS AAA . n 
A 1 51  PRO 51  397 397 PRO PRO AAA . n 
A 1 52  MET 52  398 398 MET MET AAA . n 
A 1 53  ASP 53  399 399 ASP ASP AAA . n 
A 1 54  MET 54  400 400 MET MET AAA . n 
A 1 55  SER 55  401 401 SER SER AAA . n 
A 1 56  THR 56  402 402 THR THR AAA . n 
A 1 57  ILE 57  403 403 ILE ILE AAA . n 
A 1 58  LYS 58  404 404 LYS LYS AAA . n 
A 1 59  SER 59  405 405 SER SER AAA . n 
A 1 60  LYS 60  406 406 LYS LYS AAA . n 
A 1 61  LEU 61  407 407 LEU LEU AAA . n 
A 1 62  GLU 62  408 408 GLU GLU AAA . n 
A 1 63  ALA 63  409 409 ALA ALA AAA . n 
A 1 64  ARG 64  410 410 ARG ARG AAA . n 
A 1 65  GLU 65  411 411 GLU GLU AAA . n 
A 1 66  TYR 66  412 412 TYR TYR AAA . n 
A 1 67  ARG 67  413 413 ARG ARG AAA . n 
A 1 68  ASP 68  414 414 ASP ASP AAA . n 
A 1 69  ALA 69  415 415 ALA ALA AAA . n 
A 1 70  GLN 70  416 416 GLN GLN AAA . n 
A 1 71  GLU 71  417 417 GLU GLU AAA . n 
A 1 72  PHE 72  418 418 PHE PHE AAA . n 
A 1 73  GLY 73  419 419 GLY GLY AAA . n 
A 1 74  ALA 74  420 420 ALA ALA AAA . n 
A 1 75  ASP 75  421 421 ASP ASP AAA . n 
A 1 76  VAL 76  422 422 VAL VAL AAA . n 
A 1 77  ARG 77  423 423 ARG ARG AAA . n 
A 1 78  LEU 78  424 424 LEU LEU AAA . n 
A 1 79  MET 79  425 425 MET MET AAA . n 
A 1 80  PHE 80  426 426 PHE PHE AAA . n 
A 1 81  SER 81  427 427 SER SER AAA . n 
A 1 82  ASN 82  428 428 ASN ASN AAA . n 
A 1 83  CYS 83  429 429 CYS CYS AAA . n 
A 1 84  TYR 84  430 430 TYR TYR AAA . n 
A 1 85  LYS 85  431 431 LYS LYS AAA . n 
A 1 86  TYR 86  432 432 TYR TYR AAA . n 
A 1 87  ASN 87  433 433 ASN ASN AAA . n 
A 1 88  PRO 88  434 434 PRO PRO AAA . n 
A 1 89  PRO 89  435 435 PRO PRO AAA . n 
A 1 90  ASP 90  436 436 ASP ASP AAA . n 
A 1 91  HIS 91  437 437 HIS HIS AAA . n 
A 1 92  GLU 92  438 438 GLU GLU AAA . n 
A 1 93  VAL 93  439 439 VAL VAL AAA . n 
A 1 94  VAL 94  440 440 VAL VAL AAA . n 
A 1 95  ALA 95  441 441 ALA ALA AAA . n 
A 1 96  MET 96  442 442 MET MET AAA . n 
A 1 97  ALA 97  443 443 ALA ALA AAA . n 
A 1 98  ARG 98  444 444 ARG ARG AAA . n 
A 1 99  LYS 99  445 445 LYS LYS AAA . n 
A 1 100 LEU 100 446 446 LEU LEU AAA . n 
A 1 101 GLN 101 447 447 GLN GLN AAA . n 
A 1 102 ASP 102 448 448 ASP ASP AAA . n 
A 1 103 VAL 103 449 449 VAL VAL AAA . n 
A 1 104 PHE 104 450 450 PHE PHE AAA . n 
A 1 105 GLU 105 451 451 GLU GLU AAA . n 
A 1 106 MET 106 452 452 MET MET AAA . n 
A 1 107 ARG 107 453 453 ARG ARG AAA . n 
A 1 108 PHE 108 454 454 PHE PHE AAA . n 
A 1 109 ALA 109 455 455 ALA ALA AAA . n 
A 1 110 LYS 110 456 456 LYS LYS AAA . n 
A 1 111 MET 111 457 457 MET MET AAA . n 
A 1 112 PRO 112 458 458 PRO PRO AAA . n 
A 1 113 ASP 113 459 459 ASP ASP AAA . n 
A 1 114 GLU 114 460 ?   ?   ?   AAA . n 
A 1 115 PRO 115 461 ?   ?   ?   AAA . n 
A 1 116 GLU 116 462 ?   ?   ?   AAA . n 
A 1 117 GLU 117 463 ?   ?   ?   AAA . n 
# 
loop_
_pdbx_nonpoly_scheme.asym_id 
_pdbx_nonpoly_scheme.entity_id 
_pdbx_nonpoly_scheme.mon_id 
_pdbx_nonpoly_scheme.ndb_seq_num 
_pdbx_nonpoly_scheme.pdb_seq_num 
_pdbx_nonpoly_scheme.auth_seq_num 
_pdbx_nonpoly_scheme.pdb_mon_id 
_pdbx_nonpoly_scheme.auth_mon_id 
_pdbx_nonpoly_scheme.pdb_strand_id 
_pdbx_nonpoly_scheme.pdb_ins_code 
B 2 V9Z 1   501 1   V9Z LIG AAA . 
C 3 HOH 1   601 170 HOH HOH AAA . 
C 3 HOH 2   602 15  HOH HOH AAA . 
C 3 HOH 3   603 169 HOH HOH AAA . 
C 3 HOH 4   604 57  HOH HOH AAA . 
C 3 HOH 5   605 162 HOH HOH AAA . 
C 3 HOH 6   606 21  HOH HOH AAA . 
C 3 HOH 7   607 102 HOH HOH AAA . 
C 3 HOH 8   608 95  HOH HOH AAA . 
C 3 HOH 9   609 106 HOH HOH AAA . 
C 3 HOH 10  610 32  HOH HOH AAA . 
C 3 HOH 11  611 74  HOH HOH AAA . 
C 3 HOH 12  612 14  HOH HOH AAA . 
C 3 HOH 13  613 97  HOH HOH AAA . 
C 3 HOH 14  614 156 HOH HOH AAA . 
C 3 HOH 15  615 68  HOH HOH AAA . 
C 3 HOH 16  616 48  HOH HOH AAA . 
C 3 HOH 17  617 70  HOH HOH AAA . 
C 3 HOH 18  618 18  HOH HOH AAA . 
C 3 HOH 19  619 157 HOH HOH AAA . 
C 3 HOH 20  620 98  HOH HOH AAA . 
C 3 HOH 21  621 103 HOH HOH AAA . 
C 3 HOH 22  622 44  HOH HOH AAA . 
C 3 HOH 23  623 13  HOH HOH AAA . 
C 3 HOH 24  624 69  HOH HOH AAA . 
C 3 HOH 25  625 6   HOH HOH AAA . 
C 3 HOH 26  626 71  HOH HOH AAA . 
C 3 HOH 27  627 118 HOH HOH AAA . 
C 3 HOH 28  628 164 HOH HOH AAA . 
C 3 HOH 29  629 50  HOH HOH AAA . 
C 3 HOH 30  630 152 HOH HOH AAA . 
C 3 HOH 31  631 108 HOH HOH AAA . 
C 3 HOH 32  632 11  HOH HOH AAA . 
C 3 HOH 33  633 161 HOH HOH AAA . 
C 3 HOH 34  634 140 HOH HOH AAA . 
C 3 HOH 35  635 41  HOH HOH AAA . 
C 3 HOH 36  636 23  HOH HOH AAA . 
C 3 HOH 37  637 10  HOH HOH AAA . 
C 3 HOH 38  638 4   HOH HOH AAA . 
C 3 HOH 39  639 127 HOH HOH AAA . 
C 3 HOH 40  640 121 HOH HOH AAA . 
C 3 HOH 41  641 145 HOH HOH AAA . 
C 3 HOH 42  642 9   HOH HOH AAA . 
C 3 HOH 43  643 27  HOH HOH AAA . 
C 3 HOH 44  644 80  HOH HOH AAA . 
C 3 HOH 45  645 2   HOH HOH AAA . 
C 3 HOH 46  646 84  HOH HOH AAA . 
C 3 HOH 47  647 110 HOH HOH AAA . 
C 3 HOH 48  648 123 HOH HOH AAA . 
C 3 HOH 49  649 49  HOH HOH AAA . 
C 3 HOH 50  650 77  HOH HOH AAA . 
C 3 HOH 51  651 37  HOH HOH AAA . 
C 3 HOH 52  652 85  HOH HOH AAA . 
C 3 HOH 53  653 54  HOH HOH AAA . 
C 3 HOH 54  654 47  HOH HOH AAA . 
C 3 HOH 55  655 3   HOH HOH AAA . 
C 3 HOH 56  656 149 HOH HOH AAA . 
C 3 HOH 57  657 142 HOH HOH AAA . 
C 3 HOH 58  658 45  HOH HOH AAA . 
C 3 HOH 59  659 19  HOH HOH AAA . 
C 3 HOH 60  660 99  HOH HOH AAA . 
C 3 HOH 61  661 51  HOH HOH AAA . 
C 3 HOH 62  662 1   HOH HOH AAA . 
C 3 HOH 63  663 114 HOH HOH AAA . 
C 3 HOH 64  664 65  HOH HOH AAA . 
C 3 HOH 65  665 5   HOH HOH AAA . 
C 3 HOH 66  666 17  HOH HOH AAA . 
C 3 HOH 67  667 25  HOH HOH AAA . 
C 3 HOH 68  668 29  HOH HOH AAA . 
C 3 HOH 69  669 35  HOH HOH AAA . 
C 3 HOH 70  670 135 HOH HOH AAA . 
C 3 HOH 71  671 93  HOH HOH AAA . 
C 3 HOH 72  672 16  HOH HOH AAA . 
C 3 HOH 73  673 148 HOH HOH AAA . 
C 3 HOH 74  674 38  HOH HOH AAA . 
C 3 HOH 75  675 31  HOH HOH AAA . 
C 3 HOH 76  676 33  HOH HOH AAA . 
C 3 HOH 77  677 40  HOH HOH AAA . 
C 3 HOH 78  678 86  HOH HOH AAA . 
C 3 HOH 79  679 8   HOH HOH AAA . 
C 3 HOH 80  680 82  HOH HOH AAA . 
C 3 HOH 81  681 107 HOH HOH AAA . 
C 3 HOH 82  682 75  HOH HOH AAA . 
C 3 HOH 83  683 22  HOH HOH AAA . 
C 3 HOH 84  684 172 HOH HOH AAA . 
C 3 HOH 85  685 119 HOH HOH AAA . 
C 3 HOH 86  686 109 HOH HOH AAA . 
C 3 HOH 87  687 78  HOH HOH AAA . 
C 3 HOH 88  688 153 HOH HOH AAA . 
C 3 HOH 89  689 96  HOH HOH AAA . 
C 3 HOH 90  690 24  HOH HOH AAA . 
C 3 HOH 91  691 126 HOH HOH AAA . 
C 3 HOH 92  692 92  HOH HOH AAA . 
C 3 HOH 93  693 7   HOH HOH AAA . 
C 3 HOH 94  694 34  HOH HOH AAA . 
C 3 HOH 95  695 115 HOH HOH AAA . 
C 3 HOH 96  696 101 HOH HOH AAA . 
C 3 HOH 97  697 151 HOH HOH AAA . 
C 3 HOH 98  698 28  HOH HOH AAA . 
C 3 HOH 99  699 55  HOH HOH AAA . 
C 3 HOH 100 700 72  HOH HOH AAA . 
C 3 HOH 101 701 56  HOH HOH AAA . 
C 3 HOH 102 702 116 HOH HOH AAA . 
C 3 HOH 103 703 53  HOH HOH AAA . 
C 3 HOH 104 704 42  HOH HOH AAA . 
C 3 HOH 105 705 36  HOH HOH AAA . 
C 3 HOH 106 706 20  HOH HOH AAA . 
C 3 HOH 107 707 168 HOH HOH AAA . 
C 3 HOH 108 708 59  HOH HOH AAA . 
C 3 HOH 109 709 46  HOH HOH AAA . 
C 3 HOH 110 710 155 HOH HOH AAA . 
C 3 HOH 111 711 171 HOH HOH AAA . 
C 3 HOH 112 712 130 HOH HOH AAA . 
C 3 HOH 113 713 150 HOH HOH AAA . 
C 3 HOH 114 714 122 HOH HOH AAA . 
C 3 HOH 115 715 83  HOH HOH AAA . 
C 3 HOH 116 716 166 HOH HOH AAA . 
C 3 HOH 117 717 132 HOH HOH AAA . 
C 3 HOH 118 718 158 HOH HOH AAA . 
C 3 HOH 119 719 154 HOH HOH AAA . 
C 3 HOH 120 720 104 HOH HOH AAA . 
C 3 HOH 121 721 143 HOH HOH AAA . 
C 3 HOH 122 722 133 HOH HOH AAA . 
C 3 HOH 123 723 105 HOH HOH AAA . 
C 3 HOH 124 724 163 HOH HOH AAA . 
C 3 HOH 125 725 137 HOH HOH AAA . 
C 3 HOH 126 726 67  HOH HOH AAA . 
C 3 HOH 127 727 39  HOH HOH AAA . 
C 3 HOH 128 728 144 HOH HOH AAA . 
C 3 HOH 129 729 94  HOH HOH AAA . 
C 3 HOH 130 730 124 HOH HOH AAA . 
C 3 HOH 131 731 43  HOH HOH AAA . 
C 3 HOH 132 732 87  HOH HOH AAA . 
C 3 HOH 133 733 79  HOH HOH AAA . 
C 3 HOH 134 734 131 HOH HOH AAA . 
C 3 HOH 135 735 129 HOH HOH AAA . 
C 3 HOH 136 736 117 HOH HOH AAA . 
C 3 HOH 137 737 100 HOH HOH AAA . 
C 3 HOH 138 738 88  HOH HOH AAA . 
C 3 HOH 139 739 125 HOH HOH AAA . 
C 3 HOH 140 740 52  HOH HOH AAA . 
C 3 HOH 141 741 63  HOH HOH AAA . 
C 3 HOH 142 742 128 HOH HOH AAA . 
C 3 HOH 143 743 12  HOH HOH AAA . 
C 3 HOH 144 744 111 HOH HOH AAA . 
C 3 HOH 145 745 60  HOH HOH AAA . 
C 3 HOH 146 746 26  HOH HOH AAA . 
C 3 HOH 147 747 138 HOH HOH AAA . 
C 3 HOH 148 748 58  HOH HOH AAA . 
C 3 HOH 149 749 113 HOH HOH AAA . 
C 3 HOH 150 750 66  HOH HOH AAA . 
C 3 HOH 151 751 81  HOH HOH AAA . 
C 3 HOH 152 752 90  HOH HOH AAA . 
C 3 HOH 153 753 89  HOH HOH AAA . 
C 3 HOH 154 754 167 HOH HOH AAA . 
C 3 HOH 155 755 30  HOH HOH AAA . 
C 3 HOH 156 756 134 HOH HOH AAA . 
C 3 HOH 157 757 165 HOH HOH AAA . 
C 3 HOH 158 758 120 HOH HOH AAA . 
C 3 HOH 159 759 159 HOH HOH AAA . 
C 3 HOH 160 760 64  HOH HOH AAA . 
C 3 HOH 161 761 139 HOH HOH AAA . 
C 3 HOH 162 762 61  HOH HOH AAA . 
C 3 HOH 163 763 141 HOH HOH AAA . 
C 3 HOH 164 764 146 HOH HOH AAA . 
C 3 HOH 165 765 73  HOH HOH AAA . 
C 3 HOH 166 766 62  HOH HOH AAA . 
C 3 HOH 167 767 76  HOH HOH AAA . 
C 3 HOH 168 768 112 HOH HOH AAA . 
C 3 HOH 169 769 160 HOH HOH AAA . 
# 
loop_
_software.citation_id 
_software.classification 
_software.compiler_name 
_software.compiler_version 
_software.contact_author 
_software.contact_author_email 
_software.date 
_software.description 
_software.dependencies 
_software.hardware 
_software.language 
_software.location 
_software.mods 
_software.name 
_software.os 
_software.os_version 
_software.type 
_software.version 
_software.pdbx_ordinal 
? refinement       ? ? ? ? ? ? ? ? ? ? ? REFMAC ? ? ? 5.8.0258 1 
? 'data reduction' ? ? ? ? ? ? ? ? ? ? ? XDS    ? ? ? .        2 
? 'data scaling'   ? ? ? ? ? ? ? ? ? ? ? SCALA  ? ? ? .        3 
# 
_cell.angle_alpha                  90.000 
_cell.angle_alpha_esd              ? 
_cell.angle_beta                   90.000 
_cell.angle_beta_esd               ? 
_cell.angle_gamma                  90.000 
_cell.angle_gamma_esd              ? 
_cell.entry_id                     7OEO 
_cell.details                      ? 
_cell.formula_units_Z              ? 
_cell.length_a                     65.240 
_cell.length_a_esd                 ? 
_cell.length_b                     70.020 
_cell.length_b_esd                 ? 
_cell.length_c                     33.640 
_cell.length_c_esd                 ? 
_cell.volume                       ? 
_cell.volume_esd                   ? 
_cell.Z_PDB                        4 
_cell.reciprocal_angle_alpha       ? 
_cell.reciprocal_angle_beta        ? 
_cell.reciprocal_angle_gamma       ? 
_cell.reciprocal_angle_alpha_esd   ? 
_cell.reciprocal_angle_beta_esd    ? 
_cell.reciprocal_angle_gamma_esd   ? 
_cell.reciprocal_length_a          ? 
_cell.reciprocal_length_b          ? 
_cell.reciprocal_length_c          ? 
_cell.reciprocal_length_a_esd      ? 
_cell.reciprocal_length_b_esd      ? 
_cell.reciprocal_length_c_esd      ? 
_cell.pdbx_unique_axis             ? 
# 
_symmetry.entry_id                         7OEO 
_symmetry.cell_setting                     ? 
_symmetry.Int_Tables_number                18 
_symmetry.space_group_name_Hall            ? 
_symmetry.space_group_name_H-M             'P 21 21 2' 
_symmetry.pdbx_full_space_group_name_H-M   ? 
# 
_exptl.absorpt_coefficient_mu     ? 
_exptl.absorpt_correction_T_max   ? 
_exptl.absorpt_correction_T_min   ? 
_exptl.absorpt_correction_type    ? 
_exptl.absorpt_process_details    ? 
_exptl.entry_id                   7OEO 
_exptl.crystals_number            1 
_exptl.details                    ? 
_exptl.method                     'X-RAY DIFFRACTION' 
_exptl.method_details             ? 
# 
_exptl_crystal.colour                      ? 
_exptl_crystal.density_diffrn              ? 
_exptl_crystal.density_Matthews            2.82 
_exptl_crystal.density_method              ? 
_exptl_crystal.density_percent_sol         56.34 
_exptl_crystal.description                 ? 
_exptl_crystal.F_000                       ? 
_exptl_crystal.id                          1 
_exptl_crystal.preparation                 ? 
_exptl_crystal.size_max                    ? 
_exptl_crystal.size_mid                    ? 
_exptl_crystal.size_min                    ? 
_exptl_crystal.size_rad                    ? 
_exptl_crystal.colour_lustre               ? 
_exptl_crystal.colour_modifier             ? 
_exptl_crystal.colour_primary              ? 
_exptl_crystal.density_meas                ? 
_exptl_crystal.density_meas_esd            ? 
_exptl_crystal.density_meas_gt             ? 
_exptl_crystal.density_meas_lt             ? 
_exptl_crystal.density_meas_temp           ? 
_exptl_crystal.density_meas_temp_esd       ? 
_exptl_crystal.density_meas_temp_gt        ? 
_exptl_crystal.density_meas_temp_lt        ? 
_exptl_crystal.pdbx_crystal_image_url      ? 
_exptl_crystal.pdbx_crystal_image_format   ? 
_exptl_crystal.pdbx_mosaicity              ? 
_exptl_crystal.pdbx_mosaicity_esd          ? 
# 
_exptl_crystal_grow.apparatus       ? 
_exptl_crystal_grow.atmosphere      ? 
_exptl_crystal_grow.crystal_id      1 
_exptl_crystal_grow.details         ? 
_exptl_crystal_grow.method          'VAPOR DIFFUSION' 
_exptl_crystal_grow.method_ref      ? 
_exptl_crystal_grow.pH              ? 
_exptl_crystal_grow.pressure        ? 
_exptl_crystal_grow.pressure_esd    ? 
_exptl_crystal_grow.seeding         ? 
_exptl_crystal_grow.seeding_ref     ? 
_exptl_crystal_grow.temp            293 
_exptl_crystal_grow.temp_details    ? 
_exptl_crystal_grow.temp_esd        ? 
_exptl_crystal_grow.time            ? 
_exptl_crystal_grow.pdbx_details    '0.1M Hepes pH7.5 and 20%w/v PEG1500' 
_exptl_crystal_grow.pdbx_pH_range   ? 
# 
_diffrn.ambient_environment              ? 
_diffrn.ambient_temp                     100 
_diffrn.ambient_temp_details             ? 
_diffrn.ambient_temp_esd                 ? 
_diffrn.crystal_id                       1 
_diffrn.crystal_support                  ? 
_diffrn.crystal_treatment                ? 
_diffrn.details                          ? 
_diffrn.id                               1 
_diffrn.ambient_pressure                 ? 
_diffrn.ambient_pressure_esd             ? 
_diffrn.ambient_pressure_gt              ? 
_diffrn.ambient_pressure_lt              ? 
_diffrn.ambient_temp_gt                  ? 
_diffrn.ambient_temp_lt                  ? 
_diffrn.pdbx_serial_crystal_experiment   N 
# 
_diffrn_detector.details                      ? 
_diffrn_detector.detector                     PIXEL 
_diffrn_detector.diffrn_id                    1 
_diffrn_detector.type                         'DECTRIS PILATUS 6M' 
_diffrn_detector.area_resol_mean              ? 
_diffrn_detector.dtime                        ? 
_diffrn_detector.pdbx_frames_total            ? 
_diffrn_detector.pdbx_collection_time_total   ? 
_diffrn_detector.pdbx_collection_date         2012-08-10 
_diffrn_detector.pdbx_frequency               ? 
# 
_diffrn_radiation.collimation                      ? 
_diffrn_radiation.diffrn_id                        1 
_diffrn_radiation.filter_edge                      ? 
_diffrn_radiation.inhomogeneity                    ? 
_diffrn_radiation.monochromator                    ? 
_diffrn_radiation.polarisn_norm                    ? 
_diffrn_radiation.polarisn_ratio                   ? 
_diffrn_radiation.probe                            ? 
_diffrn_radiation.type                             ? 
_diffrn_radiation.xray_symbol                      ? 
_diffrn_radiation.wavelength_id                    1 
_diffrn_radiation.pdbx_monochromatic_or_laue_m_l   M 
_diffrn_radiation.pdbx_wavelength_list             ? 
_diffrn_radiation.pdbx_wavelength                  ? 
_diffrn_radiation.pdbx_diffrn_protocol             'SINGLE WAVELENGTH' 
_diffrn_radiation.pdbx_analyzer                    ? 
_diffrn_radiation.pdbx_scattering_type             x-ray 
# 
_diffrn_radiation_wavelength.id           1 
_diffrn_radiation_wavelength.wavelength   0.97950 
_diffrn_radiation_wavelength.wt           1.0 
# 
_diffrn_source.current                     ? 
_diffrn_source.details                     ? 
_diffrn_source.diffrn_id                   1 
_diffrn_source.power                       ? 
_diffrn_source.size                        ? 
_diffrn_source.source                      SYNCHROTRON 
_diffrn_source.target                      ? 
_diffrn_source.type                        'DIAMOND BEAMLINE I02' 
_diffrn_source.voltage                     ? 
_diffrn_source.take-off_angle              ? 
_diffrn_source.pdbx_wavelength_list        0.97950 
_diffrn_source.pdbx_wavelength             ? 
_diffrn_source.pdbx_synchrotron_beamline   I02 
_diffrn_source.pdbx_synchrotron_site       Diamond 
# 
_reflns.B_iso_Wilson_estimate                          ? 
_reflns.entry_id                                       7OEO 
_reflns.data_reduction_details                         ? 
_reflns.data_reduction_method                          ? 
_reflns.d_resolution_high                              1.51 
_reflns.d_resolution_low                               33.64 
_reflns.details                                        ? 
_reflns.limit_h_max                                    ? 
_reflns.limit_h_min                                    ? 
_reflns.limit_k_max                                    ? 
_reflns.limit_k_min                                    ? 
_reflns.limit_l_max                                    ? 
_reflns.limit_l_min                                    ? 
_reflns.number_all                                     ? 
_reflns.number_obs                                     23991 
_reflns.observed_criterion                             ? 
_reflns.observed_criterion_F_max                       ? 
_reflns.observed_criterion_F_min                       ? 
_reflns.observed_criterion_I_max                       ? 
_reflns.observed_criterion_I_min                       ? 
_reflns.observed_criterion_sigma_F                     ? 
_reflns.observed_criterion_sigma_I                     ? 
_reflns.percent_possible_obs                           96.3 
_reflns.R_free_details                                 ? 
_reflns.Rmerge_F_all                                   ? 
_reflns.Rmerge_F_obs                                   ? 
_reflns.Friedel_coverage                               ? 
_reflns.number_gt                                      ? 
_reflns.threshold_expression                           ? 
_reflns.pdbx_redundancy                                5.7 
_reflns.pdbx_Rmerge_I_obs                              0.036 
_reflns.pdbx_Rmerge_I_all                              ? 
_reflns.pdbx_Rsym_value                                ? 
_reflns.pdbx_netI_over_av_sigmaI                       ? 
_reflns.pdbx_netI_over_sigmaI                          23.1 
_reflns.pdbx_res_netI_over_av_sigmaI_2                 ? 
_reflns.pdbx_res_netI_over_sigmaI_2                    ? 
_reflns.pdbx_chi_squared                               ? 
_reflns.pdbx_scaling_rejects                           ? 
_reflns.pdbx_d_res_high_opt                            ? 
_reflns.pdbx_d_res_low_opt                             ? 
_reflns.pdbx_d_res_opt_method                          ? 
_reflns.phase_calculation_details                      ? 
_reflns.pdbx_Rrim_I_all                                ? 
_reflns.pdbx_Rpim_I_all                                ? 
_reflns.pdbx_d_opt                                     ? 
_reflns.pdbx_number_measured_all                       ? 
_reflns.pdbx_diffrn_id                                 1 
_reflns.pdbx_ordinal                                   1 
_reflns.pdbx_CC_half                                   0.999 
_reflns.pdbx_CC_star                                   ? 
_reflns.pdbx_R_split                                   ? 
_reflns.pdbx_aniso_diffraction_limit_axis_1_ortho[1]   ? 
_reflns.pdbx_aniso_diffraction_limit_axis_1_ortho[2]   ? 
_reflns.pdbx_aniso_diffraction_limit_axis_1_ortho[3]   ? 
_reflns.pdbx_aniso_diffraction_limit_axis_2_ortho[1]   ? 
_reflns.pdbx_aniso_diffraction_limit_axis_2_ortho[2]   ? 
_reflns.pdbx_aniso_diffraction_limit_axis_2_ortho[3]   ? 
_reflns.pdbx_aniso_diffraction_limit_axis_3_ortho[1]   ? 
_reflns.pdbx_aniso_diffraction_limit_axis_3_ortho[2]   ? 
_reflns.pdbx_aniso_diffraction_limit_axis_3_ortho[3]   ? 
_reflns.pdbx_aniso_diffraction_limit_1                 ? 
_reflns.pdbx_aniso_diffraction_limit_2                 ? 
_reflns.pdbx_aniso_diffraction_limit_3                 ? 
_reflns.pdbx_aniso_B_tensor_eigenvector_1_ortho[1]     ? 
_reflns.pdbx_aniso_B_tensor_eigenvector_1_ortho[2]     ? 
_reflns.pdbx_aniso_B_tensor_eigenvector_1_ortho[3]     ? 
_reflns.pdbx_aniso_B_tensor_eigenvector_2_ortho[1]     ? 
_reflns.pdbx_aniso_B_tensor_eigenvector_2_ortho[2]     ? 
_reflns.pdbx_aniso_B_tensor_eigenvector_2_ortho[3]     ? 
_reflns.pdbx_aniso_B_tensor_eigenvector_3_ortho[1]     ? 
_reflns.pdbx_aniso_B_tensor_eigenvector_3_ortho[2]     ? 
_reflns.pdbx_aniso_B_tensor_eigenvector_3_ortho[3]     ? 
_reflns.pdbx_aniso_B_tensor_eigenvalue_1               ? 
_reflns.pdbx_aniso_B_tensor_eigenvalue_2               ? 
_reflns.pdbx_aniso_B_tensor_eigenvalue_3               ? 
_reflns.pdbx_orthogonalization_convention              ? 
_reflns.pdbx_percent_possible_ellipsoidal              ? 
_reflns.pdbx_percent_possible_spherical                ? 
_reflns.pdbx_percent_possible_ellipsoidal_anomalous    ? 
_reflns.pdbx_percent_possible_spherical_anomalous      ? 
_reflns.pdbx_redundancy_anomalous                      ? 
_reflns.pdbx_CC_half_anomalous                         ? 
_reflns.pdbx_absDiff_over_sigma_anomalous              ? 
_reflns.pdbx_percent_possible_anomalous                ? 
_reflns.pdbx_observed_signal_threshold                 ? 
_reflns.pdbx_signal_type                               ? 
_reflns.pdbx_signal_details                            ? 
_reflns.pdbx_signal_software_id                        ? 
# 
_reflns_shell.d_res_high                                    1.51 
_reflns_shell.d_res_low                                     1.55 
_reflns_shell.meanI_over_sigI_all                           ? 
_reflns_shell.meanI_over_sigI_obs                           2.5 
_reflns_shell.number_measured_all                           ? 
_reflns_shell.number_measured_obs                           ? 
_reflns_shell.number_possible                               ? 
_reflns_shell.number_unique_all                             ? 
_reflns_shell.number_unique_obs                             1319 
_reflns_shell.percent_possible_all                          73.7 
_reflns_shell.percent_possible_obs                          ? 
_reflns_shell.Rmerge_F_all                                  ? 
_reflns_shell.Rmerge_F_obs                                  ? 
_reflns_shell.Rmerge_I_all                                  ? 
_reflns_shell.Rmerge_I_obs                                  0.432 
_reflns_shell.meanI_over_sigI_gt                            ? 
_reflns_shell.meanI_over_uI_all                             ? 
_reflns_shell.meanI_over_uI_gt                              ? 
_reflns_shell.number_measured_gt                            ? 
_reflns_shell.number_unique_gt                              ? 
_reflns_shell.percent_possible_gt                           ? 
_reflns_shell.Rmerge_F_gt                                   ? 
_reflns_shell.Rmerge_I_gt                                   ? 
_reflns_shell.pdbx_redundancy                               3.4 
_reflns_shell.pdbx_Rsym_value                               ? 
_reflns_shell.pdbx_chi_squared                              ? 
_reflns_shell.pdbx_netI_over_sigmaI_all                     ? 
_reflns_shell.pdbx_netI_over_sigmaI_obs                     ? 
_reflns_shell.pdbx_Rrim_I_all                               ? 
_reflns_shell.pdbx_Rpim_I_all                               ? 
_reflns_shell.pdbx_rejects                                  ? 
_reflns_shell.pdbx_ordinal                                  1 
_reflns_shell.pdbx_diffrn_id                                1 
_reflns_shell.pdbx_CC_half                                  0.999 
_reflns_shell.pdbx_CC_star                                  ? 
_reflns_shell.pdbx_R_split                                  ? 
_reflns_shell.pdbx_percent_possible_ellipsoidal             ? 
_reflns_shell.pdbx_percent_possible_spherical               ? 
_reflns_shell.pdbx_percent_possible_ellipsoidal_anomalous   ? 
_reflns_shell.pdbx_percent_possible_spherical_anomalous     ? 
_reflns_shell.pdbx_redundancy_anomalous                     ? 
_reflns_shell.pdbx_CC_half_anomalous                        ? 
_reflns_shell.pdbx_absDiff_over_sigma_anomalous             ? 
_reflns_shell.pdbx_percent_possible_anomalous               ? 
# 
_refine.aniso_B[1][1]                            1.040 
_refine.aniso_B[1][2]                            0.000 
_refine.aniso_B[1][3]                            -0.000 
_refine.aniso_B[2][2]                            -1.559 
_refine.aniso_B[2][3]                            0.000 
_refine.aniso_B[3][3]                            0.519 
_refine.B_iso_max                                ? 
_refine.B_iso_mean                               25.060 
_refine.B_iso_min                                ? 
_refine.correlation_coeff_Fo_to_Fc               0.961 
_refine.correlation_coeff_Fo_to_Fc_free          0.949 
_refine.details                                  'Hydrogens have been added in their riding positions' 
_refine.diff_density_max                         ? 
_refine.diff_density_max_esd                     ? 
_refine.diff_density_min                         ? 
_refine.diff_density_min_esd                     ? 
_refine.diff_density_rms                         ? 
_refine.diff_density_rms_esd                     ? 
_refine.entry_id                                 7OEO 
_refine.pdbx_refine_id                           'X-RAY DIFFRACTION' 
_refine.ls_abs_structure_details                 ? 
_refine.ls_abs_structure_Flack                   ? 
_refine.ls_abs_structure_Flack_esd               ? 
_refine.ls_abs_structure_Rogers                  ? 
_refine.ls_abs_structure_Rogers_esd              ? 
_refine.ls_d_res_high                            1.510 
_refine.ls_d_res_low                             33.640 
_refine.ls_extinction_coef                       ? 
_refine.ls_extinction_coef_esd                   ? 
_refine.ls_extinction_expression                 ? 
_refine.ls_extinction_method                     ? 
_refine.ls_goodness_of_fit_all                   ? 
_refine.ls_goodness_of_fit_all_esd               ? 
_refine.ls_goodness_of_fit_obs                   ? 
_refine.ls_goodness_of_fit_obs_esd               ? 
_refine.ls_hydrogen_treatment                    ? 
_refine.ls_matrix_type                           ? 
_refine.ls_number_constraints                    ? 
_refine.ls_number_parameters                     ? 
_refine.ls_number_reflns_all                     ? 
_refine.ls_number_reflns_obs                     23954 
_refine.ls_number_reflns_R_free                  1226 
_refine.ls_number_reflns_R_work                  22728 
_refine.ls_number_restraints                     ? 
_refine.ls_percent_reflns_obs                    96.043 
_refine.ls_percent_reflns_R_free                 5.118 
_refine.ls_R_factor_all                          0.197 
_refine.ls_R_factor_obs                          ? 
_refine.ls_R_factor_R_free                       0.2292 
_refine.ls_R_factor_R_free_error                 ? 
_refine.ls_R_factor_R_free_error_details         ? 
_refine.ls_R_factor_R_work                       0.1953 
_refine.ls_R_Fsqd_factor_obs                     ? 
_refine.ls_R_I_factor_obs                        ? 
_refine.ls_redundancy_reflns_all                 ? 
_refine.ls_redundancy_reflns_obs                 ? 
_refine.ls_restrained_S_all                      ? 
_refine.ls_restrained_S_obs                      ? 
_refine.ls_shift_over_esd_max                    ? 
_refine.ls_shift_over_esd_mean                   ? 
_refine.ls_structure_factor_coef                 ? 
_refine.ls_weighting_details                     ? 
_refine.ls_weighting_scheme                      ? 
_refine.ls_wR_factor_all                         ? 
_refine.ls_wR_factor_obs                         ? 
_refine.ls_wR_factor_R_free                      ? 
_refine.ls_wR_factor_R_work                      ? 
_refine.occupancy_max                            ? 
_refine.occupancy_min                            ? 
_refine.solvent_model_details                    'BABINET MODEL PLUS MASK' 
_refine.solvent_model_param_bsol                 ? 
_refine.solvent_model_param_ksol                 ? 
_refine.pdbx_R_complete                          ? 
_refine.ls_R_factor_gt                           ? 
_refine.ls_goodness_of_fit_gt                    ? 
_refine.ls_goodness_of_fit_ref                   ? 
_refine.ls_shift_over_su_max                     ? 
_refine.ls_shift_over_su_max_lt                  ? 
_refine.ls_shift_over_su_mean                    ? 
_refine.ls_shift_over_su_mean_lt                 ? 
_refine.pdbx_ls_sigma_I                          ? 
_refine.pdbx_ls_sigma_F                          ? 
_refine.pdbx_ls_sigma_Fsqd                       ? 
_refine.pdbx_data_cutoff_high_absF               ? 
_refine.pdbx_data_cutoff_high_rms_absF           ? 
_refine.pdbx_data_cutoff_low_absF                ? 
_refine.pdbx_isotropic_thermal_model             ? 
_refine.pdbx_ls_cross_valid_method               'FREE R-VALUE' 
_refine.pdbx_method_to_determine_struct          'MOLECULAR REPLACEMENT' 
_refine.pdbx_starting_model                      'in house structure' 
_refine.pdbx_stereochemistry_target_values       ? 
_refine.pdbx_R_Free_selection_details            ? 
_refine.pdbx_stereochem_target_val_spec_case     ? 
_refine.pdbx_overall_ESU_R                       0.075 
_refine.pdbx_overall_ESU_R_Free                  0.079 
_refine.pdbx_solvent_vdw_probe_radii             1.200 
_refine.pdbx_solvent_ion_probe_radii             0.800 
_refine.pdbx_solvent_shrinkage_radii             0.800 
_refine.pdbx_real_space_R                        ? 
_refine.pdbx_density_correlation                 ? 
_refine.pdbx_pd_number_of_powder_patterns        ? 
_refine.pdbx_pd_number_of_points                 ? 
_refine.pdbx_pd_meas_number_of_points            ? 
_refine.pdbx_pd_proc_ls_prof_R_factor            ? 
_refine.pdbx_pd_proc_ls_prof_wR_factor           ? 
_refine.pdbx_pd_Marquardt_correlation_coeff      ? 
_refine.pdbx_pd_Fsqrd_R_factor                   ? 
_refine.pdbx_pd_ls_matrix_band_width             ? 
_refine.pdbx_overall_phase_error                 ? 
_refine.pdbx_overall_SU_R_free_Cruickshank_DPI   ? 
_refine.pdbx_overall_SU_R_free_Blow_DPI          ? 
_refine.pdbx_overall_SU_R_Blow_DPI               ? 
_refine.pdbx_TLS_residual_ADP_flag               ? 
_refine.pdbx_diffrn_id                           1 
_refine.overall_SU_B                             1.474 
_refine.overall_SU_ML                            0.054 
_refine.overall_SU_R_Cruickshank_DPI             ? 
_refine.overall_SU_R_free                        ? 
_refine.overall_FOM_free_R_set                   ? 
_refine.overall_FOM_work_R_set                   ? 
_refine.pdbx_average_fsc_overall                 ? 
_refine.pdbx_average_fsc_work                    ? 
_refine.pdbx_average_fsc_free                    ? 
# 
_refine_hist.pdbx_refine_id                   'X-RAY DIFFRACTION' 
_refine_hist.cycle_id                         LAST 
_refine_hist.pdbx_number_atoms_protein        905 
_refine_hist.pdbx_number_atoms_nucleic_acid   0 
_refine_hist.pdbx_number_atoms_ligand         32 
_refine_hist.number_atoms_solvent             169 
_refine_hist.number_atoms_total               1106 
_refine_hist.d_res_high                       1.510 
_refine_hist.d_res_low                        33.640 
# 
loop_
_refine_ls_restr.pdbx_refine_id 
_refine_ls_restr.criterion 
_refine_ls_restr.dev_ideal 
_refine_ls_restr.dev_ideal_target 
_refine_ls_restr.number 
_refine_ls_restr.rejects 
_refine_ls_restr.type 
_refine_ls_restr.weight 
_refine_ls_restr.pdbx_restraint_function 
'X-RAY DIFFRACTION' ? 0.003  0.013  972  ? r_bond_refined_d               ? ? 
'X-RAY DIFFRACTION' ? 0.001  0.017  905  ? r_bond_other_d                 ? ? 
'X-RAY DIFFRACTION' ? 1.157  1.645  1308 ? r_angle_refined_deg            ? ? 
'X-RAY DIFFRACTION' ? 1.234  1.630  2105 ? r_angle_other_deg              ? ? 
'X-RAY DIFFRACTION' ? 4.858  5.000  114  ? r_dihedral_angle_1_deg         ? ? 
'X-RAY DIFFRACTION' ? 30.146 22.449 49   ? r_dihedral_angle_2_deg         ? ? 
'X-RAY DIFFRACTION' ? 12.089 15.000 177  ? r_dihedral_angle_3_deg         ? ? 
'X-RAY DIFFRACTION' ? 14.976 15.000 5    ? r_dihedral_angle_4_deg         ? ? 
'X-RAY DIFFRACTION' ? 0.059  0.200  115  ? r_chiral_restr                 ? ? 
'X-RAY DIFFRACTION' ? 0.004  0.020  1067 ? r_gen_planes_refined           ? ? 
'X-RAY DIFFRACTION' ? 0.001  0.020  212  ? r_gen_planes_other             ? ? 
'X-RAY DIFFRACTION' ? 0.191  0.200  211  ? r_nbd_refined                  ? ? 
'X-RAY DIFFRACTION' ? 0.172  0.200  771  ? r_symmetry_nbd_other           ? ? 
'X-RAY DIFFRACTION' ? 0.170  0.200  467  ? r_nbtor_refined                ? ? 
'X-RAY DIFFRACTION' ? 0.080  0.200  352  ? r_symmetry_nbtor_other         ? ? 
'X-RAY DIFFRACTION' ? 0.280  0.200  122  ? r_xyhbond_nbd_refined          ? ? 
'X-RAY DIFFRACTION' ? 0.088  0.200  3    ? r_symmetry_nbd_refined         ? ? 
'X-RAY DIFFRACTION' ? 0.144  0.200  32   ? r_nbd_other                    ? ? 
'X-RAY DIFFRACTION' ? 0.110  0.200  16   ? r_symmetry_xyhbond_nbd_refined ? ? 
'X-RAY DIFFRACTION' ? 1.630  3.122  447  ? r_mcbond_it                    ? ? 
'X-RAY DIFFRACTION' ? 1.602  3.107  446  ? r_mcbond_other                 ? ? 
'X-RAY DIFFRACTION' ? 2.668  6.981  558  ? r_mcangle_it                   ? ? 
'X-RAY DIFFRACTION' ? 2.670  7.005  559  ? r_mcangle_other                ? ? 
'X-RAY DIFFRACTION' ? 2.066  3.452  524  ? r_scbond_it                    ? ? 
'X-RAY DIFFRACTION' ? 2.065  3.450  525  ? r_scbond_other                 ? ? 
'X-RAY DIFFRACTION' ? 3.433  7.548  748  ? r_scangle_it                   ? ? 
'X-RAY DIFFRACTION' ? 3.431  7.546  749  ? r_scangle_other                ? ? 
'X-RAY DIFFRACTION' ? 5.438  29.380 1208 ? r_lrange_it                    ? ? 
'X-RAY DIFFRACTION' ? 5.436  29.378 1209 ? r_lrange_other                 ? ? 
# 
loop_
_refine_ls_shell.pdbx_refine_id 
_refine_ls_shell.d_res_high 
_refine_ls_shell.d_res_low 
_refine_ls_shell.number_reflns_all 
_refine_ls_shell.number_reflns_obs 
_refine_ls_shell.number_reflns_R_free 
_refine_ls_shell.number_reflns_R_work 
_refine_ls_shell.percent_reflns_obs 
_refine_ls_shell.percent_reflns_R_free 
_refine_ls_shell.R_factor_all 
_refine_ls_shell.R_factor_obs 
_refine_ls_shell.R_factor_R_free 
_refine_ls_shell.R_factor_R_free_error 
_refine_ls_shell.R_factor_R_work 
_refine_ls_shell.redundancy_reflns_all 
_refine_ls_shell.redundancy_reflns_obs 
_refine_ls_shell.wR_factor_all 
_refine_ls_shell.wR_factor_obs 
_refine_ls_shell.wR_factor_R_free 
_refine_ls_shell.wR_factor_R_work 
_refine_ls_shell.pdbx_R_complete 
_refine_ls_shell.pdbx_total_number_of_bins_used 
_refine_ls_shell.pdbx_phase_error 
_refine_ls_shell.pdbx_fsc_work 
_refine_ls_shell.pdbx_fsc_free 
'X-RAY DIFFRACTION' 1.510 1.549  1817 . 70 1243 72.2620  . 0.276 . 0.324 . 0.274 . . . . . 0.249 . 20 . 0.800 0.750 
'X-RAY DIFFRACTION' 1.549 1.592  1778 . 60 1396 81.8898  . 0.265 . 0.266 . 0.265 . . . . . 0.244 . 20 . 0.853 0.861 
'X-RAY DIFFRACTION' 1.592 1.638  1691 . 84 1497 93.4950  . 0.252 . 0.258 . 0.251 . . . . . 0.224 . 20 . 0.871 0.866 
'X-RAY DIFFRACTION' 1.638 1.688  1679 . 99 1563 98.9875  . 0.224 . 0.243 . 0.223 . . . . . 0.201 . 20 . 0.919 0.895 
'X-RAY DIFFRACTION' 1.688 1.743  1620 . 78 1539 99.8148  . 0.226 . 0.256 . 0.225 . . . . . 0.198 . 20 . 0.917 0.907 
'X-RAY DIFFRACTION' 1.743 1.804  1570 . 80 1488 99.8726  . 0.208 . 0.221 . 0.207 . . . . . 0.181 . 20 . 0.935 0.929 
'X-RAY DIFFRACTION' 1.804 1.872  1523 . 83 1438 99.8687  . 0.209 . 0.228 . 0.208 . . . . . 0.180 . 20 . 0.934 0.935 
'X-RAY DIFFRACTION' 1.872 1.948  1460 . 80 1379 99.9315  . 0.208 . 0.241 . 0.206 . . . . . 0.186 . 20 . 0.940 0.930 
'X-RAY DIFFRACTION' 1.948 2.034  1391 . 75 1313 99.7843  . 0.213 . 0.276 . 0.210 . . . . . 0.187 . 20 . 0.935 0.915 
'X-RAY DIFFRACTION' 2.034 2.133  1350 . 70 1277 99.7778  . 0.186 . 0.199 . 0.185 . . . . . 0.169 . 20 . 0.950 0.947 
'X-RAY DIFFRACTION' 2.133 2.248  1296 . 68 1228 100.0000 . 0.184 . 0.227 . 0.182 . . . . . 0.174 . 20 . 0.953 0.933 
'X-RAY DIFFRACTION' 2.248 2.384  1204 . 51 1150 99.7508  . 0.185 . 0.240 . 0.182 . . . . . 0.173 . 20 . 0.951 0.935 
'X-RAY DIFFRACTION' 2.384 2.548  1148 . 58 1089 99.9129  . 0.196 . 0.230 . 0.194 . . . . . 0.186 . 20 . 0.944 0.939 
'X-RAY DIFFRACTION' 2.548 2.750  1082 . 54 1027 99.9076  . 0.191 . 0.218 . 0.189 . . . . . 0.188 . 20 . 0.942 0.931 
'X-RAY DIFFRACTION' 2.750 3.011  1000 . 48 950  99.8000  . 0.192 . 0.240 . 0.189 . . . . . 0.197 . 20 . 0.943 0.911 
'X-RAY DIFFRACTION' 3.011 3.363  915  . 47 864  99.5628  . 0.195 . 0.218 . 0.194 . . . . . 0.206 . 20 . 0.952 0.942 
'X-RAY DIFFRACTION' 3.363 3.877  809  . 38 771  100.0000 . 0.179 . 0.180 . 0.179 . . . . . 0.202 . 20 . 0.964 0.966 
'X-RAY DIFFRACTION' 3.877 4.732  692  . 28 662  99.7110  . 0.170 . 0.208 . 0.169 . . . . . 0.201 . 20 . 0.969 0.969 
'X-RAY DIFFRACTION' 4.732 6.627  564  . 32 530  99.6454  . 0.210 . 0.222 . 0.209 . . . . . 0.247 . 20 . 0.955 0.951 
'X-RAY DIFFRACTION' 6.627 33.640 350  . 23 324  99.1429  . 0.205 . 0.297 . 0.199 . . . . . 0.237 . 20 . 0.953 0.944 
# 
_struct.entry_id                     7OEO 
_struct.title                        
'C-TERMINAL BROMODOMAIN OF HUMAN BRD4 N-(2,2-diphenylethyl)-4-methoxy-3,5-dimethyl-N-(2-(methylamino)-2-oxoethyl)benzamide' 
_struct.pdbx_model_details           ? 
_struct.pdbx_formula_weight          ? 
_struct.pdbx_formula_weight_method   ? 
_struct.pdbx_model_type_details      ? 
_struct.pdbx_CASP_flag               N 
# 
_struct_keywords.entry_id        7OEO 
_struct_keywords.text            
'INHIBITOR, HISTONE, EPIGENETIC READER, BROMODOMAIN, BRD4, BROMODOMAIN CONTAINING PROTEIN 4, ANTAGONIST, Nuclear protein' 
_struct_keywords.pdbx_keywords   'NUCLEAR PROTEIN' 
# 
loop_
_struct_asym.id 
_struct_asym.pdbx_blank_PDB_chainid_flag 
_struct_asym.pdbx_modified 
_struct_asym.entity_id 
_struct_asym.details 
A N N 1 ? 
B N N 2 ? 
C N N 3 ? 
# 
_struct_ref.id                         1 
_struct_ref.db_name                    UNP 
_struct_ref.db_code                    BRD4_HUMAN 
_struct_ref.pdbx_db_accession          O60885 
_struct_ref.pdbx_db_isoform            ? 
_struct_ref.entity_id                  1 
_struct_ref.pdbx_seq_one_letter_code   
;SSKVSEQLKCCSGILKEMFAKKHAAYAWPFYKPVDVEALGLHDYCDIIKHPMDMSTIKSKLEAREYRDAQEFGADVRLMF
SNCYKYNPPDHEVVAMARKLQDVFEMRFAKMPDEPEE
;
_struct_ref.pdbx_align_begin           347 
# 
_struct_ref_seq.align_id                      1 
_struct_ref_seq.ref_id                        1 
_struct_ref_seq.pdbx_PDB_id_code              7OEO 
_struct_ref_seq.pdbx_strand_id                AAA 
_struct_ref_seq.seq_align_beg                 1 
_struct_ref_seq.pdbx_seq_align_beg_ins_code   ? 
_struct_ref_seq.seq_align_end                 117 
_struct_ref_seq.pdbx_seq_align_end_ins_code   ? 
_struct_ref_seq.pdbx_db_accession             O60885 
_struct_ref_seq.db_align_beg                  347 
_struct_ref_seq.pdbx_db_align_beg_ins_code    ? 
_struct_ref_seq.db_align_end                  463 
_struct_ref_seq.pdbx_db_align_end_ins_code    ? 
_struct_ref_seq.pdbx_auth_seq_align_beg       347 
_struct_ref_seq.pdbx_auth_seq_align_end       463 
# 
_pdbx_struct_assembly.id                   1 
_pdbx_struct_assembly.details              author_and_software_defined_assembly 
_pdbx_struct_assembly.method_details       PISA 
_pdbx_struct_assembly.oligomeric_details   monomeric 
_pdbx_struct_assembly.oligomeric_count     1 
# 
loop_
_pdbx_struct_assembly_prop.biol_id 
_pdbx_struct_assembly_prop.type 
_pdbx_struct_assembly_prop.value 
_pdbx_struct_assembly_prop.details 
1 'ABSA (A^2)' 0    ? 
1 MORE         0    ? 
1 'SSA (A^2)'  7010 ? 
# 
_pdbx_struct_assembly_gen.assembly_id       1 
_pdbx_struct_assembly_gen.oper_expression   1 
_pdbx_struct_assembly_gen.asym_id_list      A,B,C 
# 
_pdbx_struct_assembly_auth_evidence.id                     1 
_pdbx_struct_assembly_auth_evidence.assembly_id            1 
_pdbx_struct_assembly_auth_evidence.experimental_support   'gel filtration' 
_pdbx_struct_assembly_auth_evidence.details                ? 
# 
_pdbx_struct_oper_list.id                   1 
_pdbx_struct_oper_list.type                 'identity operation' 
_pdbx_struct_oper_list.name                 1_555 
_pdbx_struct_oper_list.symmetry_operation   x,y,z 
_pdbx_struct_oper_list.matrix[1][1]         1.0000000000 
_pdbx_struct_oper_list.matrix[1][2]         0.0000000000 
_pdbx_struct_oper_list.matrix[1][3]         0.0000000000 
_pdbx_struct_oper_list.vector[1]            0.0000000000 
_pdbx_struct_oper_list.matrix[2][1]         0.0000000000 
_pdbx_struct_oper_list.matrix[2][2]         1.0000000000 
_pdbx_struct_oper_list.matrix[2][3]         0.0000000000 
_pdbx_struct_oper_list.vector[2]            0.0000000000 
_pdbx_struct_oper_list.matrix[3][1]         0.0000000000 
_pdbx_struct_oper_list.matrix[3][2]         0.0000000000 
_pdbx_struct_oper_list.matrix[3][3]         1.0000000000 
_pdbx_struct_oper_list.vector[3]            0.0000000000 
# 
loop_
_struct_conf.conf_type_id 
_struct_conf.id 
_struct_conf.pdbx_PDB_helix_id 
_struct_conf.beg_label_comp_id 
_struct_conf.beg_label_asym_id 
_struct_conf.beg_label_seq_id 
_struct_conf.pdbx_beg_PDB_ins_code 
_struct_conf.end_label_comp_id 
_struct_conf.end_label_asym_id 
_struct_conf.end_label_seq_id 
_struct_conf.pdbx_end_PDB_ins_code 
_struct_conf.beg_auth_comp_id 
_struct_conf.beg_auth_asym_id 
_struct_conf.beg_auth_seq_id 
_struct_conf.end_auth_comp_id 
_struct_conf.end_auth_asym_id 
_struct_conf.end_auth_seq_id 
_struct_conf.pdbx_PDB_helix_class 
_struct_conf.details 
_struct_conf.pdbx_PDB_helix_length 
HELX_P HELX_P1 AA1 LYS A 3  ? PHE A 19  ? LYS AAA 349 PHE AAA 365 1 ? 17 
HELX_P HELX_P2 AA2 ALA A 20 ? LYS A 22  ? ALA AAA 366 LYS AAA 368 5 ? 3  
HELX_P HELX_P3 AA3 HIS A 23 ? TRP A 28  ? HIS AAA 369 TRP AAA 374 1 ? 6  
HELX_P HELX_P4 AA4 PRO A 29 ? TYR A 31  ? PRO AAA 375 TYR AAA 377 5 ? 3  
HELX_P HELX_P5 AA5 ASP A 35 ? GLY A 40  ? ASP AAA 381 GLY AAA 386 1 ? 6  
HELX_P HELX_P6 AA6 ASP A 43 ? ILE A 48  ? ASP AAA 389 ILE AAA 394 1 ? 6  
HELX_P HELX_P7 AA7 ASP A 53 ? ALA A 63  ? ASP AAA 399 ALA AAA 409 1 ? 11 
HELX_P HELX_P8 AA8 ASP A 68 ? ASN A 87  ? ASP AAA 414 ASN AAA 433 1 ? 20 
HELX_P HELX_P9 AA9 HIS A 91 ? LYS A 110 ? HIS AAA 437 LYS AAA 456 1 ? 20 
# 
_struct_conf_type.id          HELX_P 
_struct_conf_type.criteria    ? 
_struct_conf_type.reference   ? 
# 
_pdbx_struct_special_symmetry.id              1 
_pdbx_struct_special_symmetry.PDB_model_num   1 
_pdbx_struct_special_symmetry.auth_asym_id    AAA 
_pdbx_struct_special_symmetry.auth_comp_id    HOH 
_pdbx_struct_special_symmetry.auth_seq_id     699 
_pdbx_struct_special_symmetry.PDB_ins_code    ? 
_pdbx_struct_special_symmetry.label_asym_id   C 
_pdbx_struct_special_symmetry.label_comp_id   HOH 
_pdbx_struct_special_symmetry.label_seq_id    . 
# 
_pdbx_entry_details.entry_id                 7OEO 
_pdbx_entry_details.has_ligand_of_interest   Y 
_pdbx_entry_details.compound_details         ? 
_pdbx_entry_details.source_details           ? 
_pdbx_entry_details.nonpolymer_details       ? 
_pdbx_entry_details.sequence_details         ? 
# 
loop_
_pdbx_unobs_or_zero_occ_residues.id 
_pdbx_unobs_or_zero_occ_residues.PDB_model_num 
_pdbx_unobs_or_zero_occ_residues.polymer_flag 
_pdbx_unobs_or_zero_occ_residues.occupancy_flag 
_pdbx_unobs_or_zero_occ_residues.auth_asym_id 
_pdbx_unobs_or_zero_occ_residues.auth_comp_id 
_pdbx_unobs_or_zero_occ_residues.auth_seq_id 
_pdbx_unobs_or_zero_occ_residues.PDB_ins_code 
_pdbx_unobs_or_zero_occ_residues.label_asym_id 
_pdbx_unobs_or_zero_occ_residues.label_comp_id 
_pdbx_unobs_or_zero_occ_residues.label_seq_id 
1 1 Y 1 AAA SER 347 ? A SER 1   
2 1 Y 1 AAA SER 348 ? A SER 2   
3 1 Y 1 AAA GLU 460 ? A GLU 114 
4 1 Y 1 AAA PRO 461 ? A PRO 115 
5 1 Y 1 AAA GLU 462 ? A GLU 116 
6 1 Y 1 AAA GLU 463 ? A GLU 117 
# 
loop_
_chem_comp_atom.comp_id 
_chem_comp_atom.atom_id 
_chem_comp_atom.type_symbol 
_chem_comp_atom.pdbx_aromatic_flag 
_chem_comp_atom.pdbx_stereo_config 
_chem_comp_atom.pdbx_ordinal 
ALA N    N N N 1   
ALA CA   C N S 2   
ALA C    C N N 3   
ALA O    O N N 4   
ALA CB   C N N 5   
ALA OXT  O N N 6   
ALA H    H N N 7   
ALA H2   H N N 8   
ALA HA   H N N 9   
ALA HB1  H N N 10  
ALA HB2  H N N 11  
ALA HB3  H N N 12  
ALA HXT  H N N 13  
ARG N    N N N 14  
ARG CA   C N S 15  
ARG C    C N N 16  
ARG O    O N N 17  
ARG CB   C N N 18  
ARG CG   C N N 19  
ARG CD   C N N 20  
ARG NE   N N N 21  
ARG CZ   C N N 22  
ARG NH1  N N N 23  
ARG NH2  N N N 24  
ARG OXT  O N N 25  
ARG H    H N N 26  
ARG H2   H N N 27  
ARG HA   H N N 28  
ARG HB2  H N N 29  
ARG HB3  H N N 30  
ARG HG2  H N N 31  
ARG HG3  H N N 32  
ARG HD2  H N N 33  
ARG HD3  H N N 34  
ARG HE   H N N 35  
ARG HH11 H N N 36  
ARG HH12 H N N 37  
ARG HH21 H N N 38  
ARG HH22 H N N 39  
ARG HXT  H N N 40  
ASN N    N N N 41  
ASN CA   C N S 42  
ASN C    C N N 43  
ASN O    O N N 44  
ASN CB   C N N 45  
ASN CG   C N N 46  
ASN OD1  O N N 47  
ASN ND2  N N N 48  
ASN OXT  O N N 49  
ASN H    H N N 50  
ASN H2   H N N 51  
ASN HA   H N N 52  
ASN HB2  H N N 53  
ASN HB3  H N N 54  
ASN HD21 H N N 55  
ASN HD22 H N N 56  
ASN HXT  H N N 57  
ASP N    N N N 58  
ASP CA   C N S 59  
ASP C    C N N 60  
ASP O    O N N 61  
ASP CB   C N N 62  
ASP CG   C N N 63  
ASP OD1  O N N 64  
ASP OD2  O N N 65  
ASP OXT  O N N 66  
ASP H    H N N 67  
ASP H2   H N N 68  
ASP HA   H N N 69  
ASP HB2  H N N 70  
ASP HB3  H N N 71  
ASP HD2  H N N 72  
ASP HXT  H N N 73  
CYS N    N N N 74  
CYS CA   C N R 75  
CYS C    C N N 76  
CYS O    O N N 77  
CYS CB   C N N 78  
CYS SG   S N N 79  
CYS OXT  O N N 80  
CYS H    H N N 81  
CYS H2   H N N 82  
CYS HA   H N N 83  
CYS HB2  H N N 84  
CYS HB3  H N N 85  
CYS HG   H N N 86  
CYS HXT  H N N 87  
GLN N    N N N 88  
GLN CA   C N S 89  
GLN C    C N N 90  
GLN O    O N N 91  
GLN CB   C N N 92  
GLN CG   C N N 93  
GLN CD   C N N 94  
GLN OE1  O N N 95  
GLN NE2  N N N 96  
GLN OXT  O N N 97  
GLN H    H N N 98  
GLN H2   H N N 99  
GLN HA   H N N 100 
GLN HB2  H N N 101 
GLN HB3  H N N 102 
GLN HG2  H N N 103 
GLN HG3  H N N 104 
GLN HE21 H N N 105 
GLN HE22 H N N 106 
GLN HXT  H N N 107 
GLU N    N N N 108 
GLU CA   C N S 109 
GLU C    C N N 110 
GLU O    O N N 111 
GLU CB   C N N 112 
GLU CG   C N N 113 
GLU CD   C N N 114 
GLU OE1  O N N 115 
GLU OE2  O N N 116 
GLU OXT  O N N 117 
GLU H    H N N 118 
GLU H2   H N N 119 
GLU HA   H N N 120 
GLU HB2  H N N 121 
GLU HB3  H N N 122 
GLU HG2  H N N 123 
GLU HG3  H N N 124 
GLU HE2  H N N 125 
GLU HXT  H N N 126 
GLY N    N N N 127 
GLY CA   C N N 128 
GLY C    C N N 129 
GLY O    O N N 130 
GLY OXT  O N N 131 
GLY H    H N N 132 
GLY H2   H N N 133 
GLY HA2  H N N 134 
GLY HA3  H N N 135 
GLY HXT  H N N 136 
HIS N    N N N 137 
HIS CA   C N S 138 
HIS C    C N N 139 
HIS O    O N N 140 
HIS CB   C N N 141 
HIS CG   C Y N 142 
HIS ND1  N Y N 143 
HIS CD2  C Y N 144 
HIS CE1  C Y N 145 
HIS NE2  N Y N 146 
HIS OXT  O N N 147 
HIS H    H N N 148 
HIS H2   H N N 149 
HIS HA   H N N 150 
HIS HB2  H N N 151 
HIS HB3  H N N 152 
HIS HD1  H N N 153 
HIS HD2  H N N 154 
HIS HE1  H N N 155 
HIS HE2  H N N 156 
HIS HXT  H N N 157 
HOH O    O N N 158 
HOH H1   H N N 159 
HOH H2   H N N 160 
ILE N    N N N 161 
ILE CA   C N S 162 
ILE C    C N N 163 
ILE O    O N N 164 
ILE CB   C N S 165 
ILE CG1  C N N 166 
ILE CG2  C N N 167 
ILE CD1  C N N 168 
ILE OXT  O N N 169 
ILE H    H N N 170 
ILE H2   H N N 171 
ILE HA   H N N 172 
ILE HB   H N N 173 
ILE HG12 H N N 174 
ILE HG13 H N N 175 
ILE HG21 H N N 176 
ILE HG22 H N N 177 
ILE HG23 H N N 178 
ILE HD11 H N N 179 
ILE HD12 H N N 180 
ILE HD13 H N N 181 
ILE HXT  H N N 182 
LEU N    N N N 183 
LEU CA   C N S 184 
LEU C    C N N 185 
LEU O    O N N 186 
LEU CB   C N N 187 
LEU CG   C N N 188 
LEU CD1  C N N 189 
LEU CD2  C N N 190 
LEU OXT  O N N 191 
LEU H    H N N 192 
LEU H2   H N N 193 
LEU HA   H N N 194 
LEU HB2  H N N 195 
LEU HB3  H N N 196 
LEU HG   H N N 197 
LEU HD11 H N N 198 
LEU HD12 H N N 199 
LEU HD13 H N N 200 
LEU HD21 H N N 201 
LEU HD22 H N N 202 
LEU HD23 H N N 203 
LEU HXT  H N N 204 
LYS N    N N N 205 
LYS CA   C N S 206 
LYS C    C N N 207 
LYS O    O N N 208 
LYS CB   C N N 209 
LYS CG   C N N 210 
LYS CD   C N N 211 
LYS CE   C N N 212 
LYS NZ   N N N 213 
LYS OXT  O N N 214 
LYS H    H N N 215 
LYS H2   H N N 216 
LYS HA   H N N 217 
LYS HB2  H N N 218 
LYS HB3  H N N 219 
LYS HG2  H N N 220 
LYS HG3  H N N 221 
LYS HD2  H N N 222 
LYS HD3  H N N 223 
LYS HE2  H N N 224 
LYS HE3  H N N 225 
LYS HZ1  H N N 226 
LYS HZ2  H N N 227 
LYS HZ3  H N N 228 
LYS HXT  H N N 229 
MET N    N N N 230 
MET CA   C N S 231 
MET C    C N N 232 
MET O    O N N 233 
MET CB   C N N 234 
MET CG   C N N 235 
MET SD   S N N 236 
MET CE   C N N 237 
MET OXT  O N N 238 
MET H    H N N 239 
MET H2   H N N 240 
MET HA   H N N 241 
MET HB2  H N N 242 
MET HB3  H N N 243 
MET HG2  H N N 244 
MET HG3  H N N 245 
MET HE1  H N N 246 
MET HE2  H N N 247 
MET HE3  H N N 248 
MET HXT  H N N 249 
PHE N    N N N 250 
PHE CA   C N S 251 
PHE C    C N N 252 
PHE O    O N N 253 
PHE CB   C N N 254 
PHE CG   C Y N 255 
PHE CD1  C Y N 256 
PHE CD2  C Y N 257 
PHE CE1  C Y N 258 
PHE CE2  C Y N 259 
PHE CZ   C Y N 260 
PHE OXT  O N N 261 
PHE H    H N N 262 
PHE H2   H N N 263 
PHE HA   H N N 264 
PHE HB2  H N N 265 
PHE HB3  H N N 266 
PHE HD1  H N N 267 
PHE HD2  H N N 268 
PHE HE1  H N N 269 
PHE HE2  H N N 270 
PHE HZ   H N N 271 
PHE HXT  H N N 272 
PRO N    N N N 273 
PRO CA   C N S 274 
PRO C    C N N 275 
PRO O    O N N 276 
PRO CB   C N N 277 
PRO CG   C N N 278 
PRO CD   C N N 279 
PRO OXT  O N N 280 
PRO H    H N N 281 
PRO HA   H N N 282 
PRO HB2  H N N 283 
PRO HB3  H N N 284 
PRO HG2  H N N 285 
PRO HG3  H N N 286 
PRO HD2  H N N 287 
PRO HD3  H N N 288 
PRO HXT  H N N 289 
SER N    N N N 290 
SER CA   C N S 291 
SER C    C N N 292 
SER O    O N N 293 
SER CB   C N N 294 
SER OG   O N N 295 
SER OXT  O N N 296 
SER H    H N N 297 
SER H2   H N N 298 
SER HA   H N N 299 
SER HB2  H N N 300 
SER HB3  H N N 301 
SER HG   H N N 302 
SER HXT  H N N 303 
THR N    N N N 304 
THR CA   C N S 305 
THR C    C N N 306 
THR O    O N N 307 
THR CB   C N R 308 
THR OG1  O N N 309 
THR CG2  C N N 310 
THR OXT  O N N 311 
THR H    H N N 312 
THR H2   H N N 313 
THR HA   H N N 314 
THR HB   H N N 315 
THR HG1  H N N 316 
THR HG21 H N N 317 
THR HG22 H N N 318 
THR HG23 H N N 319 
THR HXT  H N N 320 
TRP N    N N N 321 
TRP CA   C N S 322 
TRP C    C N N 323 
TRP O    O N N 324 
TRP CB   C N N 325 
TRP CG   C Y N 326 
TRP CD1  C Y N 327 
TRP CD2  C Y N 328 
TRP NE1  N Y N 329 
TRP CE2  C Y N 330 
TRP CE3  C Y N 331 
TRP CZ2  C Y N 332 
TRP CZ3  C Y N 333 
TRP CH2  C Y N 334 
TRP OXT  O N N 335 
TRP H    H N N 336 
TRP H2   H N N 337 
TRP HA   H N N 338 
TRP HB2  H N N 339 
TRP HB3  H N N 340 
TRP HD1  H N N 341 
TRP HE1  H N N 342 
TRP HE3  H N N 343 
TRP HZ2  H N N 344 
TRP HZ3  H N N 345 
TRP HH2  H N N 346 
TRP HXT  H N N 347 
TYR N    N N N 348 
TYR CA   C N S 349 
TYR C    C N N 350 
TYR O    O N N 351 
TYR CB   C N N 352 
TYR CG   C Y N 353 
TYR CD1  C Y N 354 
TYR CD2  C Y N 355 
TYR CE1  C Y N 356 
TYR CE2  C Y N 357 
TYR CZ   C Y N 358 
TYR OH   O N N 359 
TYR OXT  O N N 360 
TYR H    H N N 361 
TYR H2   H N N 362 
TYR HA   H N N 363 
TYR HB2  H N N 364 
TYR HB3  H N N 365 
TYR HD1  H N N 366 
TYR HD2  H N N 367 
TYR HE1  H N N 368 
TYR HE2  H N N 369 
TYR HH   H N N 370 
TYR HXT  H N N 371 
V9Z N12  N N N 372 
V9Z C13  C N N 373 
V9Z C21  C Y N 374 
V9Z C01  C N N 375 
V9Z N05  N N N 376 
V9Z C07  C N N 377 
V9Z O08  O N N 378 
V9Z C09  C N N 379 
V9Z C16  C N N 380 
V9Z C18  C Y N 381 
V9Z C19  C Y N 382 
V9Z C23  C Y N 383 
V9Z C25  C Y N 384 
V9Z C27  C Y N 385 
V9Z C29  C Y N 386 
V9Z C30  C Y N 387 
V9Z C32  C Y N 388 
V9Z C34  C Y N 389 
V9Z C36  C Y N 390 
V9Z C38  C Y N 391 
V9Z C40  C N N 392 
V9Z O41  O N N 393 
V9Z C42  C Y N 394 
V9Z C43  C Y N 395 
V9Z C45  C Y N 396 
V9Z C46  C N N 397 
V9Z C50  C Y N 398 
V9Z O51  O N N 399 
V9Z C52  C N N 400 
V9Z C56  C Y N 401 
V9Z C57  C N N 402 
V9Z C61  C Y N 403 
V9Z H1   H N N 404 
V9Z H2   H N N 405 
V9Z H3   H N N 406 
V9Z H4   H N N 407 
V9Z H5   H N N 408 
V9Z H6   H N N 409 
V9Z H7   H N N 410 
V9Z H8   H N N 411 
V9Z H9   H N N 412 
V9Z H10  H N N 413 
V9Z H11  H N N 414 
V9Z H12  H N N 415 
V9Z H13  H N N 416 
V9Z H14  H N N 417 
V9Z H15  H N N 418 
V9Z H16  H N N 419 
V9Z H17  H N N 420 
V9Z H18  H N N 421 
V9Z H19  H N N 422 
V9Z H20  H N N 423 
V9Z H21  H N N 424 
V9Z H22  H N N 425 
V9Z H23  H N N 426 
V9Z H24  H N N 427 
V9Z H25  H N N 428 
V9Z H26  H N N 429 
V9Z H27  H N N 430 
V9Z H28  H N N 431 
V9Z H29  H N N 432 
V9Z H30  H N N 433 
VAL N    N N N 434 
VAL CA   C N S 435 
VAL C    C N N 436 
VAL O    O N N 437 
VAL CB   C N N 438 
VAL CG1  C N N 439 
VAL CG2  C N N 440 
VAL OXT  O N N 441 
VAL H    H N N 442 
VAL H2   H N N 443 
VAL HA   H N N 444 
VAL HB   H N N 445 
VAL HG11 H N N 446 
VAL HG12 H N N 447 
VAL HG13 H N N 448 
VAL HG21 H N N 449 
VAL HG22 H N N 450 
VAL HG23 H N N 451 
VAL HXT  H N N 452 
# 
loop_
_chem_comp_bond.comp_id 
_chem_comp_bond.atom_id_1 
_chem_comp_bond.atom_id_2 
_chem_comp_bond.value_order 
_chem_comp_bond.pdbx_aromatic_flag 
_chem_comp_bond.pdbx_stereo_config 
_chem_comp_bond.pdbx_ordinal 
ALA N   CA   sing N N 1   
ALA N   H    sing N N 2   
ALA N   H2   sing N N 3   
ALA CA  C    sing N N 4   
ALA CA  CB   sing N N 5   
ALA CA  HA   sing N N 6   
ALA C   O    doub N N 7   
ALA C   OXT  sing N N 8   
ALA CB  HB1  sing N N 9   
ALA CB  HB2  sing N N 10  
ALA CB  HB3  sing N N 11  
ALA OXT HXT  sing N N 12  
ARG N   CA   sing N N 13  
ARG N   H    sing N N 14  
ARG N   H2   sing N N 15  
ARG CA  C    sing N N 16  
ARG CA  CB   sing N N 17  
ARG CA  HA   sing N N 18  
ARG C   O    doub N N 19  
ARG C   OXT  sing N N 20  
ARG CB  CG   sing N N 21  
ARG CB  HB2  sing N N 22  
ARG CB  HB3  sing N N 23  
ARG CG  CD   sing N N 24  
ARG CG  HG2  sing N N 25  
ARG CG  HG3  sing N N 26  
ARG CD  NE   sing N N 27  
ARG CD  HD2  sing N N 28  
ARG CD  HD3  sing N N 29  
ARG NE  CZ   sing N N 30  
ARG NE  HE   sing N N 31  
ARG CZ  NH1  sing N N 32  
ARG CZ  NH2  doub N N 33  
ARG NH1 HH11 sing N N 34  
ARG NH1 HH12 sing N N 35  
ARG NH2 HH21 sing N N 36  
ARG NH2 HH22 sing N N 37  
ARG OXT HXT  sing N N 38  
ASN N   CA   sing N N 39  
ASN N   H    sing N N 40  
ASN N   H2   sing N N 41  
ASN CA  C    sing N N 42  
ASN CA  CB   sing N N 43  
ASN CA  HA   sing N N 44  
ASN C   O    doub N N 45  
ASN C   OXT  sing N N 46  
ASN CB  CG   sing N N 47  
ASN CB  HB2  sing N N 48  
ASN CB  HB3  sing N N 49  
ASN CG  OD1  doub N N 50  
ASN CG  ND2  sing N N 51  
ASN ND2 HD21 sing N N 52  
ASN ND2 HD22 sing N N 53  
ASN OXT HXT  sing N N 54  
ASP N   CA   sing N N 55  
ASP N   H    sing N N 56  
ASP N   H2   sing N N 57  
ASP CA  C    sing N N 58  
ASP CA  CB   sing N N 59  
ASP CA  HA   sing N N 60  
ASP C   O    doub N N 61  
ASP C   OXT  sing N N 62  
ASP CB  CG   sing N N 63  
ASP CB  HB2  sing N N 64  
ASP CB  HB3  sing N N 65  
ASP CG  OD1  doub N N 66  
ASP CG  OD2  sing N N 67  
ASP OD2 HD2  sing N N 68  
ASP OXT HXT  sing N N 69  
CYS N   CA   sing N N 70  
CYS N   H    sing N N 71  
CYS N   H2   sing N N 72  
CYS CA  C    sing N N 73  
CYS CA  CB   sing N N 74  
CYS CA  HA   sing N N 75  
CYS C   O    doub N N 76  
CYS C   OXT  sing N N 77  
CYS CB  SG   sing N N 78  
CYS CB  HB2  sing N N 79  
CYS CB  HB3  sing N N 80  
CYS SG  HG   sing N N 81  
CYS OXT HXT  sing N N 82  
GLN N   CA   sing N N 83  
GLN N   H    sing N N 84  
GLN N   H2   sing N N 85  
GLN CA  C    sing N N 86  
GLN CA  CB   sing N N 87  
GLN CA  HA   sing N N 88  
GLN C   O    doub N N 89  
GLN C   OXT  sing N N 90  
GLN CB  CG   sing N N 91  
GLN CB  HB2  sing N N 92  
GLN CB  HB3  sing N N 93  
GLN CG  CD   sing N N 94  
GLN CG  HG2  sing N N 95  
GLN CG  HG3  sing N N 96  
GLN CD  OE1  doub N N 97  
GLN CD  NE2  sing N N 98  
GLN NE2 HE21 sing N N 99  
GLN NE2 HE22 sing N N 100 
GLN OXT HXT  sing N N 101 
GLU N   CA   sing N N 102 
GLU N   H    sing N N 103 
GLU N   H2   sing N N 104 
GLU CA  C    sing N N 105 
GLU CA  CB   sing N N 106 
GLU CA  HA   sing N N 107 
GLU C   O    doub N N 108 
GLU C   OXT  sing N N 109 
GLU CB  CG   sing N N 110 
GLU CB  HB2  sing N N 111 
GLU CB  HB3  sing N N 112 
GLU CG  CD   sing N N 113 
GLU CG  HG2  sing N N 114 
GLU CG  HG3  sing N N 115 
GLU CD  OE1  doub N N 116 
GLU CD  OE2  sing N N 117 
GLU OE2 HE2  sing N N 118 
GLU OXT HXT  sing N N 119 
GLY N   CA   sing N N 120 
GLY N   H    sing N N 121 
GLY N   H2   sing N N 122 
GLY CA  C    sing N N 123 
GLY CA  HA2  sing N N 124 
GLY CA  HA3  sing N N 125 
GLY C   O    doub N N 126 
GLY C   OXT  sing N N 127 
GLY OXT HXT  sing N N 128 
HIS N   CA   sing N N 129 
HIS N   H    sing N N 130 
HIS N   H2   sing N N 131 
HIS CA  C    sing N N 132 
HIS CA  CB   sing N N 133 
HIS CA  HA   sing N N 134 
HIS C   O    doub N N 135 
HIS C   OXT  sing N N 136 
HIS CB  CG   sing N N 137 
HIS CB  HB2  sing N N 138 
HIS CB  HB3  sing N N 139 
HIS CG  ND1  sing Y N 140 
HIS CG  CD2  doub Y N 141 
HIS ND1 CE1  doub Y N 142 
HIS ND1 HD1  sing N N 143 
HIS CD2 NE2  sing Y N 144 
HIS CD2 HD2  sing N N 145 
HIS CE1 NE2  sing Y N 146 
HIS CE1 HE1  sing N N 147 
HIS NE2 HE2  sing N N 148 
HIS OXT HXT  sing N N 149 
HOH O   H1   sing N N 150 
HOH O   H2   sing N N 151 
ILE N   CA   sing N N 152 
ILE N   H    sing N N 153 
ILE N   H2   sing N N 154 
ILE CA  C    sing N N 155 
ILE CA  CB   sing N N 156 
ILE CA  HA   sing N N 157 
ILE C   O    doub N N 158 
ILE C   OXT  sing N N 159 
ILE CB  CG1  sing N N 160 
ILE CB  CG2  sing N N 161 
ILE CB  HB   sing N N 162 
ILE CG1 CD1  sing N N 163 
ILE CG1 HG12 sing N N 164 
ILE CG1 HG13 sing N N 165 
ILE CG2 HG21 sing N N 166 
ILE CG2 HG22 sing N N 167 
ILE CG2 HG23 sing N N 168 
ILE CD1 HD11 sing N N 169 
ILE CD1 HD12 sing N N 170 
ILE CD1 HD13 sing N N 171 
ILE OXT HXT  sing N N 172 
LEU N   CA   sing N N 173 
LEU N   H    sing N N 174 
LEU N   H2   sing N N 175 
LEU CA  C    sing N N 176 
LEU CA  CB   sing N N 177 
LEU CA  HA   sing N N 178 
LEU C   O    doub N N 179 
LEU C   OXT  sing N N 180 
LEU CB  CG   sing N N 181 
LEU CB  HB2  sing N N 182 
LEU CB  HB3  sing N N 183 
LEU CG  CD1  sing N N 184 
LEU CG  CD2  sing N N 185 
LEU CG  HG   sing N N 186 
LEU CD1 HD11 sing N N 187 
LEU CD1 HD12 sing N N 188 
LEU CD1 HD13 sing N N 189 
LEU CD2 HD21 sing N N 190 
LEU CD2 HD22 sing N N 191 
LEU CD2 HD23 sing N N 192 
LEU OXT HXT  sing N N 193 
LYS N   CA   sing N N 194 
LYS N   H    sing N N 195 
LYS N   H2   sing N N 196 
LYS CA  C    sing N N 197 
LYS CA  CB   sing N N 198 
LYS CA  HA   sing N N 199 
LYS C   O    doub N N 200 
LYS C   OXT  sing N N 201 
LYS CB  CG   sing N N 202 
LYS CB  HB2  sing N N 203 
LYS CB  HB3  sing N N 204 
LYS CG  CD   sing N N 205 
LYS CG  HG2  sing N N 206 
LYS CG  HG3  sing N N 207 
LYS CD  CE   sing N N 208 
LYS CD  HD2  sing N N 209 
LYS CD  HD3  sing N N 210 
LYS CE  NZ   sing N N 211 
LYS CE  HE2  sing N N 212 
LYS CE  HE3  sing N N 213 
LYS NZ  HZ1  sing N N 214 
LYS NZ  HZ2  sing N N 215 
LYS NZ  HZ3  sing N N 216 
LYS OXT HXT  sing N N 217 
MET N   CA   sing N N 218 
MET N   H    sing N N 219 
MET N   H2   sing N N 220 
MET CA  C    sing N N 221 
MET CA  CB   sing N N 222 
MET CA  HA   sing N N 223 
MET C   O    doub N N 224 
MET C   OXT  sing N N 225 
MET CB  CG   sing N N 226 
MET CB  HB2  sing N N 227 
MET CB  HB3  sing N N 228 
MET CG  SD   sing N N 229 
MET CG  HG2  sing N N 230 
MET CG  HG3  sing N N 231 
MET SD  CE   sing N N 232 
MET CE  HE1  sing N N 233 
MET CE  HE2  sing N N 234 
MET CE  HE3  sing N N 235 
MET OXT HXT  sing N N 236 
PHE N   CA   sing N N 237 
PHE N   H    sing N N 238 
PHE N   H2   sing N N 239 
PHE CA  C    sing N N 240 
PHE CA  CB   sing N N 241 
PHE CA  HA   sing N N 242 
PHE C   O    doub N N 243 
PHE C   OXT  sing N N 244 
PHE CB  CG   sing N N 245 
PHE CB  HB2  sing N N 246 
PHE CB  HB3  sing N N 247 
PHE CG  CD1  doub Y N 248 
PHE CG  CD2  sing Y N 249 
PHE CD1 CE1  sing Y N 250 
PHE CD1 HD1  sing N N 251 
PHE CD2 CE2  doub Y N 252 
PHE CD2 HD2  sing N N 253 
PHE CE1 CZ   doub Y N 254 
PHE CE1 HE1  sing N N 255 
PHE CE2 CZ   sing Y N 256 
PHE CE2 HE2  sing N N 257 
PHE CZ  HZ   sing N N 258 
PHE OXT HXT  sing N N 259 
PRO N   CA   sing N N 260 
PRO N   CD   sing N N 261 
PRO N   H    sing N N 262 
PRO CA  C    sing N N 263 
PRO CA  CB   sing N N 264 
PRO CA  HA   sing N N 265 
PRO C   O    doub N N 266 
PRO C   OXT  sing N N 267 
PRO CB  CG   sing N N 268 
PRO CB  HB2  sing N N 269 
PRO CB  HB3  sing N N 270 
PRO CG  CD   sing N N 271 
PRO CG  HG2  sing N N 272 
PRO CG  HG3  sing N N 273 
PRO CD  HD2  sing N N 274 
PRO CD  HD3  sing N N 275 
PRO OXT HXT  sing N N 276 
SER N   CA   sing N N 277 
SER N   H    sing N N 278 
SER N   H2   sing N N 279 
SER CA  C    sing N N 280 
SER CA  CB   sing N N 281 
SER CA  HA   sing N N 282 
SER C   O    doub N N 283 
SER C   OXT  sing N N 284 
SER CB  OG   sing N N 285 
SER CB  HB2  sing N N 286 
SER CB  HB3  sing N N 287 
SER OG  HG   sing N N 288 
SER OXT HXT  sing N N 289 
THR N   CA   sing N N 290 
THR N   H    sing N N 291 
THR N   H2   sing N N 292 
THR CA  C    sing N N 293 
THR CA  CB   sing N N 294 
THR CA  HA   sing N N 295 
THR C   O    doub N N 296 
THR C   OXT  sing N N 297 
THR CB  OG1  sing N N 298 
THR CB  CG2  sing N N 299 
THR CB  HB   sing N N 300 
THR OG1 HG1  sing N N 301 
THR CG2 HG21 sing N N 302 
THR CG2 HG22 sing N N 303 
THR CG2 HG23 sing N N 304 
THR OXT HXT  sing N N 305 
TRP N   CA   sing N N 306 
TRP N   H    sing N N 307 
TRP N   H2   sing N N 308 
TRP CA  C    sing N N 309 
TRP CA  CB   sing N N 310 
TRP CA  HA   sing N N 311 
TRP C   O    doub N N 312 
TRP C   OXT  sing N N 313 
TRP CB  CG   sing N N 314 
TRP CB  HB2  sing N N 315 
TRP CB  HB3  sing N N 316 
TRP CG  CD1  doub Y N 317 
TRP CG  CD2  sing Y N 318 
TRP CD1 NE1  sing Y N 319 
TRP CD1 HD1  sing N N 320 
TRP CD2 CE2  doub Y N 321 
TRP CD2 CE3  sing Y N 322 
TRP NE1 CE2  sing Y N 323 
TRP NE1 HE1  sing N N 324 
TRP CE2 CZ2  sing Y N 325 
TRP CE3 CZ3  doub Y N 326 
TRP CE3 HE3  sing N N 327 
TRP CZ2 CH2  doub Y N 328 
TRP CZ2 HZ2  sing N N 329 
TRP CZ3 CH2  sing Y N 330 
TRP CZ3 HZ3  sing N N 331 
TRP CH2 HH2  sing N N 332 
TRP OXT HXT  sing N N 333 
TYR N   CA   sing N N 334 
TYR N   H    sing N N 335 
TYR N   H2   sing N N 336 
TYR CA  C    sing N N 337 
TYR CA  CB   sing N N 338 
TYR CA  HA   sing N N 339 
TYR C   O    doub N N 340 
TYR C   OXT  sing N N 341 
TYR CB  CG   sing N N 342 
TYR CB  HB2  sing N N 343 
TYR CB  HB3  sing N N 344 
TYR CG  CD1  doub Y N 345 
TYR CG  CD2  sing Y N 346 
TYR CD1 CE1  sing Y N 347 
TYR CD1 HD1  sing N N 348 
TYR CD2 CE2  doub Y N 349 
TYR CD2 HD2  sing N N 350 
TYR CE1 CZ   doub Y N 351 
TYR CE1 HE1  sing N N 352 
TYR CE2 CZ   sing Y N 353 
TYR CE2 HE2  sing N N 354 
TYR CZ  OH   sing N N 355 
TYR OH  HH   sing N N 356 
TYR OXT HXT  sing N N 357 
V9Z C25 C23  doub Y N 358 
V9Z C25 C27  sing Y N 359 
V9Z C23 C21  sing Y N 360 
V9Z C27 C18  doub Y N 361 
V9Z C21 C19  doub Y N 362 
V9Z C18 C19  sing Y N 363 
V9Z C18 C16  sing N N 364 
V9Z C16 C29  sing N N 365 
V9Z C16 C13  sing N N 366 
V9Z C29 C30  doub Y N 367 
V9Z C29 C38  sing Y N 368 
V9Z C30 C32  sing Y N 369 
V9Z C38 C36  doub Y N 370 
V9Z C32 C34  doub Y N 371 
V9Z C13 N12  sing N N 372 
V9Z C36 C34  sing Y N 373 
V9Z C09 N12  sing N N 374 
V9Z C09 C07  sing N N 375 
V9Z N12 C40  sing N N 376 
V9Z N05 C07  sing N N 377 
V9Z N05 C01  sing N N 378 
V9Z C07 O08  doub N N 379 
V9Z C40 C42  sing N N 380 
V9Z C40 O41  doub N N 381 
V9Z C42 C61  doub Y N 382 
V9Z C42 C43  sing Y N 383 
V9Z C61 C56  sing Y N 384 
V9Z C43 C45  doub Y N 385 
V9Z C56 C57  sing N N 386 
V9Z C56 C50  doub Y N 387 
V9Z C45 C50  sing Y N 388 
V9Z C45 C46  sing N N 389 
V9Z C50 O51  sing N N 390 
V9Z O51 C52  sing N N 391 
V9Z C13 H1   sing N N 392 
V9Z C13 H2   sing N N 393 
V9Z C21 H3   sing N N 394 
V9Z C01 H4   sing N N 395 
V9Z C01 H5   sing N N 396 
V9Z C01 H6   sing N N 397 
V9Z N05 H7   sing N N 398 
V9Z C09 H8   sing N N 399 
V9Z C09 H9   sing N N 400 
V9Z C16 H10  sing N N 401 
V9Z C19 H11  sing N N 402 
V9Z C23 H12  sing N N 403 
V9Z C25 H13  sing N N 404 
V9Z C27 H14  sing N N 405 
V9Z C30 H15  sing N N 406 
V9Z C32 H16  sing N N 407 
V9Z C34 H17  sing N N 408 
V9Z C36 H18  sing N N 409 
V9Z C38 H19  sing N N 410 
V9Z C43 H20  sing N N 411 
V9Z C46 H21  sing N N 412 
V9Z C46 H22  sing N N 413 
V9Z C46 H23  sing N N 414 
V9Z C52 H24  sing N N 415 
V9Z C52 H25  sing N N 416 
V9Z C52 H26  sing N N 417 
V9Z C57 H27  sing N N 418 
V9Z C57 H28  sing N N 419 
V9Z C57 H29  sing N N 420 
V9Z C61 H30  sing N N 421 
VAL N   CA   sing N N 422 
VAL N   H    sing N N 423 
VAL N   H2   sing N N 424 
VAL CA  C    sing N N 425 
VAL CA  CB   sing N N 426 
VAL CA  HA   sing N N 427 
VAL C   O    doub N N 428 
VAL C   OXT  sing N N 429 
VAL CB  CG1  sing N N 430 
VAL CB  CG2  sing N N 431 
VAL CB  HB   sing N N 432 
VAL CG1 HG11 sing N N 433 
VAL CG1 HG12 sing N N 434 
VAL CG1 HG13 sing N N 435 
VAL CG2 HG21 sing N N 436 
VAL CG2 HG22 sing N N 437 
VAL CG2 HG23 sing N N 438 
VAL OXT HXT  sing N N 439 
# 
_pdbx_entity_instance_feature.ordinal        1 
_pdbx_entity_instance_feature.comp_id        V9Z 
_pdbx_entity_instance_feature.asym_id        ? 
_pdbx_entity_instance_feature.seq_num        ? 
_pdbx_entity_instance_feature.auth_comp_id   V9Z 
_pdbx_entity_instance_feature.auth_asym_id   ? 
_pdbx_entity_instance_feature.auth_seq_num   ? 
_pdbx_entity_instance_feature.feature_type   'SUBJECT OF INVESTIGATION' 
_pdbx_entity_instance_feature.details        ? 
# 
_pdbx_initial_refinement_model.accession_code   ? 
_pdbx_initial_refinement_model.id               1 
_pdbx_initial_refinement_model.entity_id_list   ? 
_pdbx_initial_refinement_model.type             other 
_pdbx_initial_refinement_model.source_name      ? 
_pdbx_initial_refinement_model.details          'in house structure' 
# 
_atom_sites.entry_id                    7OEO 
_atom_sites.Cartn_transf_matrix[1][1]   ? 
_atom_sites.Cartn_transf_matrix[1][2]   ? 
_atom_sites.Cartn_transf_matrix[1][3]   ? 
_atom_sites.Cartn_transf_matrix[2][1]   ? 
_atom_sites.Cartn_transf_matrix[2][2]   ? 
_atom_sites.Cartn_transf_matrix[2][3]   ? 
_atom_sites.Cartn_transf_matrix[3][1]   ? 
_atom_sites.Cartn_transf_matrix[3][2]   ? 
_atom_sites.Cartn_transf_matrix[3][3]   ? 
_atom_sites.Cartn_transf_vector[1]      ? 
_atom_sites.Cartn_transf_vector[2]      ? 
_atom_sites.Cartn_transf_vector[3]      ? 
_atom_sites.fract_transf_matrix[1][1]   -0.00268361 
_atom_sites.fract_transf_matrix[1][2]   -0.01252272 
_atom_sites.fract_transf_matrix[1][3]   -0.00842184 
_atom_sites.fract_transf_matrix[2][1]   -0.01396766 
_atom_sites.fract_transf_matrix[2][2]   0.00297985 
_atom_sites.fract_transf_matrix[2][3]   0.00001994 
_atom_sites.fract_transf_matrix[3][1]   0.00337392 
_atom_sites.fract_transf_matrix[3][2]   0.01598103 
_atom_sites.fract_transf_matrix[3][3]   -0.02483783 
_atom_sites.fract_transf_vector[1]      -0.161313 
_atom_sites.fract_transf_vector[2]      0.018206 
_atom_sites.fract_transf_vector[3]      -0.421912 
_atom_sites.solution_primary            ? 
_atom_sites.solution_secondary          ? 
_atom_sites.solution_hydrogens          ? 
_atom_sites.special_details             ? 
# 
loop_
_atom_type.symbol 
_atom_type.pdbx_scat_Z 
_atom_type.pdbx_N_electrons 
_atom_type.scat_Cromer_Mann_a1 
_atom_type.scat_Cromer_Mann_b1 
_atom_type.scat_Cromer_Mann_a2 
_atom_type.scat_Cromer_Mann_b2 
_atom_type.scat_Cromer_Mann_a3 
_atom_type.scat_Cromer_Mann_b3 
_atom_type.scat_Cromer_Mann_a4 
_atom_type.scat_Cromer_Mann_b4 
_atom_type.scat_Cromer_Mann_c 
C 6  6  2.310  20.844 1.020 10.208 1.589 0.569  0.865 51.651 0.216   
H 1  1  0.493  10.511 0.323 26.126 0.140 3.142  0.041 57.800 0.003   
N 7  7  12.222 0.006  3.135 9.893  2.014 28.997 1.167 0.583  -11.538 
O 8  8  3.049  13.277 2.287 5.701  1.546 0.324  0.867 32.909 0.251   
S 16 16 6.905  1.468  5.203 22.215 1.438 0.254  1.586 56.172 1.050   
# 
loop_
_atom_site.group_PDB 
_atom_site.id 
_atom_site.type_symbol 
_atom_site.label_atom_id 
_atom_site.label_alt_id 
_atom_site.label_comp_id 
_atom_site.label_asym_id 
_atom_site.label_entity_id 
_atom_site.label_seq_id 
_atom_site.pdbx_PDB_ins_code 
_atom_site.Cartn_x 
_atom_site.Cartn_y 
_atom_site.Cartn_z 
_atom_site.occupancy 
_atom_site.B_iso_or_equiv 
_atom_site.pdbx_formal_charge 
_atom_site.auth_seq_id 
_atom_site.auth_comp_id 
_atom_site.auth_asym_id 
_atom_site.auth_atom_id 
_atom_site.pdbx_PDB_model_num 
_atom_site.calc_flag 
ATOM   1    N N   . LYS A 1 3   ? -17.317 5.243   -14.775 1.000 69.417 ? 349 LYS AAA N   1 ? 
ATOM   2    C CA  . LYS A 1 3   ? -16.835 3.828   -14.885 1.000 70.141 ? 349 LYS AAA CA  1 ? 
ATOM   3    C C   . LYS A 1 3   ? -15.326 3.768   -14.614 1.000 70.795 ? 349 LYS AAA C   1 ? 
ATOM   4    O O   . LYS A 1 3   ? -14.911 2.887   -13.840 1.000 68.521 ? 349 LYS AAA O   1 ? 
ATOM   5    C CB  . LYS A 1 3   ? -17.196 3.248   -16.255 1.000 71.327 ? 349 LYS AAA CB  1 ? 
ATOM   6    C CG  . LYS A 1 3   ? -18.684 2.998   -16.454 1.000 71.288 ? 349 LYS AAA CG  1 ? 
ATOM   7    C CD  . LYS A 1 3   ? -19.074 2.694   -17.883 1.000 70.365 ? 349 LYS AAA CD  1 ? 
ATOM   8    C CE  . LYS A 1 3   ? -20.364 1.908   -17.982 1.000 69.816 ? 349 LYS AAA CE  1 ? 
ATOM   9    N NZ  . LYS A 1 3   ? -21.180 2.337   -19.143 1.000 70.337 ? 349 LYS AAA NZ  1 ? 
ATOM   10   N N   . VAL A 1 4   ? -14.546 4.669   -15.222 1.000 71.605 ? 350 VAL AAA N   1 ? 
ATOM   11   C CA  . VAL A 1 4   ? -13.077 4.816   -14.974 1.000 67.534 ? 350 VAL AAA CA  1 ? 
ATOM   12   C C   . VAL A 1 4   ? -12.890 5.774   -13.790 1.000 59.265 ? 350 VAL AAA C   1 ? 
ATOM   13   O O   . VAL A 1 4   ? -11.934 5.576   -13.016 1.000 52.388 ? 350 VAL AAA O   1 ? 
ATOM   14   C CB  . VAL A 1 4   ? -12.300 5.300   -16.217 1.000 71.422 ? 350 VAL AAA CB  1 ? 
ATOM   15   C CG1 . VAL A 1 4   ? -10.872 4.772   -16.208 1.000 71.956 ? 350 VAL AAA CG1 1 ? 
ATOM   16   C CG2 . VAL A 1 4   ? -12.989 4.933   -17.524 1.000 71.500 ? 350 VAL AAA CG2 1 ? 
ATOM   17   N N   . SER A 1 5   ? -13.765 6.779   -13.665 1.000 52.231 ? 351 SER AAA N   1 ? 
ATOM   18   C CA  . SER A 1 5   ? -13.897 7.629   -12.454 1.000 47.976 ? 351 SER AAA CA  1 ? 
ATOM   19   C C   . SER A 1 5   ? -14.506 6.791   -11.324 1.000 44.653 ? 351 SER AAA C   1 ? 
ATOM   20   O O   . SER A 1 5   ? -14.089 6.985   -10.172 1.000 46.174 ? 351 SER AAA O   1 ? 
ATOM   21   C CB  . SER A 1 5   ? -14.706 8.871   -12.720 1.000 47.916 ? 351 SER AAA CB  1 ? 
ATOM   22   O OG  . SER A 1 5   ? -14.719 9.717   -11.579 1.000 47.608 ? 351 SER AAA OG  1 ? 
ATOM   23   N N   . GLU A 1 6   ? -15.444 5.892   -11.650 1.000 42.137 ? 352 GLU AAA N   1 ? 
ATOM   24   C CA  . GLU A 1 6   ? -16.085 4.955   -10.685 1.000 42.477 ? 352 GLU AAA CA  1 ? 
ATOM   25   C C   . GLU A 1 6   ? -15.031 3.994   -10.125 1.000 36.684 ? 352 GLU AAA C   1 ? 
ATOM   26   O O   . GLU A 1 6   ? -15.062 3.737   -8.906  1.000 33.226 ? 352 GLU AAA O   1 ? 
ATOM   27   C CB  . GLU A 1 6   ? -17.212 4.148   -11.336 1.000 46.266 ? 352 GLU AAA CB  1 ? 
ATOM   28   C CG  . GLU A 1 6   ? -18.520 4.911   -11.453 1.000 50.206 ? 352 GLU AAA CG  1 ? 
ATOM   29   C CD  . GLU A 1 6   ? -19.220 5.169   -10.128 1.000 53.516 ? 352 GLU AAA CD  1 ? 
ATOM   30   O OE1 . GLU A 1 6   ? -19.647 4.189   -9.486  1.000 57.350 ? 352 GLU AAA OE1 1 ? 
ATOM   31   O OE2 . GLU A 1 6   ? -19.326 6.348   -9.736  1.000 53.984 ? 352 GLU AAA OE2 1 ? 
ATOM   32   N N   . GLN A 1 7   ? -14.148 3.476   -10.985 1.000 35.023 ? 353 GLN AAA N   1 ? 
ATOM   33   C CA  . GLN A 1 7   ? -13.054 2.552   -10.575 1.000 33.133 ? 353 GLN AAA CA  1 ? 
ATOM   34   C C   . GLN A 1 7   ? -12.049 3.328   -9.715  1.000 32.044 ? 353 GLN AAA C   1 ? 
ATOM   35   O O   . GLN A 1 7   ? -11.587 2.759   -8.716  1.000 29.963 ? 353 GLN AAA O   1 ? 
ATOM   36   C CB  . GLN A 1 7   ? -12.421 1.858   -11.786 1.000 34.588 ? 353 GLN AAA CB  1 ? 
ATOM   37   C CG  . GLN A 1 7   ? -13.282 0.723   -12.333 1.000 36.291 ? 353 GLN AAA CG  1 ? 
ATOM   38   C CD  . GLN A 1 7   ? -12.510 -0.374  -13.026 1.000 38.443 ? 353 GLN AAA CD  1 ? 
ATOM   39   O OE1 . GLN A 1 7   ? -11.434 -0.160  -13.579 1.000 39.482 ? 353 GLN AAA OE1 1 ? 
ATOM   40   N NE2 . GLN A 1 7   ? -13.070 -1.573  -13.006 1.000 41.719 ? 353 GLN AAA NE2 1 ? 
ATOM   41   N N   . LEU A 1 8   ? -11.755 4.589   -10.051 1.000 29.073 ? 354 LEU AAA N   1 ? 
ATOM   42   C CA  . LEU A 1 8   ? -10.879 5.455   -9.213  1.000 28.126 ? 354 LEU AAA CA  1 ? 
ATOM   43   C C   . LEU A 1 8   ? -11.627 5.856   -7.932  1.000 28.133 ? 354 LEU AAA C   1 ? 
ATOM   44   O O   . LEU A 1 8   ? -10.963 5.991   -6.885  1.000 27.279 ? 354 LEU AAA O   1 ? 
ATOM   45   C CB  . LEU A 1 8   ? -10.397 6.666   -10.022 1.000 29.198 ? 354 LEU AAA CB  1 ? 
ATOM   46   C CG  . LEU A 1 8   ? -9.264  6.375   -11.006 1.000 29.357 ? 354 LEU AAA CG  1 ? 
ATOM   47   C CD1 . LEU A 1 8   ? -8.961  7.593   -11.864 1.000 30.356 ? 354 LEU AAA CD1 1 ? 
ATOM   48   C CD2 . LEU A 1 8   ? -8.007  5.914   -10.284 1.000 29.382 ? 354 LEU AAA CD2 1 ? 
ATOM   49   N N   . LYS A 1 9   ? -12.955 6.014   -7.983  1.000 28.153 ? 355 LYS AAA N   1 ? 
ATOM   50   C CA  . LYS A 1 9   ? -13.793 6.213   -6.766  1.000 29.711 ? 355 LYS AAA CA  1 ? 
ATOM   51   C C   . LYS A 1 9   ? -13.682 4.969   -5.875  1.000 27.350 ? 355 LYS AAA C   1 ? 
ATOM   52   O O   . LYS A 1 9   ? -13.570 5.129   -4.642  1.000 27.888 ? 355 LYS AAA O   1 ? 
ATOM   53   C CB  . LYS A 1 9   ? -15.257 6.495   -7.122  1.000 33.476 ? 355 LYS AAA CB  1 ? 
ATOM   54   C CG  . LYS A 1 9   ? -15.567 7.937   -7.500  1.000 39.216 ? 355 LYS AAA CG  1 ? 
ATOM   55   C CD  . LYS A 1 9   ? -17.026 8.165   -7.839  1.000 42.813 ? 355 LYS AAA CD  1 ? 
ATOM   56   C CE  . LYS A 1 9   ? -17.320 9.592   -8.251  1.000 47.719 ? 355 LYS AAA CE  1 ? 
ATOM   57   N NZ  . LYS A 1 9   ? -18.765 9.805   -8.500  1.000 50.252 ? 355 LYS AAA NZ  1 ? 
ATOM   58   N N   . CYS A 1 10  ? -13.704 3.771   -6.468  1.000 25.843 ? 356 CYS AAA N   1 ? 
ATOM   59   C CA  A CYS A 1 10  ? -13.559 2.489   -5.724  0.500 25.147 ? 356 CYS AAA CA  1 ? 
ATOM   60   C CA  B CYS A 1 10  ? -13.556 2.487   -5.729  0.500 25.248 ? 356 CYS AAA CA  1 ? 
ATOM   61   C C   . CYS A 1 10  ? -12.166 2.414   -5.085  1.000 23.613 ? 356 CYS AAA C   1 ? 
ATOM   62   O O   . CYS A 1 10  ? -12.069 1.879   -3.961  1.000 23.081 ? 356 CYS AAA O   1 ? 
ATOM   63   C CB  A CYS A 1 10  ? -13.792 1.280   -6.626  0.500 26.236 ? 356 CYS AAA CB  1 ? 
ATOM   64   C CB  B CYS A 1 10  ? -13.767 1.280   -6.635  0.500 26.496 ? 356 CYS AAA CB  1 ? 
ATOM   65   S SG  A CYS A 1 10  ? -13.851 -0.293  -5.726  0.500 29.460 ? 356 CYS AAA SG  1 ? 
ATOM   66   S SG  B CYS A 1 10  ? -15.505 1.010   -7.068  0.500 30.035 ? 356 CYS AAA SG  1 ? 
ATOM   67   N N   . CYS A 1 11  ? -11.140 2.922   -5.775  1.000 23.293 ? 357 CYS AAA N   1 ? 
ATOM   68   C CA  . CYS A 1 11  ? -9.738  2.945   -5.264  1.000 21.459 ? 357 CYS AAA CA  1 ? 
ATOM   69   C C   . CYS A 1 11  ? -9.678  3.769   -3.973  1.000 21.805 ? 357 CYS AAA C   1 ? 
ATOM   70   O O   . CYS A 1 11  ? -9.012  3.325   -3.017  1.000 21.211 ? 357 CYS AAA O   1 ? 
ATOM   71   C CB  . CYS A 1 11  ? -8.760  3.487   -6.300  1.000 21.584 ? 357 CYS AAA CB  1 ? 
ATOM   72   S SG  . CYS A 1 11  ? -8.541  2.366   -7.703  1.000 24.030 ? 357 CYS AAA SG  1 ? 
ATOM   73   N N   . SER A 1 12  ? -10.352 4.923   -3.932  1.000 21.899 ? 358 SER AAA N   1 ? 
ATOM   74   C CA  . SER A 1 12  ? -10.470 5.764   -2.712  0.500 20.677 ? 358 SER AAA CA  1 ? 
ATOM   75   C C   . SER A 1 12  ? -11.054 4.921   -1.571  1.000 20.391 ? 358 SER AAA C   1 ? 
ATOM   76   O O   . SER A 1 12  ? -10.521 5.000   -0.445  1.000 22.134 ? 358 SER AAA O   1 ? 
ATOM   77   C CB  . SER A 1 12  ? -11.292 6.999   -2.965  0.500 21.490 ? 358 SER AAA CB  1 ? 
ATOM   78   O OG  . SER A 1 12  ? -11.428 7.756   -1.774  0.500 22.777 ? 358 SER AAA OG  1 ? 
ATOM   79   N N   . GLY A 1 13  ? -12.098 4.134   -1.859  1.000 19.841 ? 359 GLY AAA N   1 ? 
ATOM   80   C CA  . GLY A 1 13  ? -12.769 3.257   -0.882  1.000 19.618 ? 359 GLY AAA CA  1 ? 
ATOM   81   C C   . GLY A 1 13  ? -11.835 2.173   -0.370  1.000 18.656 ? 359 GLY AAA C   1 ? 
ATOM   82   O O   . GLY A 1 13  ? -11.868 1.873   0.834   1.000 19.547 ? 359 GLY AAA O   1 ? 
ATOM   83   N N   . ILE A 1 14  ? -11.033 1.587   -1.259  1.000 19.283 ? 360 ILE AAA N   1 ? 
ATOM   84   C CA  . ILE A 1 14  ? -10.032 0.543   -0.891  1.000 20.763 ? 360 ILE AAA CA  1 ? 
ATOM   85   C C   . ILE A 1 14  ? -9.058  1.143   0.133   1.000 20.987 ? 360 ILE AAA C   1 ? 
ATOM   86   O O   . ILE A 1 14  ? -8.805  0.496   1.171   1.000 19.755 ? 360 ILE AAA O   1 ? 
ATOM   87   C CB  . ILE A 1 14  ? -9.330  0.000   -2.152  1.000 23.082 ? 360 ILE AAA CB  1 ? 
ATOM   88   C CG1 . ILE A 1 14  ? -10.279 -0.892  -2.955  1.000 25.639 ? 360 ILE AAA CG1 1 ? 
ATOM   89   C CG2 . ILE A 1 14  ? -8.036  -0.719  -1.796  1.000 25.668 ? 360 ILE AAA CG2 1 ? 
ATOM   90   C CD1 . ILE A 1 14  ? -9.738  -1.335  -4.294  1.000 26.305 ? 360 ILE AAA CD1 1 ? 
ATOM   91   N N   . LEU A 1 15  ? -8.557  2.351   -0.130  1.000 20.514 ? 361 LEU AAA N   1 ? 
ATOM   92   C CA  . LEU A 1 15  ? -7.599  3.047   0.769   1.000 20.772 ? 361 LEU AAA CA  1 ? 
ATOM   93   C C   . LEU A 1 15  ? -8.291  3.366   2.101   1.000 20.285 ? 361 LEU AAA C   1 ? 
ATOM   94   O O   . LEU A 1 15  ? -7.658  3.169   3.151   1.000 19.777 ? 361 LEU AAA O   1 ? 
ATOM   95   C CB  . LEU A 1 15  ? -7.070  4.307   0.073   1.000 24.455 ? 361 LEU AAA CB  1 ? 
ATOM   96   C CG  . LEU A 1 15  ? -5.607  4.655   0.333   1.000 28.659 ? 361 LEU AAA CG  1 ? 
ATOM   97   C CD1 . LEU A 1 15  ? -4.682  3.488   0.018   1.000 28.161 ? 361 LEU AAA CD1 1 ? 
ATOM   98   C CD2 . LEU A 1 15  ? -5.209  5.871   -0.485  1.000 28.846 ? 361 LEU AAA CD2 1 ? 
ATOM   99   N N   . LYS A 1 16  ? -9.550  3.819   2.082   1.000 18.926 ? 362 LYS AAA N   1 ? 
ATOM   100  C CA  . LYS A 1 16  ? -10.339 4.063   3.321   1.000 20.425 ? 362 LYS AAA CA  1 ? 
ATOM   101  C C   . LYS A 1 16  ? -10.384 2.779   4.161   1.000 19.690 ? 362 LYS AAA C   1 ? 
ATOM   102  O O   . LYS A 1 16  ? -10.204 2.858   5.389   1.000 20.990 ? 362 LYS AAA O   1 ? 
ATOM   103  C CB  . LYS A 1 16  ? -11.755 4.550   3.002   1.000 22.706 ? 362 LYS AAA CB  1 ? 
ATOM   104  C CG  . LYS A 1 16  ? -11.854 6.022   2.620   1.000 25.172 ? 362 LYS AAA CG  1 ? 
ATOM   105  C CD  . LYS A 1 16  ? -13.268 6.476   2.344   1.000 28.814 ? 362 LYS AAA CD  1 ? 
ATOM   106  C CE  . LYS A 1 16  ? -13.365 7.948   2.000   1.000 31.984 ? 362 LYS AAA CE  1 ? 
ATOM   107  N NZ  . LYS A 1 16  ? -12.628 8.273   0.758   1.000 36.315 ? 362 LYS AAA NZ  1 ? 
ATOM   108  N N   . GLU A 1 17  ? -10.620 1.625   3.535   1.000 18.283 ? 363 GLU AAA N   1 ? 
ATOM   109  C CA  . GLU A 1 17  ? -10.681 0.339   4.274   1.000 18.006 ? 363 GLU AAA CA  1 ? 
ATOM   110  C C   . GLU A 1 17  ? -9.306  0.034   4.876   1.000 16.856 ? 363 GLU AAA C   1 ? 
ATOM   111  O O   . GLU A 1 17  ? -9.249  -0.338  6.053   1.000 17.438 ? 363 GLU AAA O   1 ? 
ATOM   112  C CB  . GLU A 1 17  ? -11.127 -0.801  3.362   1.000 19.492 ? 363 GLU AAA CB  1 ? 
ATOM   113  C CG  . GLU A 1 17  ? -11.324 -2.114  4.094   1.000 22.423 ? 363 GLU AAA CG  1 ? 
ATOM   114  C CD  . GLU A 1 17  ? -11.751 -3.237  3.171   1.000 27.420 ? 363 GLU AAA CD  1 ? 
ATOM   115  O OE1 . GLU A 1 17  ? -11.492 -3.114  1.961   1.000 28.650 ? 363 GLU AAA OE1 1 ? 
ATOM   116  O OE2 . GLU A 1 17  ? -12.336 -4.225  3.651   1.000 33.786 ? 363 GLU AAA OE2 1 ? 
ATOM   117  N N   . MET A 1 18  ? -8.238  0.177   4.093   1.000 16.673 ? 364 MET AAA N   1 ? 
ATOM   118  C CA  . MET A 1 18  ? -6.868  -0.173  4.549   1.000 16.374 ? 364 MET AAA CA  1 ? 
ATOM   119  C C   . MET A 1 18  ? -6.455  0.741   5.714   1.000 16.811 ? 364 MET AAA C   1 ? 
ATOM   120  O O   . MET A 1 18  ? -5.679  0.283   6.578   1.000 17.465 ? 364 MET AAA O   1 ? 
ATOM   121  C CB  . MET A 1 18  ? -5.870  -0.084  3.390   1.000 16.509 ? 364 MET AAA CB  1 ? 
ATOM   122  C CG  . MET A 1 18  ? -6.084  -1.176  2.357   1.000 17.688 ? 364 MET AAA CG  1 ? 
ATOM   123  S SD  . MET A 1 18  ? -5.206  -0.877  0.811   1.000 18.553 ? 364 MET AAA SD  1 ? 
ATOM   124  C CE  . MET A 1 18  ? -3.518  -1.157  1.341   1.000 19.027 ? 364 MET AAA CE  1 ? 
ATOM   125  N N   . PHE A 1 19  ? -6.984  1.968   5.774   1.000 16.996 ? 365 PHE AAA N   1 ? 
ATOM   126  C CA  . PHE A 1 19  ? -6.698  2.959   6.845   1.000 17.713 ? 365 PHE AAA CA  1 ? 
ATOM   127  C C   . PHE A 1 19  ? -7.633  2.768   8.051   1.000 17.971 ? 365 PHE AAA C   1 ? 
ATOM   128  O O   . PHE A 1 19  ? -7.405  3.431   9.079   1.000 19.343 ? 365 PHE AAA O   1 ? 
ATOM   129  C CB  . PHE A 1 19  ? -6.828  4.387   6.308   1.000 17.562 ? 365 PHE AAA CB  1 ? 
ATOM   130  C CG  . PHE A 1 19  ? -5.561  4.990   5.759   1.000 17.122 ? 365 PHE AAA CG  1 ? 
ATOM   131  C CD1 . PHE A 1 19  ? -4.480  5.250   6.589   1.000 17.706 ? 365 PHE AAA CD1 1 ? 
ATOM   132  C CD2 . PHE A 1 19  ? -5.458  5.342   4.419   1.000 18.302 ? 365 PHE AAA CD2 1 ? 
ATOM   133  C CE1 . PHE A 1 19  ? -3.322  5.827   6.088   1.000 18.223 ? 365 PHE AAA CE1 1 ? 
ATOM   134  C CE2 . PHE A 1 19  ? -4.301  5.923   3.924   1.000 19.091 ? 365 PHE AAA CE2 1 ? 
ATOM   135  C CZ  . PHE A 1 19  ? -3.234  6.163   4.756   1.000 18.342 ? 365 PHE AAA CZ  1 ? 
ATOM   136  N N   . ALA A 1 20  ? -8.649  1.902   7.952   1.000 18.024 ? 366 ALA AAA N   1 ? 
ATOM   137  C CA  . ALA A 1 20  ? -9.736  1.782   8.955   1.000 18.332 ? 366 ALA AAA CA  1 ? 
ATOM   138  C C   . ALA A 1 20  ? -9.235  1.135   10.253  1.000 19.289 ? 366 ALA AAA C   1 ? 
ATOM   139  O O   . ALA A 1 20  ? -8.282  0.333   10.223  1.000 18.308 ? 366 ALA AAA O   1 ? 
ATOM   140  C CB  . ALA A 1 20  ? -10.903 1.020   8.378   1.000 18.301 ? 366 ALA AAA CB  1 ? 
ATOM   141  N N   . LYS A 1 21  ? -9.898  1.446   11.369  1.000 19.655 ? 367 LYS AAA N   1 ? 
ATOM   142  C CA  . LYS A 1 21  ? -9.513  0.968   12.722  1.000 22.246 ? 367 LYS AAA CA  1 ? 
ATOM   143  C C   . LYS A 1 21  ? -9.475  -0.565  12.755  1.000 21.119 ? 367 LYS AAA C   1 ? 
ATOM   144  O O   . LYS A 1 21  ? -8.605  -1.104  13.467  1.000 21.441 ? 367 LYS AAA O   1 ? 
ATOM   145  C CB  . LYS A 1 21  ? -10.476 1.510   13.780  1.000 25.237 ? 367 LYS AAA CB  1 ? 
ATOM   146  C CG  . LYS A 1 21  ? -10.327 2.996   14.070  1.000 30.053 ? 367 LYS AAA CG  1 ? 
ATOM   147  C CD  . LYS A 1 21  ? -11.346 3.531   15.049  1.000 35.223 ? 367 LYS AAA CD  1 ? 
ATOM   148  C CE  . LYS A 1 21  ? -11.128 4.996   15.368  1.000 38.570 ? 367 LYS AAA CE  1 ? 
ATOM   149  N NZ  . LYS A 1 21  ? -12.192 5.530   16.250  1.000 42.175 ? 367 LYS AAA NZ  1 ? 
ATOM   150  N N   . LYS A 1 22  ? -10.361 -1.237  12.011  1.000 20.964 ? 368 LYS AAA N   1 ? 
ATOM   151  C CA  . LYS A 1 22  ? -10.473 -2.721  11.993  1.000 22.150 ? 368 LYS AAA CA  1 ? 
ATOM   152  C C   . LYS A 1 22  ? -9.107  -3.345  11.673  1.000 20.318 ? 368 LYS AAA C   1 ? 
ATOM   153  O O   . LYS A 1 22  ? -8.799  -4.413  12.241  1.000 21.683 ? 368 LYS AAA O   1 ? 
ATOM   154  C CB  . LYS A 1 22  ? -11.516 -3.194  10.974  1.000 25.034 ? 368 LYS AAA CB  1 ? 
ATOM   155  C CG  . LYS A 1 22  ? -11.679 -4.709  10.906  1.000 28.648 ? 368 LYS AAA CG  1 ? 
ATOM   156  C CD  . LYS A 1 22  ? -12.822 -5.193  10.045  1.000 32.286 ? 368 LYS AAA CD  1 ? 
ATOM   157  C CE  . LYS A 1 22  ? -13.034 -6.687  10.174  1.000 35.836 ? 368 LYS AAA CE  1 ? 
ATOM   158  N NZ  . LYS A 1 22  ? -14.241 -7.139  9.444   1.000 37.394 ? 368 LYS AAA NZ  1 ? 
ATOM   159  N N   . HIS A 1 23  ? -8.316  -2.714  10.801  1.000 18.348 ? 369 HIS AAA N   1 ? 
ATOM   160  C CA  . HIS A 1 23  ? -7.060  -3.300  10.256  1.000 17.006 ? 369 HIS AAA CA  1 ? 
ATOM   161  C C   . HIS A 1 23  ? -5.822  -2.652  10.884  1.000 16.830 ? 369 HIS AAA C   1 ? 
ATOM   162  O O   . HIS A 1 23  ? -4.708  -3.022  10.481  1.000 17.955 ? 369 HIS AAA O   1 ? 
ATOM   163  C CB  . HIS A 1 23  ? -7.051  -3.170  8.729   1.000 17.210 ? 369 HIS AAA CB  1 ? 
ATOM   164  C CG  . HIS A 1 23  ? -8.266  -3.745  8.095   1.000 18.548 ? 369 HIS AAA CG  1 ? 
ATOM   165  N ND1 . HIS A 1 23  ? -8.528  -5.099  8.117   1.000 19.772 ? 369 HIS AAA ND1 1 ? 
ATOM   166  C CD2 . HIS A 1 23  ? -9.310  -3.164  7.465   1.000 19.537 ? 369 HIS AAA CD2 1 ? 
ATOM   167  C CE1 . HIS A 1 23  ? -9.676  -5.331  7.512   1.000 19.236 ? 369 HIS AAA CE1 1 ? 
ATOM   168  N NE2 . HIS A 1 23  ? -10.175 -4.159  7.099   1.000 20.739 ? 369 HIS AAA NE2 1 ? 
ATOM   169  N N   . ALA A 1 24  ? -5.989  -1.711  11.816  1.000 17.775 ? 370 ALA AAA N   1 ? 
ATOM   170  C CA  . ALA A 1 24  ? -4.891  -0.853  12.321  1.000 18.661 ? 370 ALA AAA CA  1 ? 
ATOM   171  C C   . ALA A 1 24  ? -3.791  -1.698  12.977  1.000 19.231 ? 370 ALA AAA C   1 ? 
ATOM   172  O O   . ALA A 1 24  ? -2.630  -1.282  12.911  1.000 19.663 ? 370 ALA AAA O   1 ? 
ATOM   173  C CB  . ALA A 1 24  ? -5.437  0.182   13.272  1.000 19.185 ? 370 ALA AAA CB  1 ? 
ATOM   174  N N   . ALA A 1 25  ? -4.132  -2.839  13.584  1.000 18.513 ? 371 ALA AAA N   1 ? 
ATOM   175  C CA  . ALA A 1 25  ? -3.172  -3.704  14.314  1.000 19.389 ? 371 ALA AAA CA  1 ? 
ATOM   176  C C   . ALA A 1 25  ? -2.052  -4.185  13.383  1.000 18.980 ? 371 ALA AAA C   1 ? 
ATOM   177  O O   . ALA A 1 25  ? -0.940  -4.412  13.896  1.000 20.649 ? 371 ALA AAA O   1 ? 
ATOM   178  C CB  . ALA A 1 25  ? -3.885  -4.867  14.954  1.000 20.509 ? 371 ALA AAA CB  1 ? 
ATOM   179  N N   . TYR A 1 26  ? -2.322  -4.345  12.080  1.000 17.972 ? 372 TYR AAA N   1 ? 
ATOM   180  C CA  . TYR A 1 26  ? -1.326  -4.823  11.081  1.000 17.253 ? 372 TYR AAA CA  1 ? 
ATOM   181  C C   . TYR A 1 26  ? -1.083  -3.797  9.964   1.000 17.307 ? 372 TYR AAA C   1 ? 
ATOM   182  O O   . TYR A 1 26  ? -0.086  -3.952  9.255   1.000 18.752 ? 372 TYR AAA O   1 ? 
ATOM   183  C CB  . TYR A 1 26  ? -1.701  -6.194  10.510  1.000 17.909 ? 372 TYR AAA CB  1 ? 
ATOM   184  C CG  . TYR A 1 26  ? -3.138  -6.391  10.095  1.000 17.620 ? 372 TYR AAA CG  1 ? 
ATOM   185  C CD1 . TYR A 1 26  ? -3.551  -6.157  8.794   1.000 18.069 ? 372 TYR AAA CD1 1 ? 
ATOM   186  C CD2 . TYR A 1 26  ? -4.077  -6.874  10.991  1.000 18.880 ? 372 TYR AAA CD2 1 ? 
ATOM   187  C CE1 . TYR A 1 26  ? -4.866  -6.353  8.406   1.000 18.387 ? 372 TYR AAA CE1 1 ? 
ATOM   188  C CE2 . TYR A 1 26  ? -5.395  -7.079  10.618  1.000 18.467 ? 372 TYR AAA CE2 1 ? 
ATOM   189  C CZ  . TYR A 1 26  ? -5.790  -6.828  9.317   1.000 18.823 ? 372 TYR AAA CZ  1 ? 
ATOM   190  O OH  . TYR A 1 26  ? -7.087  -7.048  8.946   1.000 21.101 ? 372 TYR AAA OH  1 ? 
ATOM   191  N N   . ALA A 1 27  ? -1.929  -2.776  9.803   1.000 16.506 ? 373 ALA AAA N   1 ? 
ATOM   192  C CA  . ALA A 1 27  ? -1.769  -1.776  8.721   1.000 16.735 ? 373 ALA AAA CA  1 ? 
ATOM   193  C C   . ALA A 1 27  ? -0.793  -0.661  9.125   1.000 16.700 ? 373 ALA AAA C   1 ? 
ATOM   194  O O   . ALA A 1 27  ? -0.228  -0.027  8.212   1.000 16.674 ? 373 ALA AAA O   1 ? 
ATOM   195  C CB  . ALA A 1 27  ? -3.112  -1.218  8.335   1.000 17.084 ? 373 ALA AAA CB  1 ? 
ATOM   196  N N   . TRP A 1 28  ? -0.593  -0.415  10.421  1.000 17.278 ? 374 TRP AAA N   1 ? 
ATOM   197  C CA  . TRP A 1 28  ? 0.099   0.808   10.919  1.000 17.739 ? 374 TRP AAA CA  1 ? 
ATOM   198  C C   . TRP A 1 28  ? 1.496   0.978   10.310  1.000 17.750 ? 374 TRP AAA C   1 ? 
ATOM   199  O O   . TRP A 1 28  ? 1.890   2.110   10.050  1.000 18.674 ? 374 TRP AAA O   1 ? 
ATOM   200  C CB  . TRP A 1 28  ? 0.107   0.866   12.453  1.000 18.611 ? 374 TRP AAA CB  1 ? 
ATOM   201  C CG  . TRP A 1 28  ? 0.918   -0.200  13.122  1.000 18.704 ? 374 TRP AAA CG  1 ? 
ATOM   202  C CD1 . TRP A 1 28  ? 0.465   -1.388  13.621  1.000 19.901 ? 374 TRP AAA CD1 1 ? 
ATOM   203  C CD2 . TRP A 1 28  ? 2.334   -0.174  13.368  1.000 19.173 ? 374 TRP AAA CD2 1 ? 
ATOM   204  N NE1 . TRP A 1 28  ? 1.501   -2.102  14.158  1.000 20.233 ? 374 TRP AAA NE1 1 ? 
ATOM   205  C CE2 . TRP A 1 28  ? 2.659   -1.385  14.019  1.000 19.478 ? 374 TRP AAA CE2 1 ? 
ATOM   206  C CE3 . TRP A 1 28  ? 3.352   0.750   13.104  1.000 20.611 ? 374 TRP AAA CE3 1 ? 
ATOM   207  C CZ2 . TRP A 1 28  ? 3.963   -1.693  14.402  1.000 20.742 ? 374 TRP AAA CZ2 1 ? 
ATOM   208  C CZ3 . TRP A 1 28  ? 4.640   0.443   13.486  1.000 20.655 ? 374 TRP AAA CZ3 1 ? 
ATOM   209  C CH2 . TRP A 1 28  ? 4.937   -0.760  14.128  1.000 20.733 ? 374 TRP AAA CH2 1 ? 
ATOM   210  N N   . PRO A 1 29  ? 2.313   -0.070  10.032  1.000 17.166 ? 375 PRO AAA N   1 ? 
ATOM   211  C CA  . PRO A 1 29  ? 3.639   0.158   9.447   1.000 16.777 ? 375 PRO AAA CA  1 ? 
ATOM   212  C C   . PRO A 1 29  ? 3.612   0.777   8.039   1.000 17.248 ? 375 PRO AAA C   1 ? 
ATOM   213  O O   . PRO A 1 29  ? 4.622   1.340   7.628   1.000 18.767 ? 375 PRO AAA O   1 ? 
ATOM   214  C CB  . PRO A 1 29  ? 4.278   -1.238  9.400   1.000 17.047 ? 375 PRO AAA CB  1 ? 
ATOM   215  C CG  . PRO A 1 29  ? 3.498   -2.026  10.427  1.000 17.363 ? 375 PRO AAA CG  1 ? 
ATOM   216  C CD  . PRO A 1 29  ? 2.080   -1.497  10.299  1.000 17.140 ? 375 PRO AAA CD  1 ? 
ATOM   217  N N   . PHE A 1 30  ? 2.472   0.677   7.344   1.000 16.302 ? 376 PHE AAA N   1 ? 
ATOM   218  C CA  . PHE A 1 30  ? 2.311   1.065   5.919   1.000 16.212 ? 376 PHE AAA CA  1 ? 
ATOM   219  C C   . PHE A 1 30  ? 1.680   2.454   5.788   1.000 16.518 ? 376 PHE AAA C   1 ? 
ATOM   220  O O   . PHE A 1 30  ? 1.601   2.937   4.656   1.000 17.533 ? 376 PHE AAA O   1 ? 
ATOM   221  C CB  . PHE A 1 30  ? 1.493   0.000   5.186   1.000 15.718 ? 376 PHE AAA CB  1 ? 
ATOM   222  C CG  . PHE A 1 30  ? 2.097   -1.369  5.345   1.000 16.474 ? 376 PHE AAA CG  1 ? 
ATOM   223  C CD1 . PHE A 1 30  ? 3.178   -1.765  4.572   1.000 17.376 ? 376 PHE AAA CD1 1 ? 
ATOM   224  C CD2 . PHE A 1 30  ? 1.645   -2.221  6.337   1.000 16.273 ? 376 PHE AAA CD2 1 ? 
ATOM   225  C CE1 . PHE A 1 30  ? 3.762   -3.008  4.759   1.000 17.273 ? 376 PHE AAA CE1 1 ? 
ATOM   226  C CE2 . PHE A 1 30  ? 2.234   -3.464  6.527   1.000 17.077 ? 376 PHE AAA CE2 1 ? 
ATOM   227  C CZ  . PHE A 1 30  ? 3.288   -3.855  5.734   1.000 16.876 ? 376 PHE AAA CZ  1 ? 
ATOM   228  N N   . TYR A 1 31  ? 1.265   3.080   6.891   1.000 18.084 ? 377 TYR AAA N   1 ? 
ATOM   229  C CA  . TYR A 1 31  ? 0.543   4.380   6.868   1.000 18.934 ? 377 TYR AAA CA  1 ? 
ATOM   230  C C   . TYR A 1 31  ? 1.418   5.491   6.274   1.000 19.703 ? 377 TYR AAA C   1 ? 
ATOM   231  O O   . TYR A 1 31  ? 0.879   6.314   5.526   1.000 21.418 ? 377 TYR AAA O   1 ? 
ATOM   232  C CB  . TYR A 1 31  ? 0.103   4.798   8.272   1.000 18.728 ? 377 TYR AAA CB  1 ? 
ATOM   233  C CG  . TYR A 1 31  ? -1.061  4.048   8.871   1.000 19.233 ? 377 TYR AAA CG  1 ? 
ATOM   234  C CD1 . TYR A 1 31  ? -1.851  3.173   8.140   1.000 19.221 ? 377 TYR AAA CD1 1 ? 
ATOM   235  C CD2 . TYR A 1 31  ? -1.397  4.262   10.197  1.000 19.617 ? 377 TYR AAA CD2 1 ? 
ATOM   236  C CE1 . TYR A 1 31  ? -2.922  2.513   8.723   1.000 18.728 ? 377 TYR AAA CE1 1 ? 
ATOM   237  C CE2 . TYR A 1 31  ? -2.467  3.620   10.791  1.000 19.771 ? 377 TYR AAA CE2 1 ? 
ATOM   238  C CZ  . TYR A 1 31  ? -3.239  2.747   10.051  1.000 19.002 ? 377 TYR AAA CZ  1 ? 
ATOM   239  O OH  . TYR A 1 31  ? -4.291  2.127   10.659  1.000 19.134 ? 377 TYR AAA OH  1 ? 
ATOM   240  N N   . LYS A 1 32  ? 2.703   5.537   6.643   1.000 20.410 ? 378 LYS AAA N   1 ? 
ATOM   241  C CA  . LYS A 1 32  ? 3.633   6.655   6.319   1.000 22.921 ? 378 LYS AAA CA  1 ? 
ATOM   242  C C   . LYS A 1 32  ? 4.935   6.097   5.754   1.000 22.544 ? 378 LYS AAA C   1 ? 
ATOM   243  O O   . LYS A 1 32  ? 5.271   4.944   6.004   1.000 21.353 ? 378 LYS AAA O   1 ? 
ATOM   244  C CB  . LYS A 1 32  ? 3.900   7.479   7.582   1.000 24.844 ? 378 LYS AAA CB  1 ? 
ATOM   245  C CG  . LYS A 1 32  ? 2.689   8.215   8.138   1.000 27.845 ? 378 LYS AAA CG  1 ? 
ATOM   246  C CD  . LYS A 1 32  ? 2.273   9.390   7.292   1.000 33.087 ? 378 LYS AAA CD  1 ? 
ATOM   247  C CE  . LYS A 1 32  ? 1.196   10.235  7.934   1.000 37.071 ? 378 LYS AAA CE  1 ? 
ATOM   248  N NZ  . LYS A 1 32  ? 0.532   11.109  6.939   1.000 39.791 ? 378 LYS AAA NZ  1 ? 
ATOM   249  N N   . PRO A 1 33  ? 5.725   6.904   5.004   1.000 22.089 ? 379 PRO AAA N   1 ? 
ATOM   250  C CA  . PRO A 1 33  ? 7.014   6.450   4.485   1.000 22.741 ? 379 PRO AAA CA  1 ? 
ATOM   251  C C   . PRO A 1 33  ? 7.972   6.031   5.610   1.000 22.671 ? 379 PRO AAA C   1 ? 
ATOM   252  O O   . PRO A 1 33  ? 7.916   6.608   6.683   1.000 22.474 ? 379 PRO AAA O   1 ? 
ATOM   253  C CB  . PRO A 1 33  ? 7.605   7.665   3.748   1.000 24.446 ? 379 PRO AAA CB  1 ? 
ATOM   254  C CG  . PRO A 1 33  ? 6.440   8.615   3.548   1.000 25.245 ? 379 PRO AAA CG  1 ? 
ATOM   255  C CD  . PRO A 1 33  ? 5.424   8.291   4.624   1.000 23.837 ? 379 PRO AAA CD  1 ? 
ATOM   256  N N   . VAL A 1 34  ? 8.831   5.052   5.325   1.000 22.598 ? 380 VAL AAA N   1 ? 
ATOM   257  C CA  . VAL A 1 34  ? 9.911   4.584   6.241   1.000 23.404 ? 380 VAL AAA CA  1 ? 
ATOM   258  C C   . VAL A 1 34  ? 10.786  5.793   6.599   1.000 24.313 ? 380 VAL AAA C   1 ? 
ATOM   259  O O   . VAL A 1 34  ? 11.261  6.471   5.668   1.000 25.811 ? 380 VAL AAA O   1 ? 
ATOM   260  C CB  . VAL A 1 34  ? 10.734  3.451   5.596   1.000 24.607 ? 380 VAL AAA CB  1 ? 
ATOM   261  C CG1 . VAL A 1 34  ? 11.951  3.087   6.431   1.000 25.249 ? 380 VAL AAA CG1 1 ? 
ATOM   262  C CG2 . VAL A 1 34  ? 9.882   2.217   5.329   1.000 25.318 ? 380 VAL AAA CG2 1 ? 
ATOM   263  N N   . ASP A 1 35  ? 10.964  6.058   7.896   1.000 25.703 ? 381 ASP AAA N   1 ? 
ATOM   264  C CA  . ASP A 1 35  ? 11.864  7.126   8.408   1.000 25.952 ? 381 ASP AAA CA  1 ? 
ATOM   265  C C   . ASP A 1 35  ? 13.271  6.530   8.522   1.000 24.508 ? 381 ASP AAA C   1 ? 
ATOM   266  O O   . ASP A 1 35  ? 13.597  5.965   9.581   1.000 23.553 ? 381 ASP AAA O   1 ? 
ATOM   267  C CB  . ASP A 1 35  ? 11.345  7.707   9.725   1.000 27.818 ? 381 ASP AAA CB  1 ? 
ATOM   268  C CG  . ASP A 1 35  ? 12.081  8.959   10.170  1.000 30.067 ? 381 ASP AAA CG  1 ? 
ATOM   269  O OD1 . ASP A 1 35  ? 13.235  9.149   9.728   1.000 29.961 ? 381 ASP AAA OD1 1 ? 
ATOM   270  O OD2 . ASP A 1 35  ? 11.494  9.730   10.954  1.000 30.715 ? 381 ASP AAA OD2 1 ? 
ATOM   271  N N   . VAL A 1 36  ? 14.051  6.629   7.444   1.000 25.881 ? 382 VAL AAA N   1 ? 
ATOM   272  C CA  . VAL A 1 36  ? 15.414  6.035   7.319   1.000 27.643 ? 382 VAL AAA CA  1 ? 
ATOM   273  C C   . VAL A 1 36  ? 16.282  6.532   8.483   1.000 27.977 ? 382 VAL AAA C   1 ? 
ATOM   274  O O   . VAL A 1 36  ? 16.938  5.691   9.122   1.000 27.585 ? 382 VAL AAA O   1 ? 
ATOM   275  C CB  . VAL A 1 36  ? 16.044  6.372   5.953   1.000 30.316 ? 382 VAL AAA CB  1 ? 
ATOM   276  C CG1 . VAL A 1 36  ? 17.536  6.078   5.926   1.000 31.884 ? 382 VAL AAA CG1 1 ? 
ATOM   277  C CG2 . VAL A 1 36  ? 15.336  5.651   4.817   1.000 30.792 ? 382 VAL AAA CG2 1 ? 
ATOM   278  N N   . GLU A 1 37  ? 16.269  7.841   8.754   1.000 30.909 ? 383 GLU AAA N   1 ? 
ATOM   279  C CA  . GLU A 1 37  ? 17.158  8.482   9.764   1.000 32.560 ? 383 GLU AAA CA  1 ? 
ATOM   280  C C   . GLU A 1 37  ? 16.795  7.983   11.167  1.000 30.658 ? 383 GLU AAA C   1 ? 
ATOM   281  O O   . GLU A 1 37  ? 17.712  7.569   11.896  1.000 32.250 ? 383 GLU AAA O   1 ? 
ATOM   282  C CB  . GLU A 1 37  ? 17.073  10.008  9.682   1.000 37.368 ? 383 GLU AAA CB  1 ? 
ATOM   283  C CG  . GLU A 1 37  ? 17.950  10.598  8.593   1.000 41.685 ? 383 GLU AAA CG  1 ? 
ATOM   284  C CD  . GLU A 1 37  ? 19.443  10.420  8.821   1.000 43.511 ? 383 GLU AAA CD  1 ? 
ATOM   285  O OE1 . GLU A 1 37  ? 19.895  10.619  9.970   1.000 44.395 ? 383 GLU AAA OE1 1 ? 
ATOM   286  O OE2 . GLU A 1 37  ? 20.150  10.073  7.856   1.000 45.368 ? 383 GLU AAA OE2 1 ? 
ATOM   287  N N   . ALA A 1 38  ? 15.510  8.020   11.528  1.000 28.858 ? 384 ALA AAA N   1 ? 
ATOM   288  C CA  . ALA A 1 38  ? 15.009  7.615   12.863  1.000 29.631 ? 384 ALA AAA CA  1 ? 
ATOM   289  C C   . ALA A 1 38  ? 15.385  6.155   13.146  1.000 29.413 ? 384 ALA AAA C   1 ? 
ATOM   290  O O   . ALA A 1 38  ? 15.762  5.862   14.293  1.000 30.190 ? 384 ALA AAA O   1 ? 
ATOM   291  C CB  . ALA A 1 38  ? 13.518  7.829   12.955  1.000 29.665 ? 384 ALA AAA CB  1 ? 
ATOM   292  N N   . LEU A 1 39  ? 15.302  5.278   12.137  1.000 27.194 ? 385 LEU AAA N   1 ? 
ATOM   293  C CA  . LEU A 1 39  ? 15.448  3.805   12.300  1.000 25.900 ? 385 LEU AAA CA  1 ? 
ATOM   294  C C   . LEU A 1 39  ? 16.854  3.336   11.899  1.000 24.612 ? 385 LEU AAA C   1 ? 
ATOM   295  O O   . LEU A 1 39  ? 17.150  2.150   12.122  1.000 25.747 ? 385 LEU AAA O   1 ? 
ATOM   296  C CB  . LEU A 1 39  ? 14.380  3.113   11.448  1.000 25.979 ? 385 LEU AAA CB  1 ? 
ATOM   297  C CG  . LEU A 1 39  ? 12.939  3.316   11.914  1.000 26.972 ? 385 LEU AAA CG  1 ? 
ATOM   298  C CD1 . LEU A 1 39  ? 11.959  2.885   10.835  1.000 28.629 ? 385 LEU AAA CD1 1 ? 
ATOM   299  C CD2 . LEU A 1 39  ? 12.676  2.565   13.209  1.000 29.080 ? 385 LEU AAA CD2 1 ? 
ATOM   300  N N   . GLY A 1 40  ? 17.674  4.222   11.327  1.000 25.224 ? 386 GLY AAA N   1 ? 
ATOM   301  C CA  . GLY A 1 40  ? 19.059  3.929   10.909  1.000 24.753 ? 386 GLY AAA CA  1 ? 
ATOM   302  C C   . GLY A 1 40  ? 19.113  2.915   9.780   1.000 25.482 ? 386 GLY AAA C   1 ? 
ATOM   303  O O   . GLY A 1 40  ? 20.065  2.117   9.743   1.000 25.809 ? 386 GLY AAA O   1 ? 
ATOM   304  N N   . LEU A 1 41  ? 18.125  2.930   8.882   1.000 24.262 ? 387 LEU AAA N   1 ? 
ATOM   305  C CA  . LEU A 1 41  ? 18.038  1.954   7.766   1.000 23.404 ? 387 LEU AAA CA  1 ? 
ATOM   306  C C   . LEU A 1 41  ? 18.769  2.530   6.552   1.000 24.274 ? 387 LEU AAA C   1 ? 
ATOM   307  O O   . LEU A 1 41  ? 18.127  2.773   5.525   1.000 23.669 ? 387 LEU AAA O   1 ? 
ATOM   308  C CB  . LEU A 1 41  ? 16.563  1.662   7.470   1.000 23.670 ? 387 LEU AAA CB  1 ? 
ATOM   309  C CG  . LEU A 1 41  ? 15.742  1.183   8.665   1.000 24.345 ? 387 LEU AAA CG  1 ? 
ATOM   310  C CD1 . LEU A 1 41  ? 14.297  0.941   8.254   1.000 24.810 ? 387 LEU AAA CD1 1 ? 
ATOM   311  C CD2 . LEU A 1 41  ? 16.342  -0.073  9.282   1.000 25.640 ? 387 LEU AAA CD2 1 ? 
ATOM   312  N N   . HIS A 1 42  ? 20.086  2.721   6.664   1.000 22.883 ? 388 HIS AAA N   1 ? 
ATOM   313  C CA  . HIS A 1 42  ? 20.898  3.436   5.644   1.000 24.730 ? 388 HIS AAA CA  1 ? 
ATOM   314  C C   . HIS A 1 42  ? 21.179  2.524   4.439   1.000 25.238 ? 388 HIS AAA C   1 ? 
ATOM   315  O O   . HIS A 1 42  ? 21.916  2.974   3.541   1.000 27.922 ? 388 HIS AAA O   1 ? 
ATOM   316  C CB  . HIS A 1 42  ? 22.160  4.019   6.300   1.000 24.535 ? 388 HIS AAA CB  1 ? 
ATOM   317  C CG  . HIS A 1 42  ? 21.853  4.930   7.442   1.000 26.784 ? 388 HIS AAA CG  1 ? 
ATOM   318  N ND1 . HIS A 1 42  ? 21.282  6.173   7.257   1.000 27.557 ? 388 HIS AAA ND1 1 ? 
ATOM   319  C CD2 . HIS A 1 42  ? 22.001  4.780   8.776   1.000 27.006 ? 388 HIS AAA CD2 1 ? 
ATOM   320  C CE1 . HIS A 1 42  ? 21.098  6.751   8.427   1.000 28.123 ? 388 HIS AAA CE1 1 ? 
ATOM   321  N NE2 . HIS A 1 42  ? 21.531  5.915   9.377   1.000 28.479 ? 388 HIS AAA NE2 1 ? 
ATOM   322  N N   . ASP A 1 43  ? 20.593  1.317   4.402   1.000 23.277 ? 389 ASP AAA N   1 ? 
ATOM   323  C CA  . ASP A 1 43  ? 20.647  0.365   3.256   1.000 22.788 ? 389 ASP AAA CA  1 ? 
ATOM   324  C C   . ASP A 1 43  ? 19.317  0.382   2.486   1.000 22.219 ? 389 ASP AAA C   1 ? 
ATOM   325  O O   . ASP A 1 43  ? 19.258  -0.224  1.401   1.000 22.631 ? 389 ASP AAA O   1 ? 
ATOM   326  C CB  . ASP A 1 43  ? 20.975  -1.063  3.711   1.000 23.202 ? 389 ASP AAA CB  1 ? 
ATOM   327  C CG  . ASP A 1 43  ? 20.011  -1.660  4.726   1.000 21.965 ? 389 ASP AAA CG  1 ? 
ATOM   328  O OD1 . ASP A 1 43  ? 19.163  -0.908  5.243   1.000 22.652 ? 389 ASP AAA OD1 1 ? 
ATOM   329  O OD2 . ASP A 1 43  ? 20.131  -2.868  5.002   1.000 26.100 ? 389 ASP AAA OD2 1 ? 
ATOM   330  N N   . TYR A 1 44  ? 18.286  1.038   3.019   1.000 22.352 ? 390 TYR AAA N   1 ? 
ATOM   331  C CA  . TYR A 1 44  ? 16.903  0.979   2.468   1.000 21.992 ? 390 TYR AAA CA  1 ? 
ATOM   332  C C   . TYR A 1 44  ? 16.879  1.575   1.055   1.000 23.479 ? 390 TYR AAA C   1 ? 
ATOM   333  O O   . TYR A 1 44  ? 16.312  0.947   0.150   1.000 21.256 ? 390 TYR AAA O   1 ? 
ATOM   334  C CB  . TYR A 1 44  ? 15.925  1.682   3.410   1.000 22.362 ? 390 TYR AAA CB  1 ? 
ATOM   335  C CG  . TYR A 1 44  ? 14.486  1.718   2.954   1.000 23.062 ? 390 TYR AAA CG  1 ? 
ATOM   336  C CD1 . TYR A 1 44  ? 13.691  0.584   2.968   1.000 23.554 ? 390 TYR AAA CD1 1 ? 
ATOM   337  C CD2 . TYR A 1 44  ? 13.905  2.914   2.564   1.000 23.385 ? 390 TYR AAA CD2 1 ? 
ATOM   338  C CE1 . TYR A 1 44  ? 12.364  0.634   2.565   1.000 23.680 ? 390 TYR AAA CE1 1 ? 
ATOM   339  C CE2 . TYR A 1 44  ? 12.579  2.984   2.169   1.000 25.592 ? 390 TYR AAA CE2 1 ? 
ATOM   340  C CZ  . TYR A 1 44  ? 11.807  1.838   2.166   1.000 23.833 ? 390 TYR AAA CZ  1 ? 
ATOM   341  O OH  . TYR A 1 44  ? 10.498  1.924   1.786   1.000 25.021 ? 390 TYR AAA OH  1 ? 
ATOM   342  N N   . CYS A 1 45  ? 17.491  2.742   0.854   1.000 25.213 ? 391 CYS AAA N   1 ? 
ATOM   343  C CA  . CYS A 1 45  ? 17.456  3.465   -0.448  1.000 29.000 ? 391 CYS AAA CA  1 ? 
ATOM   344  C C   . CYS A 1 45  ? 18.294  2.720   -1.500  1.000 27.432 ? 391 CYS AAA C   1 ? 
ATOM   345  O O   . CYS A 1 45  ? 18.030  2.918   -2.705  1.000 28.968 ? 391 CYS AAA O   1 ? 
ATOM   346  C CB  . CYS A 1 45  ? 17.888  4.917   -0.278  1.000 36.504 ? 391 CYS AAA CB  1 ? 
ATOM   347  S SG  . CYS A 1 45  ? 16.655  5.903   0.615   1.000 45.832 ? 391 CYS AAA SG  1 ? 
ATOM   348  N N   . ASP A 1 46  ? 19.241  1.877   -1.077  1.000 24.782 ? 392 ASP AAA N   1 ? 
ATOM   349  C CA  . ASP A 1 46  ? 20.069  1.028   -1.979  1.000 23.706 ? 392 ASP AAA CA  1 ? 
ATOM   350  C C   . ASP A 1 46  ? 19.248  -0.165  -2.486  1.000 24.275 ? 392 ASP AAA C   1 ? 
ATOM   351  O O   . ASP A 1 46  ? 19.399  -0.523  -3.670  1.000 27.687 ? 392 ASP AAA O   1 ? 
ATOM   352  C CB  . ASP A 1 46  ? 21.331  0.512   -1.281  1.000 23.350 ? 392 ASP AAA CB  1 ? 
ATOM   353  C CG  . ASP A 1 46  ? 22.380  1.573   -1.009  1.000 24.271 ? 392 ASP AAA CG  1 ? 
ATOM   354  O OD1 . ASP A 1 46  ? 22.275  2.673   -1.583  1.000 25.968 ? 392 ASP AAA OD1 1 ? 
ATOM   355  O OD2 . ASP A 1 46  ? 23.294  1.283   -0.212  1.000 22.903 ? 392 ASP AAA OD2 1 ? 
ATOM   356  N N   . ILE A 1 47  ? 18.452  -0.781  -1.607  1.000 22.875 ? 393 ILE AAA N   1 ? 
ATOM   357  C CA  . ILE A 1 47  ? 17.704  -2.045  -1.882  1.000 23.279 ? 393 ILE AAA CA  1 ? 
ATOM   358  C C   . ILE A 1 47  ? 16.348  -1.710  -2.516  1.000 23.644 ? 393 ILE AAA C   1 ? 
ATOM   359  O O   . ILE A 1 47  ? 15.944  -2.426  -3.461  1.000 22.918 ? 393 ILE AAA O   1 ? 
ATOM   360  C CB  . ILE A 1 47  ? 17.561  -2.875  -0.589  1.000 24.449 ? 393 ILE AAA CB  1 ? 
ATOM   361  C CG1 . ILE A 1 47  ? 18.931  -3.312  -0.061  1.000 25.495 ? 393 ILE AAA CG1 1 ? 
ATOM   362  C CG2 . ILE A 1 47  ? 16.630  -4.062  -0.803  1.000 24.600 ? 393 ILE AAA CG2 1 ? 
ATOM   363  C CD1 . ILE A 1 47  ? 18.918  -3.824  1.360   1.000 26.819 ? 393 ILE AAA CD1 1 ? 
ATOM   364  N N   . ILE A 1 48  ? 15.676  -0.675  -2.011  1.000 22.086 ? 394 ILE AAA N   1 ? 
ATOM   365  C CA  . ILE A 1 48  ? 14.312  -0.253  -2.453  1.000 22.071 ? 394 ILE AAA CA  1 ? 
ATOM   366  C C   . ILE A 1 48  ? 14.443  1.027   -3.286  1.000 22.720 ? 394 ILE AAA C   1 ? 
ATOM   367  O O   . ILE A 1 48  ? 14.541  2.124   -2.695  1.000 24.154 ? 394 ILE AAA O   1 ? 
ATOM   368  C CB  . ILE A 1 48  ? 13.382  -0.066  -1.239  1.000 21.950 ? 394 ILE AAA CB  1 ? 
ATOM   369  C CG1 . ILE A 1 48  ? 13.308  -1.329  -0.374  1.000 21.430 ? 394 ILE AAA CG1 1 ? 
ATOM   370  C CG2 . ILE A 1 48  ? 12.006  0.400   -1.685  1.000 22.440 ? 394 ILE AAA CG2 1 ? 
ATOM   371  C CD1 . ILE A 1 48  ? 12.830  -2.563  -1.113  1.000 20.960 ? 394 ILE AAA CD1 1 ? 
ATOM   372  N N   . LYS A 1 49  ? 14.433  0.882   -4.612  1.000 25.029 ? 395 LYS AAA N   1 ? 
ATOM   373  C CA  . LYS A 1 49  ? 14.655  1.998   -5.567  1.000 28.188 ? 395 LYS AAA CA  1 ? 
ATOM   374  C C   . LYS A 1 49  ? 13.389  2.856   -5.655  1.000 25.858 ? 395 LYS AAA C   1 ? 
ATOM   375  O O   . LYS A 1 49  ? 13.514  4.055   -5.930  1.000 26.573 ? 395 LYS AAA O   1 ? 
ATOM   376  C CB  . LYS A 1 49  ? 15.094  1.442   -6.925  1.000 33.327 ? 395 LYS AAA CB  1 ? 
ATOM   377  C CG  . LYS A 1 49  ? 16.444  0.736   -6.920  1.000 37.582 ? 395 LYS AAA CG  1 ? 
ATOM   378  C CD  . LYS A 1 49  ? 17.569  1.572   -6.333  1.000 41.962 ? 395 LYS AAA CD  1 ? 
ATOM   379  C CE  . LYS A 1 49  ? 18.943  0.991   -6.583  1.000 46.470 ? 395 LYS AAA CE  1 ? 
ATOM   380  N NZ  . LYS A 1 49  ? 20.005  1.829   -5.979  1.000 48.425 ? 395 LYS AAA NZ  1 ? 
ATOM   381  N N   . HIS A 1 50  ? 12.213  2.273   -5.403  1.000 24.392 ? 396 HIS AAA N   1 ? 
ATOM   382  C CA  . HIS A 1 50  ? 10.911  2.984   -5.504  1.000 24.913 ? 396 HIS AAA CA  1 ? 
ATOM   383  C C   . HIS A 1 50  ? 10.104  2.763   -4.227  1.000 23.532 ? 396 HIS AAA C   1 ? 
ATOM   384  O O   . HIS A 1 50  ? 9.166   1.969   -4.212  1.000 22.513 ? 396 HIS AAA O   1 ? 
ATOM   385  C CB  . HIS A 1 50  ? 10.178  2.542   -6.776  1.000 27.381 ? 396 HIS AAA CB  1 ? 
ATOM   386  C CG  . HIS A 1 50  ? 10.956  2.813   -8.020  1.000 31.397 ? 396 HIS AAA CG  1 ? 
ATOM   387  N ND1 . HIS A 1 50  ? 11.123  4.092   -8.520  1.000 35.175 ? 396 HIS AAA ND1 1 ? 
ATOM   388  C CD2 . HIS A 1 50  ? 11.629  1.987   -8.850  1.000 34.029 ? 396 HIS AAA CD2 1 ? 
ATOM   389  C CE1 . HIS A 1 50  ? 11.854  4.039   -9.616  1.000 34.906 ? 396 HIS AAA CE1 1 ? 
ATOM   390  N NE2 . HIS A 1 50  ? 12.179  2.759   -9.840  1.000 35.795 ? 396 HIS AAA NE2 1 ? 
ATOM   391  N N   . PRO A 1 51  ? 10.437  3.460   -3.116  1.000 21.687 ? 397 PRO AAA N   1 ? 
ATOM   392  C CA  . PRO A 1 51  ? 9.654   3.351   -1.887  1.000 21.174 ? 397 PRO AAA CA  1 ? 
ATOM   393  C C   . PRO A 1 51  ? 8.195   3.782   -2.104  1.000 21.406 ? 397 PRO AAA C   1 ? 
ATOM   394  O O   . PRO A 1 51  ? 7.921   4.635   -2.939  1.000 20.466 ? 397 PRO AAA O   1 ? 
ATOM   395  C CB  . PRO A 1 51  ? 10.353  4.267   -0.871  1.000 23.427 ? 397 PRO AAA CB  1 ? 
ATOM   396  C CG  . PRO A 1 51  ? 11.335  5.096   -1.680  1.000 24.678 ? 397 PRO AAA CG  1 ? 
ATOM   397  C CD  . PRO A 1 51  ? 11.602  4.343   -2.965  1.000 23.319 ? 397 PRO AAA CD  1 ? 
ATOM   398  N N   . MET A 1 52  ? 7.276   3.165   -1.366  1.000 20.292 ? 398 MET AAA N   1 ? 
ATOM   399  C CA  . MET A 1 52  ? 5.831   3.486   -1.464  1.000 19.132 ? 398 MET AAA CA  1 ? 
ATOM   400  C C   . MET A 1 52  ? 5.154   3.168   -0.129  1.000 18.980 ? 398 MET AAA C   1 ? 
ATOM   401  O O   . MET A 1 52  ? 5.598   2.242   0.568   1.000 20.078 ? 398 MET AAA O   1 ? 
ATOM   402  C CB  . MET A 1 52  ? 5.173   2.696   -2.600  1.000 20.415 ? 398 MET AAA CB  1 ? 
ATOM   403  C CG  . MET A 1 52  ? 3.762   3.147   -2.946  1.000 21.528 ? 398 MET AAA CG  1 ? 
ATOM   404  S SD  . MET A 1 52  ? 3.573   4.938   -3.199  1.000 22.444 ? 398 MET AAA SD  1 ? 
ATOM   405  C CE  . MET A 1 52  ? 4.715   5.218   -4.553  1.000 24.668 ? 398 MET AAA CE  1 ? 
ATOM   406  N N   . ASP A 1 53  ? 4.123   3.942   0.203   1.000 18.111 ? 399 ASP AAA N   1 ? 
ATOM   407  C CA  . ASP A 1 53  ? 3.353   3.824   1.464   1.000 18.003 ? 399 ASP AAA CA  1 ? 
ATOM   408  C C   . ASP A 1 53  ? 1.941   4.349   1.208   1.000 16.980 ? 399 ASP AAA C   1 ? 
ATOM   409  O O   . ASP A 1 53  ? 1.721   4.986   0.152   1.000 18.035 ? 399 ASP AAA O   1 ? 
ATOM   410  C CB  . ASP A 1 53  ? 4.012   4.614   2.591   1.000 19.191 ? 399 ASP AAA CB  1 ? 
ATOM   411  C CG  . ASP A 1 53  ? 3.973   6.101   2.308   1.000 20.292 ? 399 ASP AAA CG  1 ? 
ATOM   412  O OD1 . ASP A 1 53  ? 4.864   6.566   1.565   1.000 21.481 ? 399 ASP AAA OD1 1 ? 
ATOM   413  O OD2 . ASP A 1 53  ? 3.010   6.753   2.761   1.000 21.296 ? 399 ASP AAA OD2 1 ? 
ATOM   414  N N   . MET A 1 54  ? 1.034   4.131   2.156   1.000 17.118 ? 400 MET AAA N   1 ? 
ATOM   415  C CA  . MET A 1 54  ? -0.409  4.417   1.970   1.000 17.242 ? 400 MET AAA CA  1 ? 
ATOM   416  C C   . MET A 1 54  ? -0.674  5.925   1.892   1.000 19.138 ? 400 MET AAA C   1 ? 
ATOM   417  O O   . MET A 1 54  ? -1.542  6.306   1.101   1.000 19.226 ? 400 MET AAA O   1 ? 
ATOM   418  C CB  . MET A 1 54  ? -1.219  3.780   3.095   1.000 17.484 ? 400 MET AAA CB  1 ? 
ATOM   419  C CG  . MET A 1 54  ? -1.256  2.278   2.952   1.000 17.438 ? 400 MET AAA CG  1 ? 
ATOM   420  S SD  . MET A 1 54  ? -1.903  1.470   4.413   1.000 18.395 ? 400 MET AAA SD  1 ? 
ATOM   421  C CE  . MET A 1 54  ? -3.471  2.318   4.590   1.000 18.073 ? 400 MET AAA CE  1 ? 
ATOM   422  N N   . SER A 1 55  ? 0.033   6.751   2.667   1.000 19.961 ? 401 SER AAA N   1 ? 
ATOM   423  C CA  . SER A 1 55  ? -0.145  8.230   2.642   1.000 20.537 ? 401 SER AAA CA  1 ? 
ATOM   424  C C   . SER A 1 55  ? 0.298   8.783   1.282   1.000 20.549 ? 401 SER AAA C   1 ? 
ATOM   425  O O   . SER A 1 55  ? -0.399  9.679   0.759   1.000 22.184 ? 401 SER AAA O   1 ? 
ATOM   426  C CB  . SER A 1 55  ? 0.568   8.895   3.785   1.000 21.312 ? 401 SER AAA CB  1 ? 
ATOM   427  O OG  . SER A 1 55  ? -0.122  8.642   5.001   1.000 23.558 ? 401 SER AAA OG  1 ? 
ATOM   428  N N   . THR A 1 56  ? 1.377   8.245   0.712   1.000 19.403 ? 402 THR AAA N   1 ? 
ATOM   429  C CA  . THR A 1 56  ? 1.886   8.642   -0.629  1.000 20.790 ? 402 THR AAA CA  1 ? 
ATOM   430  C C   . THR A 1 56  ? 0.845   8.258   -1.686  1.000 21.567 ? 402 THR AAA C   1 ? 
ATOM   431  O O   . THR A 1 56  ? 0.553   9.094   -2.560  1.000 23.610 ? 402 THR AAA O   1 ? 
ATOM   432  C CB  . THR A 1 56  ? 3.261   8.033   -0.917  1.000 22.273 ? 402 THR AAA CB  1 ? 
ATOM   433  O OG1 . THR A 1 56  ? 4.150   8.572   0.061   1.000 24.032 ? 402 THR AAA OG1 1 ? 
ATOM   434  C CG2 . THR A 1 56  ? 3.762   8.343   -2.310  1.000 22.544 ? 402 THR AAA CG2 1 ? 
ATOM   435  N N   . ILE A 1 57  ? 0.303   7.039   -1.612  1.000 22.070 ? 403 ILE AAA N   1 ? 
ATOM   436  C CA  . ILE A 1 57  ? -0.742  6.556   -2.562  1.000 21.013 ? 403 ILE AAA CA  1 ? 
ATOM   437  C C   . ILE A 1 57  ? -1.971  7.468   -2.448  1.000 21.573 ? 403 ILE AAA C   1 ? 
ATOM   438  O O   . ILE A 1 57  ? -2.519  7.840   -3.496  1.000 23.053 ? 403 ILE AAA O   1 ? 
ATOM   439  C CB  . ILE A 1 57  ? -1.094  5.074   -2.310  1.000 20.514 ? 403 ILE AAA CB  1 ? 
ATOM   440  C CG1 . ILE A 1 57  ? 0.087   4.160   -2.636  1.000 20.024 ? 403 ILE AAA CG1 1 ? 
ATOM   441  C CG2 . ILE A 1 57  ? -2.341  4.680   -3.091  1.000 21.657 ? 403 ILE AAA CG2 1 ? 
ATOM   442  C CD1 . ILE A 1 57  ? -0.088  2.727   -2.177  1.000 20.799 ? 403 ILE AAA CD1 1 ? 
ATOM   443  N N   . LYS A 1 58  ? -2.390  7.804   -1.227  1.000 21.610 ? 404 LYS AAA N   1 ? 
ATOM   444  C CA  . LYS A 1 58  ? -3.561  8.685   -0.974  1.000 22.683 ? 404 LYS AAA CA  1 ? 
ATOM   445  C C   . LYS A 1 58  ? -3.330  10.035  -1.665  1.000 22.218 ? 404 LYS AAA C   1 ? 
ATOM   446  O O   . LYS A 1 58  ? -4.234  10.493  -2.381  1.000 22.974 ? 404 LYS AAA O   1 ? 
ATOM   447  C CB  . LYS A 1 58  ? -3.802  8.874   0.525   1.000 25.151 ? 404 LYS AAA CB  1 ? 
ATOM   448  C CG  . LYS A 1 58  ? -5.057  9.663   0.868   1.000 27.036 ? 404 LYS AAA CG  1 ? 
ATOM   449  C CD  . LYS A 1 58  ? -5.374  9.672   2.340   1.000 31.059 ? 404 LYS AAA CD  1 ? 
ATOM   450  C CE  . LYS A 1 58  ? -6.641  10.436  2.659   1.000 34.094 ? 404 LYS AAA CE  1 ? 
ATOM   451  N NZ  . LYS A 1 58  ? -6.830  10.582  4.120   1.000 38.130 ? 404 LYS AAA NZ  1 ? 
ATOM   452  N N   . SER A 1 59  ? -2.154  10.634  -1.468  1.000 22.999 ? 405 SER AAA N   1 ? 
ATOM   453  C CA  . SER A 1 59  ? -1.779  11.939  -2.074  1.000 23.537 ? 405 SER AAA CA  1 ? 
ATOM   454  C C   . SER A 1 59  ? -1.821  11.844  -3.603  1.000 24.351 ? 405 SER AAA C   1 ? 
ATOM   455  O O   . SER A 1 59  ? -2.361  12.771  -4.231  1.000 27.726 ? 405 SER AAA O   1 ? 
ATOM   456  C CB  . SER A 1 59  ? -0.441  12.401  -1.573  1.000 23.787 ? 405 SER AAA CB  1 ? 
ATOM   457  O OG  . SER A 1 59  ? -0.533  12.723  -0.191  1.000 27.061 ? 405 SER AAA OG  1 ? 
ATOM   458  N N   . LYS A 1 60  ? -1.297  10.760  -4.177  1.000 24.790 ? 406 LYS AAA N   1 ? 
ATOM   459  C CA  . LYS A 1 60  ? -1.253  10.544  -5.650  1.000 24.082 ? 406 LYS AAA CA  1 ? 
ATOM   460  C C   . LYS A 1 60  ? -2.677  10.394  -6.199  1.000 26.365 ? 406 LYS AAA C   1 ? 
ATOM   461  O O   . LYS A 1 60  ? -2.950  10.934  -7.294  1.000 26.332 ? 406 LYS AAA O   1 ? 
ATOM   462  C CB  . LYS A 1 60  ? -0.388  9.329   -5.992  1.000 23.905 ? 406 LYS AAA CB  1 ? 
ATOM   463  C CG  . LYS A 1 60  ? 1.108   9.529   -5.790  1.000 25.035 ? 406 LYS AAA CG  1 ? 
ATOM   464  C CD  . LYS A 1 60  ? 1.956   8.357   -6.229  1.000 26.121 ? 406 LYS AAA CD  1 ? 
ATOM   465  C CE  . LYS A 1 60  ? 1.887   8.091   -7.718  1.000 26.785 ? 406 LYS AAA CE  1 ? 
ATOM   466  N NZ  . LYS A 1 60  ? 2.882   7.081   -8.142  1.000 28.235 ? 406 LYS AAA NZ  1 ? 
ATOM   467  N N   . LEU A 1 61  ? -3.549  9.678   -5.484  1.000 24.996 ? 407 LEU AAA N   1 ? 
ATOM   468  C CA  . LEU A 1 61  ? -4.975  9.496   -5.866  1.000 27.306 ? 407 LEU AAA CA  1 ? 
ATOM   469  C C   . LEU A 1 61  ? -5.670  10.861  -5.849  1.000 29.758 ? 407 LEU AAA C   1 ? 
ATOM   470  O O   . LEU A 1 61  ? -6.398  11.164  -6.812  1.000 31.821 ? 407 LEU AAA O   1 ? 
ATOM   471  C CB  . LEU A 1 61  ? -5.635  8.511   -4.897  1.000 28.061 ? 407 LEU AAA CB  1 ? 
ATOM   472  C CG  . LEU A 1 61  ? -6.948  7.882   -5.362  1.000 29.848 ? 407 LEU AAA CG  1 ? 
ATOM   473  C CD1 . LEU A 1 61  ? -6.790  7.156   -6.691  1.000 29.117 ? 407 LEU AAA CD1 1 ? 
ATOM   474  C CD2 . LEU A 1 61  ? -7.472  6.924   -4.304  1.000 30.016 ? 407 LEU AAA CD2 1 ? 
ATOM   475  N N   . GLU A 1 62  ? -5.432  11.658  -4.802  1.000 30.623 ? 408 GLU AAA N   1 ? 
ATOM   476  C CA  . GLU A 1 62  ? -6.036  13.008  -4.626  1.000 33.974 ? 408 GLU AAA CA  1 ? 
ATOM   477  C C   . GLU A 1 62  ? -5.531  13.957  -5.723  1.000 34.073 ? 408 GLU AAA C   1 ? 
ATOM   478  O O   . GLU A 1 62  ? -6.307  14.850  -6.110  1.000 38.361 ? 408 GLU AAA O   1 ? 
ATOM   479  C CB  . GLU A 1 62  ? -5.748  13.544  -3.222  1.000 36.556 ? 408 GLU AAA CB  1 ? 
ATOM   480  C CG  . GLU A 1 62  ? -6.632  12.918  -2.157  1.000 39.851 ? 408 GLU AAA CG  1 ? 
ATOM   481  C CD  . GLU A 1 62  ? -6.280  13.266  -0.719  1.000 42.528 ? 408 GLU AAA CD  1 ? 
ATOM   482  O OE1 . GLU A 1 62  ? -5.222  13.893  -0.498  1.000 46.339 ? 408 GLU AAA OE1 1 ? 
ATOM   483  O OE2 . GLU A 1 62  ? -7.067  12.909  0.177   1.000 46.256 ? 408 GLU AAA OE2 1 ? 
ATOM   484  N N   . ALA A 1 63  ? -4.302  13.760  -6.217  1.000 33.381 ? 409 ALA AAA N   1 ? 
ATOM   485  C CA  . ALA A 1 63  ? -3.646  14.602  -7.251  1.000 32.882 ? 409 ALA AAA CA  1 ? 
ATOM   486  C C   . ALA A 1 63  ? -3.804  13.990  -8.654  1.000 34.583 ? 409 ALA AAA C   1 ? 
ATOM   487  O O   . ALA A 1 63  ? -3.095  14.449  -9.580  1.000 35.396 ? 409 ALA AAA O   1 ? 
ATOM   488  C CB  . ALA A 1 63  ? -2.191  14.788  -6.902  1.000 33.277 ? 409 ALA AAA CB  1 ? 
ATOM   489  N N   . ARG A 1 64  ? -4.686  12.996  -8.810  1.000 33.901 ? 410 ARG AAA N   1 ? 
ATOM   490  C CA  . ARG A 1 64  ? -5.034  12.351  -10.109 1.000 33.445 ? 410 ARG AAA CA  1 ? 
ATOM   491  C C   . ARG A 1 64  ? -3.767  11.877  -10.837 1.000 35.215 ? 410 ARG AAA C   1 ? 
ATOM   492  O O   . ARG A 1 64  ? -3.665  12.091  -12.063 1.000 36.523 ? 410 ARG AAA O   1 ? 
ATOM   493  C CB  . ARG A 1 64  ? -5.847  13.320  -10.972 1.000 36.032 ? 410 ARG AAA CB  1 ? 
ATOM   494  C CG  . ARG A 1 64  ? -7.058  13.904  -10.261 1.000 36.905 ? 410 ARG AAA CG  1 ? 
ATOM   495  C CD  . ARG A 1 64  ? -7.850  14.835  -11.158 1.000 38.847 ? 410 ARG AAA CD  1 ? 
ATOM   496  N NE  . ARG A 1 64  ? -8.546  14.109  -12.212 1.000 40.447 ? 410 ARG AAA NE  1 ? 
ATOM   497  C CZ  . ARG A 1 64  ? -9.221  14.672  -13.212 1.000 41.363 ? 410 ARG AAA CZ  1 ? 
ATOM   498  N NH1 . ARG A 1 64  ? -9.298  15.989  -13.317 1.000 42.288 ? 410 ARG AAA NH1 1 ? 
ATOM   499  N NH2 . ARG A 1 64  ? -9.816  13.907  -14.111 1.000 42.720 ? 410 ARG AAA NH2 1 ? 
ATOM   500  N N   . GLU A 1 65  ? -2.848  11.228  -10.118 1.000 30.544 ? 411 GLU AAA N   1 ? 
ATOM   501  C CA  . GLU A 1 65  ? -1.581  10.699  -10.689 1.000 29.874 ? 411 GLU AAA CA  1 ? 
ATOM   502  C C   . GLU A 1 65  ? -1.784  9.265   -11.196 1.000 27.936 ? 411 GLU AAA C   1 ? 
ATOM   503  O O   . GLU A 1 65  ? -0.834  8.726   -11.804 1.000 29.638 ? 411 GLU AAA O   1 ? 
ATOM   504  C CB  . GLU A 1 65  ? -0.466  10.764  -9.647  1.000 31.586 ? 411 GLU AAA CB  1 ? 
ATOM   505  C CG  . GLU A 1 65  ? -0.171  12.177  -9.183  1.000 32.500 ? 411 GLU AAA CG  1 ? 
ATOM   506  C CD  . GLU A 1 65  ? 1.128   12.340  -8.418  1.000 33.335 ? 411 GLU AAA CD  1 ? 
ATOM   507  O OE1 . GLU A 1 65  ? 2.089   11.589  -8.702  1.000 35.968 ? 411 GLU AAA OE1 1 ? 
ATOM   508  O OE2 . GLU A 1 65  ? 1.180   13.217  -7.541  1.000 37.224 ? 411 GLU AAA OE2 1 ? 
ATOM   509  N N   . TYR A 1 66  ? -2.958  8.669   -10.954 1.000 25.954 ? 412 TYR AAA N   1 ? 
ATOM   510  C CA  . TYR A 1 66  ? -3.338  7.326   -11.468 1.000 24.319 ? 412 TYR AAA CA  1 ? 
ATOM   511  C C   . TYR A 1 66  ? -4.366  7.488   -12.592 1.000 23.802 ? 412 TYR AAA C   1 ? 
ATOM   512  O O   . TYR A 1 66  ? -5.439  8.073   -12.355 1.000 24.730 ? 412 TYR AAA O   1 ? 
ATOM   513  C CB  . TYR A 1 66  ? -3.897  6.440   -10.351 1.000 23.134 ? 412 TYR AAA CB  1 ? 
ATOM   514  C CG  . TYR A 1 66  ? -2.971  6.253   -9.176  1.000 21.902 ? 412 TYR AAA CG  1 ? 
ATOM   515  C CD1 . TYR A 1 66  ? -1.709  5.708   -9.342  1.000 21.411 ? 412 TYR AAA CD1 1 ? 
ATOM   516  C CD2 . TYR A 1 66  ? -3.360  6.610   -7.893  1.000 22.322 ? 412 TYR AAA CD2 1 ? 
ATOM   517  C CE1 . TYR A 1 66  ? -0.851  5.528   -8.267  1.000 22.529 ? 412 TYR AAA CE1 1 ? 
ATOM   518  C CE2 . TYR A 1 66  ? -2.516  6.436   -6.807  1.000 21.961 ? 412 TYR AAA CE2 1 ? 
ATOM   519  C CZ  . TYR A 1 66  ? -1.259  5.891   -6.994  1.000 21.974 ? 412 TYR AAA CZ  1 ? 
ATOM   520  O OH  . TYR A 1 66  ? -0.425  5.725   -5.927  1.000 21.889 ? 412 TYR AAA OH  1 ? 
ATOM   521  N N   . ARG A 1 67  ? -4.045  6.972   -13.779 1.000 23.551 ? 413 ARG AAA N   1 ? 
ATOM   522  C CA  . ARG A 1 67  ? -4.928  7.027   -14.976 1.000 24.453 ? 413 ARG AAA CA  1 ? 
ATOM   523  C C   . ARG A 1 67  ? -6.106  6.062   -14.811 1.000 24.682 ? 413 ARG AAA C   1 ? 
ATOM   524  O O   . ARG A 1 67  ? -7.166  6.317   -15.412 1.000 26.266 ? 413 ARG AAA O   1 ? 
ATOM   525  C CB  . ARG A 1 67  ? -4.149  6.674   -16.243 1.000 25.087 ? 413 ARG AAA CB  1 ? 
ATOM   526  C CG  . ARG A 1 67  ? -3.128  7.724   -16.653 1.000 26.761 ? 413 ARG AAA CG  1 ? 
ATOM   527  C CD  . ARG A 1 67  ? -2.606  7.452   -18.047 1.000 27.174 ? 413 ARG AAA CD  1 ? 
ATOM   528  N NE  . ARG A 1 67  ? -1.948  6.153   -18.150 1.000 27.320 ? 413 ARG AAA NE  1 ? 
ATOM   529  C CZ  . ARG A 1 67  ? -1.626  5.556   -19.293 1.000 28.469 ? 413 ARG AAA CZ  1 ? 
ATOM   530  N NH1 . ARG A 1 67  ? -1.028  4.374   -19.274 1.000 30.295 ? 413 ARG AAA NH1 1 ? 
ATOM   531  N NH2 . ARG A 1 67  ? -1.897  6.135   -20.452 1.000 26.719 ? 413 ARG AAA NH2 1 ? 
ATOM   532  N N   . ASP A 1 68  ? -5.930  4.997   -14.025 1.000 23.998 ? 414 ASP AAA N   1 ? 
ATOM   533  C CA  . ASP A 1 68  ? -6.937  3.921   -13.860 1.000 24.574 ? 414 ASP AAA CA  1 ? 
ATOM   534  C C   . ASP A 1 68  ? -6.610  3.115   -12.600 1.000 22.919 ? 414 ASP AAA C   1 ? 
ATOM   535  O O   . ASP A 1 68  ? -5.577  3.407   -11.956 1.000 21.829 ? 414 ASP AAA O   1 ? 
ATOM   536  C CB  . ASP A 1 68  ? -6.997  3.038   -15.110 1.000 25.226 ? 414 ASP AAA CB  1 ? 
ATOM   537  C CG  . ASP A 1 68  ? -5.668  2.431   -15.522 1.000 29.313 ? 414 ASP AAA CG  1 ? 
ATOM   538  O OD1 . ASP A 1 68  ? -4.814  2.213   -14.639 1.000 28.889 ? 414 ASP AAA OD1 1 ? 
ATOM   539  O OD2 . ASP A 1 68  ? -5.495  2.181   -16.735 1.000 31.707 ? 414 ASP AAA OD2 1 ? 
ATOM   540  N N   . ALA A 1 69  ? -7.468  2.143   -12.277 1.000 22.525 ? 415 ALA AAA N   1 ? 
ATOM   541  C CA  . ALA A 1 69  ? -7.361  1.276   -11.083 1.000 23.114 ? 415 ALA AAA CA  1 ? 
ATOM   542  C C   . ALA A 1 69  ? -6.086  0.430   -11.169 1.000 23.616 ? 415 ALA AAA C   1 ? 
ATOM   543  O O   . ALA A 1 69  ? -5.499  0.155   -10.105 1.000 20.953 ? 415 ALA AAA O   1 ? 
ATOM   544  C CB  . ALA A 1 69  ? -8.591  0.415   -10.952 1.000 23.307 ? 415 ALA AAA CB  1 ? 
ATOM   545  N N   . GLN A 1 70  ? -5.660  0.036   -12.373 1.000 23.178 ? 416 GLN AAA N   1 ? 
ATOM   546  C CA  . GLN A 1 70  ? -4.445  -0.806  -12.545 1.000 25.465 ? 416 GLN AAA CA  1 ? 
ATOM   547  C C   . GLN A 1 70  ? -3.220  -0.023  -12.055 1.000 23.472 ? 416 GLN AAA C   1 ? 
ATOM   548  O O   . GLN A 1 70  ? -2.349  -0.646  -11.425 1.000 22.250 ? 416 GLN AAA O   1 ? 
ATOM   549  C CB  . GLN A 1 70  ? -4.251  -1.285  -13.987 1.000 30.255 ? 416 GLN AAA CB  1 ? 
ATOM   550  C CG  . GLN A 1 70  ? -5.347  -2.202  -14.526 1.000 34.797 ? 416 GLN AAA CG  1 ? 
ATOM   551  C CD  . GLN A 1 70  ? -6.067  -3.042  -13.497 1.000 41.236 ? 416 GLN AAA CD  1 ? 
ATOM   552  O OE1 . GLN A 1 70  ? -5.520  -3.993  -12.941 1.000 40.482 ? 416 GLN AAA OE1 1 ? 
ATOM   553  N NE2 . GLN A 1 70  ? -7.329  -2.715  -13.260 1.000 44.944 ? 416 GLN AAA NE2 1 ? 
ATOM   554  N N   . GLU A 1 71  ? -3.142  1.285   -12.314 1.000 22.008 ? 417 GLU AAA N   1 ? 
ATOM   555  C CA  . GLU A 1 71  ? -1.976  2.108   -11.887 1.000 20.813 ? 417 GLU AAA CA  1 ? 
ATOM   556  C C   . GLU A 1 71  ? -1.993  2.238   -10.357 1.000 20.216 ? 417 GLU AAA C   1 ? 
ATOM   557  O O   . GLU A 1 71  ? -0.914  2.146   -9.740  1.000 19.530 ? 417 GLU AAA O   1 ? 
ATOM   558  C CB  . GLU A 1 71  ? -1.962  3.465   -12.592 1.000 22.952 ? 417 GLU AAA CB  1 ? 
ATOM   559  C CG  . GLU A 1 71  ? -1.483  3.378   -14.030 1.000 25.047 ? 417 GLU AAA CG  1 ? 
ATOM   560  C CD  . GLU A 1 71  ? -1.284  4.719   -14.707 1.000 26.681 ? 417 GLU AAA CD  1 ? 
ATOM   561  O OE1 . GLU A 1 71  ? -1.545  5.756   -14.058 1.000 26.736 ? 417 GLU AAA OE1 1 ? 
ATOM   562  O OE2 . GLU A 1 71  ? -0.867  4.722   -15.885 1.000 31.603 ? 417 GLU AAA OE2 1 ? 
ATOM   563  N N   . PHE A 1 72  ? -3.170  2.439   -9.767  1.000 18.971 ? 418 PHE AAA N   1 ? 
ATOM   564  C CA  . PHE A 1 72  ? -3.360  2.512   -8.295  1.000 19.090 ? 418 PHE AAA CA  1 ? 
ATOM   565  C C   . PHE A 1 72  ? -2.915  1.179   -7.682  1.000 18.866 ? 418 PHE AAA C   1 ? 
ATOM   566  O O   . PHE A 1 72  ? -2.082  1.177   -6.742  1.000 18.742 ? 418 PHE AAA O   1 ? 
ATOM   567  C CB  . PHE A 1 72  ? -4.812  2.848   -7.958  1.000 19.095 ? 418 PHE AAA CB  1 ? 
ATOM   568  C CG  . PHE A 1 72  ? -5.196  2.576   -6.528  1.000 19.387 ? 418 PHE AAA CG  1 ? 
ATOM   569  C CD1 . PHE A 1 72  ? -4.949  3.510   -5.533  1.000 19.375 ? 418 PHE AAA CD1 1 ? 
ATOM   570  C CD2 . PHE A 1 72  ? -5.809  1.384   -6.175  1.000 19.753 ? 418 PHE AAA CD2 1 ? 
ATOM   571  C CE1 . PHE A 1 72  ? -5.321  3.260   -4.220  1.000 20.102 ? 418 PHE AAA CE1 1 ? 
ATOM   572  C CE2 . PHE A 1 72  ? -6.176  1.137   -4.862  1.000 19.489 ? 418 PHE AAA CE2 1 ? 
ATOM   573  C CZ  . PHE A 1 72  ? -5.929  2.074   -3.888  1.000 19.504 ? 418 PHE AAA CZ  1 ? 
ATOM   574  N N   . GLY A 1 73  ? -3.441  0.074   -8.219  1.000 19.672 ? 419 GLY AAA N   1 ? 
ATOM   575  C CA  . GLY A 1 73  ? -3.092  -1.298  -7.798  1.000 19.303 ? 419 GLY AAA CA  1 ? 
ATOM   576  C C   . GLY A 1 73  ? -1.592  -1.541  -7.837  1.000 19.207 ? 419 GLY AAA C   1 ? 
ATOM   577  O O   . GLY A 1 73  ? -1.074  -2.169  -6.890  1.000 18.591 ? 419 GLY AAA O   1 ? 
ATOM   578  N N   . ALA A 1 74  ? -0.910  -1.056  -8.879  1.000 19.356 ? 420 ALA AAA N   1 ? 
ATOM   579  C CA  . ALA A 1 74  ? 0.546   -1.232  -9.078  1.000 19.222 ? 420 ALA AAA CA  1 ? 
ATOM   580  C C   . ALA A 1 74  ? 1.302   -0.609  -7.898  1.000 18.509 ? 420 ALA AAA C   1 ? 
ATOM   581  O O   . ALA A 1 74  ? 2.271   -1.237  -7.418  1.000 19.457 ? 420 ALA AAA O   1 ? 
ATOM   582  C CB  . ALA A 1 74  ? 0.976   -0.638  -10.399 1.000 20.797 ? 420 ALA AAA CB  1 ? 
ATOM   583  N N   . ASP A 1 75  ? 0.876   0.565   -7.427  1.000 17.730 ? 421 ASP AAA N   1 ? 
ATOM   584  C CA  . ASP A 1 75  ? 1.553   1.245   -6.291  1.000 17.765 ? 421 ASP AAA CA  1 ? 
ATOM   585  C C   . ASP A 1 75  ? 1.265   0.487   -4.994  1.000 17.501 ? 421 ASP AAA C   1 ? 
ATOM   586  O O   . ASP A 1 75  ? 2.198   0.367   -4.178  1.000 18.337 ? 421 ASP AAA O   1 ? 
ATOM   587  C CB  . ASP A 1 75  ? 1.172   2.720   -6.167  1.000 18.894 ? 421 ASP AAA CB  1 ? 
ATOM   588  C CG  . ASP A 1 75  ? 2.181   3.659   -6.813  1.000 21.430 ? 421 ASP AAA CG  1 ? 
ATOM   589  O OD1 . ASP A 1 75  ? 3.217   3.169   -7.306  1.000 24.237 ? 421 ASP AAA OD1 1 ? 
ATOM   590  O OD2 . ASP A 1 75  ? 1.925   4.870   -6.797  1.000 22.851 ? 421 ASP AAA OD2 1 ? 
ATOM   591  N N   . VAL A 1 76  ? 0.036   0.002   -4.792  1.000 17.307 ? 422 VAL AAA N   1 ? 
ATOM   592  C CA  . VAL A 1 76  ? -0.283  -0.813  -3.584  1.000 17.393 ? 422 VAL AAA CA  1 ? 
ATOM   593  C C   . VAL A 1 76  ? 0.621   -2.048  -3.584  1.000 18.287 ? 422 VAL AAA C   1 ? 
ATOM   594  O O   . VAL A 1 76  ? 1.198   -2.364  -2.535  1.000 17.922 ? 422 VAL AAA O   1 ? 
ATOM   595  C CB  . VAL A 1 76  ? -1.768  -1.202  -3.512  1.000 16.725 ? 422 VAL AAA CB  1 ? 
ATOM   596  C CG1 . VAL A 1 76  ? -2.013  -2.190  -2.383  1.000 17.056 ? 422 VAL AAA CG1 1 ? 
ATOM   597  C CG2 . VAL A 1 76  ? -2.650  0.027   -3.355  1.000 17.449 ? 422 VAL AAA CG2 1 ? 
ATOM   598  N N   . ARG A 1 77  ? 0.757   -2.723  -4.725  1.000 18.152 ? 423 ARG AAA N   1 ? 
ATOM   599  C CA  . ARG A 1 77  ? 1.551   -3.974  -4.809  1.000 19.426 ? 423 ARG AAA CA  1 ? 
ATOM   600  C C   . ARG A 1 77  ? 3.042   -3.648  -4.688  1.000 19.018 ? 423 ARG AAA C   1 ? 
ATOM   601  O O   . ARG A 1 77  ? 3.764   -4.474  -4.112  1.000 18.030 ? 423 ARG AAA O   1 ? 
ATOM   602  C CB  . ARG A 1 77  ? 1.177   -4.725  -6.081  1.000 21.851 ? 423 ARG AAA CB  1 ? 
ATOM   603  C CG  . ARG A 1 77  ? -0.295  -5.108  -6.091  1.000 23.659 ? 423 ARG AAA CG  1 ? 
ATOM   604  C CD  . ARG A 1 77  ? -0.477  -6.428  -6.772  1.000 25.603 ? 423 ARG AAA CD  1 ? 
ATOM   605  N NE  . ARG A 1 77  ? -1.865  -6.851  -6.809  1.000 21.261 ? 423 ARG AAA NE  1 ? 
ATOM   606  C CZ  . ARG A 1 77  ? -2.731  -6.560  -7.772  1.000 20.376 ? 423 ARG AAA CZ  1 ? 
ATOM   607  N NH1 . ARG A 1 77  ? -2.392  -5.779  -8.786  1.000 20.557 ? 423 ARG AAA NH1 1 ? 
ATOM   608  N NH2 . ARG A 1 77  ? -3.951  -7.058  -7.711  1.000 23.192 ? 423 ARG AAA NH2 1 ? 
ATOM   609  N N   . LEU A 1 78  ? 3.481   -2.484  -5.179  1.000 18.018 ? 424 LEU AAA N   1 ? 
ATOM   610  C CA  . LEU A 1 78  ? 4.878   -2.009  -4.998  1.000 18.158 ? 424 LEU AAA CA  1 ? 
ATOM   611  C C   . LEU A 1 78  ? 5.173   -1.893  -3.497  1.000 17.644 ? 424 LEU AAA C   1 ? 
ATOM   612  O O   . LEU A 1 78  ? 6.213   -2.402  -3.052  1.000 17.743 ? 424 LEU AAA O   1 ? 
ATOM   613  C CB  . LEU A 1 78  ? 5.050   -0.668  -5.717  1.000 19.058 ? 424 LEU AAA CB  1 ? 
ATOM   614  C CG  . LEU A 1 78  ? 6.385   0.039   -5.490  1.000 19.833 ? 424 LEU AAA CG  1 ? 
ATOM   615  C CD1 . LEU A 1 78  ? 7.553   -0.820  -5.957  1.000 21.125 ? 424 LEU AAA CD1 1 ? 
ATOM   616  C CD2 . LEU A 1 78  ? 6.381   1.384   -6.193  1.000 20.633 ? 424 LEU AAA CD2 1 ? 
ATOM   617  N N   . MET A 1 79  ? 4.269   -1.272  -2.741  1.000 17.346 ? 425 MET AAA N   1 ? 
ATOM   618  C CA  . MET A 1 79  ? 4.396   -1.105  -1.274  1.000 17.128 ? 425 MET AAA CA  1 ? 
ATOM   619  C C   . MET A 1 79  ? 4.615   -2.476  -0.613  1.000 16.823 ? 425 MET AAA C   1 ? 
ATOM   620  O O   . MET A 1 79  ? 5.562   -2.618  0.183   1.000 17.362 ? 425 MET AAA O   1 ? 
ATOM   621  C CB  . MET A 1 79  ? 3.140   -0.436  -0.712  1.000 17.131 ? 425 MET AAA CB  1 ? 
ATOM   622  C CG  . MET A 1 79  ? 3.115   -0.367  0.795   1.000 17.817 ? 425 MET AAA CG  1 ? 
ATOM   623  S SD  . MET A 1 79  ? 1.654   0.510   1.361   1.000 18.251 ? 425 MET AAA SD  1 ? 
ATOM   624  C CE  . MET A 1 79  ? 0.427   -0.791  1.234   1.000 20.048 ? 425 MET AAA CE  1 ? 
ATOM   625  N N   . PHE A 1 80  ? 3.801   -3.478  -0.947  1.000 16.266 ? 426 PHE AAA N   1 ? 
ATOM   626  C CA  . PHE A 1 80  ? 3.912   -4.831  -0.342  1.000 16.152 ? 426 PHE AAA CA  1 ? 
ATOM   627  C C   . PHE A 1 80  ? 5.201   -5.506  -0.823  1.000 16.122 ? 426 PHE AAA C   1 ? 
ATOM   628  O O   . PHE A 1 80  ? 5.916   -6.067  0.011   1.000 16.028 ? 426 PHE AAA O   1 ? 
ATOM   629  C CB  . PHE A 1 80  ? 2.676   -5.684  -0.637  1.000 16.046 ? 426 PHE AAA CB  1 ? 
ATOM   630  C CG  . PHE A 1 80  ? 1.424   -5.175  0.032   1.000 16.582 ? 426 PHE AAA CG  1 ? 
ATOM   631  C CD1 . PHE A 1 80  ? 1.411   -4.904  1.395   1.000 17.815 ? 426 PHE AAA CD1 1 ? 
ATOM   632  C CD2 . PHE A 1 80  ? 0.259   -4.990  -0.694  1.000 17.708 ? 426 PHE AAA CD2 1 ? 
ATOM   633  C CE1 . PHE A 1 80  ? 0.262   -4.444  2.014   1.000 18.986 ? 426 PHE AAA CE1 1 ? 
ATOM   634  C CE2 . PHE A 1 80  ? -0.888  -4.522  -0.071  1.000 17.479 ? 426 PHE AAA CE2 1 ? 
ATOM   635  C CZ  . PHE A 1 80  ? -0.881  -4.246  1.276   1.000 17.593 ? 426 PHE AAA CZ  1 ? 
ATOM   636  N N   . SER A 1 81  ? 5.500   -5.430  -2.122  1.000 16.215 ? 427 SER AAA N   1 ? 
ATOM   637  C CA  . SER A 1 81  ? 6.709   -6.046  -2.732  1.000 16.246 ? 427 SER AAA CA  1 ? 
ATOM   638  C C   . SER A 1 81  ? 7.973   -5.494  -2.053  1.000 16.704 ? 427 SER AAA C   1 ? 
ATOM   639  O O   . SER A 1 81  ? 8.867   -6.299  -1.734  1.000 17.412 ? 427 SER AAA O   1 ? 
ATOM   640  C CB  . SER A 1 81  ? 6.728   -5.833  -4.226  1.000 18.016 ? 427 SER AAA CB  1 ? 
ATOM   641  O OG  . SER A 1 81  ? 5.707   -6.602  -4.853  1.000 19.121 ? 427 SER AAA OG  1 ? 
ATOM   642  N N   . ASN A 1 82  ? 8.023   -4.182  -1.814  1.000 17.437 ? 428 ASN AAA N   1 ? 
ATOM   643  C CA  . ASN A 1 82  ? 9.171   -3.513  -1.141  1.000 17.496 ? 428 ASN AAA CA  1 ? 
ATOM   644  C C   . ASN A 1 82  ? 9.359   -4.125  0.254   1.000 17.098 ? 428 ASN AAA C   1 ? 
ATOM   645  O O   . ASN A 1 82  ? 10.517  -4.371  0.680   1.000 17.109 ? 428 ASN AAA O   1 ? 
ATOM   646  C CB  . ASN A 1 82  ? 8.965   -2.000  -1.055  1.000 17.776 ? 428 ASN AAA CB  1 ? 
ATOM   647  C CG  . ASN A 1 82  ? 9.107   -1.284  -2.383  1.000 18.541 ? 428 ASN AAA CG  1 ? 
ATOM   648  O OD1 . ASN A 1 82  ? 9.641   -1.835  -3.347  1.000 20.124 ? 428 ASN AAA OD1 1 ? 
ATOM   649  N ND2 . ASN A 1 82  ? 8.653   -0.044  -2.423  1.000 19.672 ? 428 ASN AAA ND2 1 ? 
ATOM   650  N N   . CYS A 1 83  ? 8.261   -4.353  0.968   1.000 16.399 ? 429 CYS AAA N   1 ? 
ATOM   651  C CA  . CYS A 1 83  ? 8.271   -4.970  2.315   1.000 16.844 ? 429 CYS AAA CA  1 ? 
ATOM   652  C C   . CYS A 1 83  ? 8.850   -6.392  2.223   1.000 16.825 ? 429 CYS AAA C   1 ? 
ATOM   653  O O   . CYS A 1 83  ? 9.766   -6.721  3.003   1.000 18.716 ? 429 CYS AAA O   1 ? 
ATOM   654  C CB  . CYS A 1 83  ? 6.867   -4.956  2.894   1.000 16.827 ? 429 CYS AAA CB  1 ? 
ATOM   655  S SG  . CYS A 1 83  ? 6.821   -5.530  4.602   1.000 18.231 ? 429 CYS AAA SG  1 ? 
ATOM   656  N N   . TYR A 1 84  ? 8.375   -7.200  1.274   1.000 16.150 ? 430 TYR AAA N   1 ? 
ATOM   657  C CA  . TYR A 1 84  ? 8.821   -8.605  1.088   1.000 16.321 ? 430 TYR AAA CA  1 ? 
ATOM   658  C C   . TYR A 1 84  ? 10.287  -8.658  0.652   1.000 17.763 ? 430 TYR AAA C   1 ? 
ATOM   659  O O   . TYR A 1 84  ? 10.987  -9.621  1.021   1.000 19.634 ? 430 TYR AAA O   1 ? 
ATOM   660  C CB  . TYR A 1 84  ? 7.943   -9.327  0.065   1.000 16.565 ? 430 TYR AAA CB  1 ? 
ATOM   661  C CG  . TYR A 1 84  ? 6.474   -9.340  0.403   1.000 16.575 ? 430 TYR AAA CG  1 ? 
ATOM   662  C CD1 . TYR A 1 84  ? 6.029   -9.523  1.705   1.000 16.506 ? 430 TYR AAA CD1 1 ? 
ATOM   663  C CD2 . TYR A 1 84  ? 5.523   -9.185  -0.588  1.000 16.706 ? 430 TYR AAA CD2 1 ? 
ATOM   664  C CE1 . TYR A 1 84  ? 4.678   -9.530  2.013   1.000 16.908 ? 430 TYR AAA CE1 1 ? 
ATOM   665  C CE2 . TYR A 1 84  ? 4.171   -9.189  -0.300  1.000 17.210 ? 430 TYR AAA CE2 1 ? 
ATOM   666  C CZ  . TYR A 1 84  ? 3.745   -9.372  1.005   1.000 16.565 ? 430 TYR AAA CZ  1 ? 
ATOM   667  O OH  . TYR A 1 84  ? 2.412   -9.359  1.293   1.000 17.514 ? 430 TYR AAA OH  1 ? 
ATOM   668  N N   . LYS A 1 85  ? 10.732  -7.674  -0.130  1.000 17.068 ? 431 LYS AAA N   1 ? 
ATOM   669  C CA  . LYS A 1 85  ? 12.115  -7.631  -0.671  1.000 18.450 ? 431 LYS AAA CA  1 ? 
ATOM   670  C C   . LYS A 1 85  ? 13.107  -7.282  0.441   1.000 19.592 ? 431 LYS AAA C   1 ? 
ATOM   671  O O   . LYS A 1 85  ? 14.163  -7.937  0.512   1.000 20.799 ? 431 LYS AAA O   1 ? 
ATOM   672  C CB  . LYS A 1 85  ? 12.228  -6.600  -1.796  1.000 19.265 ? 431 LYS AAA CB  1 ? 
ATOM   673  C CG  . LYS A 1 85  ? 13.627  -6.453  -2.384  1.000 22.061 ? 431 LYS AAA CG  1 ? 
ATOM   674  C CD  . LYS A 1 85  ? 13.677  -5.551  -3.584  1.000 24.677 ? 431 LYS AAA CD  1 ? 
ATOM   675  C CE  . LYS A 1 85  ? 15.068  -5.434  -4.167  1.000 27.863 ? 431 LYS AAA CE  1 ? 
ATOM   676  N NZ  . LYS A 1 85  ? 15.105  -4.458  -5.278  1.000 31.774 ? 431 LYS AAA NZ  1 ? 
ATOM   677  N N   . TYR A 1 86  ? 12.805  -6.263  1.245   1.000 18.808 ? 432 TYR AAA N   1 ? 
ATOM   678  C CA  . TYR A 1 86  ? 13.789  -5.635  2.165   1.000 19.246 ? 432 TYR AAA CA  1 ? 
ATOM   679  C C   . TYR A 1 86  ? 13.924  -6.443  3.458   1.000 20.328 ? 432 TYR AAA C   1 ? 
ATOM   680  O O   . TYR A 1 86  ? 15.057  -6.589  3.960   1.000 22.390 ? 432 TYR AAA O   1 ? 
ATOM   681  C CB  . TYR A 1 86  ? 13.403  -4.194  2.497   1.000 19.555 ? 432 TYR AAA CB  1 ? 
ATOM   682  C CG  . TYR A 1 86  ? 14.340  -3.556  3.485   1.000 20.369 ? 432 TYR AAA CG  1 ? 
ATOM   683  C CD1 . TYR A 1 86  ? 15.564  -3.056  3.077   1.000 21.774 ? 432 TYR AAA CD1 1 ? 
ATOM   684  C CD2 . TYR A 1 86  ? 14.032  -3.506  4.835   1.000 21.724 ? 432 TYR AAA CD2 1 ? 
ATOM   685  C CE1 . TYR A 1 86  ? 16.444  -2.488  3.984   1.000 21.620 ? 432 TYR AAA CE1 1 ? 
ATOM   686  C CE2 . TYR A 1 86  ? 14.899  -2.939  5.754   1.000 22.903 ? 432 TYR AAA CE2 1 ? 
ATOM   687  C CZ  . TYR A 1 86  ? 16.111  -2.432  5.325   1.000 22.446 ? 432 TYR AAA CZ  1 ? 
ATOM   688  O OH  . TYR A 1 86  ? 16.963  -1.877  6.235   1.000 22.787 ? 432 TYR AAA OH  1 ? 
ATOM   689  N N   . ASN A 1 87  ? 12.807  -6.911  4.016   1.000 20.269 ? 433 ASN AAA N   1 ? 
ATOM   690  C CA  . ASN A 1 87  ? 12.760  -7.494  5.382   1.000 20.100 ? 433 ASN AAA CA  1 ? 
ATOM   691  C C   . ASN A 1 87  ? 13.064  -8.985  5.334   1.000 21.027 ? 433 ASN AAA C   1 ? 
ATOM   692  O O   . ASN A 1 87  ? 12.743  -9.661  4.357   1.000 21.664 ? 433 ASN AAA O   1 ? 
ATOM   693  C CB  . ASN A 1 87  ? 11.412  -7.222  6.045   1.000 19.416 ? 433 ASN AAA CB  1 ? 
ATOM   694  C CG  . ASN A 1 87  ? 11.207  -5.744  6.277   1.000 19.577 ? 433 ASN AAA CG  1 ? 
ATOM   695  O OD1 . ASN A 1 87  ? 11.818  -5.171  7.177   1.000 20.509 ? 433 ASN AAA OD1 1 ? 
ATOM   696  N ND2 . ASN A 1 87  ? 10.392  -5.114  5.445   1.000 19.114 ? 433 ASN AAA ND2 1 ? 
ATOM   697  N N   . PRO A 1 88  ? 13.666  -9.553  6.405   1.000 23.205 ? 434 PRO AAA N   1 ? 
ATOM   698  C CA  . PRO A 1 88  ? 13.764  -11.003 6.545   1.000 23.831 ? 434 PRO AAA CA  1 ? 
ATOM   699  C C   . PRO A 1 88  ? 12.375  -11.626 6.478   1.000 23.222 ? 434 PRO AAA C   1 ? 
ATOM   700  O O   . PRO A 1 88  ? 11.416  -11.049 6.993   1.000 21.374 ? 434 PRO AAA O   1 ? 
ATOM   701  C CB  . PRO A 1 88  ? 14.382  -11.220 7.933   1.000 24.897 ? 434 PRO AAA CB  1 ? 
ATOM   702  C CG  . PRO A 1 88  ? 15.071  -9.908  8.251   1.000 25.520 ? 434 PRO AAA CG  1 ? 
ATOM   703  C CD  . PRO A 1 88  ? 14.262  -8.837  7.544   1.000 24.726 ? 434 PRO AAA CD  1 ? 
ATOM   704  N N   . PRO A 1 89  ? 12.214  -12.810 5.848   1.000 24.908 ? 435 PRO AAA N   1 ? 
ATOM   705  C CA  . PRO A 1 89  ? 10.886  -13.384 5.635   1.000 24.852 ? 435 PRO AAA CA  1 ? 
ATOM   706  C C   . PRO A 1 89  ? 10.122  -13.722 6.926   1.000 24.604 ? 435 PRO AAA C   1 ? 
ATOM   707  O O   . PRO A 1 89  ? 8.917   -13.882 6.845   1.000 27.764 ? 435 PRO AAA O   1 ? 
ATOM   708  C CB  . PRO A 1 89  ? 11.153  -14.656 4.814   1.000 25.752 ? 435 PRO AAA CB  1 ? 
ATOM   709  C CG  . PRO A 1 89  ? 12.611  -14.977 5.064   1.000 26.008 ? 435 PRO AAA CG  1 ? 
ATOM   710  C CD  . PRO A 1 89  ? 13.288  -13.642 5.283   1.000 25.456 ? 435 PRO AAA CD  1 ? 
ATOM   711  N N   . ASP A 1 90  ? 10.815  -13.814 8.070   1.000 24.810 ? 436 ASP AAA N   1 ? 
ATOM   712  C CA  . ASP A 1 90  ? 10.202  -14.155 9.381   1.000 26.858 ? 436 ASP AAA CA  1 ? 
ATOM   713  C C   . ASP A 1 90  ? 9.936   -12.887 10.204  1.000 25.381 ? 436 ASP AAA C   1 ? 
ATOM   714  O O   . ASP A 1 90  ? 9.439   -13.025 11.333  1.000 24.596 ? 436 ASP AAA O   1 ? 
ATOM   715  C CB  . ASP A 1 90  ? 11.061  -15.163 10.154  1.000 31.298 ? 436 ASP AAA CB  1 ? 
ATOM   716  C CG  . ASP A 1 90  ? 12.400  -14.622 10.625  1.000 36.564 ? 436 ASP AAA CG  1 ? 
ATOM   717  O OD1 . ASP A 1 90  ? 12.908  -13.670 9.995   1.000 37.552 ? 436 ASP AAA OD1 1 ? 
ATOM   718  O OD2 . ASP A 1 90  ? 12.928  -15.163 11.620  1.000 41.817 ? 436 ASP AAA OD2 1 ? 
ATOM   719  N N   . HIS A 1 91  ? 10.220  -11.692 9.676   1.000 24.046 ? 437 HIS AAA N   1 ? 
ATOM   720  C CA  . HIS A 1 91  ? 9.960   -10.415 10.394  1.000 22.817 ? 437 HIS AAA CA  1 ? 
ATOM   721  C C   . HIS A 1 91  ? 8.450   -10.242 10.563  1.000 21.734 ? 437 HIS AAA C   1 ? 
ATOM   722  O O   . HIS A 1 91  ? 7.706   -10.588 9.627   1.000 20.959 ? 437 HIS AAA O   1 ? 
ATOM   723  C CB  . HIS A 1 91  ? 10.581  -9.211  9.674   1.000 22.113 ? 437 HIS AAA CB  1 ? 
ATOM   724  C CG  . HIS A 1 91  ? 10.682  -7.995  10.537  1.000 22.525 ? 437 HIS AAA CG  1 ? 
ATOM   725  N ND1 . HIS A 1 91  ? 9.568   -7.303  10.984  1.000 21.101 ? 437 HIS AAA ND1 1 ? 
ATOM   726  C CD2 . HIS A 1 91  ? 11.752  -7.355  11.053  1.000 23.612 ? 437 HIS AAA CD2 1 ? 
ATOM   727  C CE1 . HIS A 1 91  ? 9.951   -6.284  11.726  1.000 23.197 ? 437 HIS AAA CE1 1 ? 
ATOM   728  N NE2 . HIS A 1 91  ? 11.290  -6.294  11.787  1.000 23.763 ? 437 HIS AAA NE2 1 ? 
ATOM   729  N N   . GLU A 1 92  ? 8.016   -9.713  11.709  1.000 21.917 ? 438 GLU AAA N   1 ? 
ATOM   730  C CA  . GLU A 1 92  ? 6.580   -9.463  12.004  1.000 21.569 ? 438 GLU AAA CA  1 ? 
ATOM   731  C C   . GLU A 1 92  ? 5.963   -8.593  10.897  1.000 19.087 ? 438 GLU AAA C   1 ? 
ATOM   732  O O   . GLU A 1 92  ? 4.787   -8.810  10.560  1.000 18.887 ? 438 GLU AAA O   1 ? 
ATOM   733  C CB  . GLU A 1 92  ? 6.421   -8.800  13.371  1.000 25.754 ? 438 GLU AAA CB  1 ? 
ATOM   734  C CG  . GLU A 1 92  ? 4.998   -8.845  13.889  1.000 29.987 ? 438 GLU AAA CG  1 ? 
ATOM   735  C CD  . GLU A 1 92  ? 4.780   -8.253  15.271  1.000 35.139 ? 438 GLU AAA CD  1 ? 
ATOM   736  O OE1 . GLU A 1 92  ? 5.774   -7.809  15.894  1.000 36.815 ? 438 GLU AAA OE1 1 ? 
ATOM   737  O OE2 . GLU A 1 92  ? 3.613   -8.237  15.717  1.000 39.208 ? 438 GLU AAA OE2 1 ? 
ATOM   738  N N   . VAL A 1 93  ? 6.719   -7.652  10.331  1.000 17.992 ? 439 VAL AAA N   1 ? 
ATOM   739  C CA  . VAL A 1 93  ? 6.180   -6.679  9.329   1.000 17.563 ? 439 VAL AAA CA  1 ? 
ATOM   740  C C   . VAL A 1 93  ? 5.777   -7.422  8.050   1.000 18.129 ? 439 VAL AAA C   1 ? 
ATOM   741  O O   . VAL A 1 93  ? 4.863   -6.941  7.364   1.000 17.816 ? 439 VAL AAA O   1 ? 
ATOM   742  C CB  . VAL A 1 93  ? 7.147   -5.516  9.033   1.000 17.766 ? 439 VAL AAA CB  1 ? 
ATOM   743  C CG1 . VAL A 1 93  ? 8.330   -5.931  8.168   1.000 17.539 ? 439 VAL AAA CG1 1 ? 
ATOM   744  C CG2 . VAL A 1 93  ? 6.410   -4.342  8.400   1.000 17.430 ? 439 VAL AAA CG2 1 ? 
ATOM   745  N N   . VAL A 1 94  ? 6.424   -8.546  7.733   1.000 17.532 ? 440 VAL AAA N   1 ? 
ATOM   746  C CA  . VAL A 1 94  ? 6.086   -9.372  6.538   1.000 18.246 ? 440 VAL AAA CA  1 ? 
ATOM   747  C C   . VAL A 1 94  ? 4.726   -10.043 6.759   1.000 18.156 ? 440 VAL AAA C   1 ? 
ATOM   748  O O   . VAL A 1 94  ? 3.906   -10.046 5.815   1.000 17.603 ? 440 VAL AAA O   1 ? 
ATOM   749  C CB  . VAL A 1 94  ? 7.202   -10.384 6.230   1.000 19.052 ? 440 VAL AAA CB  1 ? 
ATOM   750  C CG1 . VAL A 1 94  ? 6.776   -11.404 5.182   1.000 19.971 ? 440 VAL AAA CG1 1 ? 
ATOM   751  C CG2 . VAL A 1 94  ? 8.466   -9.654  5.799   1.000 19.765 ? 440 VAL AAA CG2 1 ? 
ATOM   752  N N   . ALA A 1 95  ? 4.480   -10.591 7.950   1.000 17.646 ? 441 ALA AAA N   1 ? 
ATOM   753  C CA  . ALA A 1 95  ? 3.180   -11.196 8.322   1.000 18.004 ? 441 ALA AAA CA  1 ? 
ATOM   754  C C   . ALA A 1 95  ? 2.093   -10.121 8.239   1.000 17.764 ? 441 ALA AAA C   1 ? 
ATOM   755  O O   . ALA A 1 95  ? 0.997   -10.410 7.728   1.000 18.912 ? 441 ALA AAA O   1 ? 
ATOM   756  C CB  . ALA A 1 95  ? 3.256   -11.805 9.698   1.000 19.361 ? 441 ALA AAA CB  1 ? 
ATOM   757  N N   . MET A 1 96  ? 2.389   -8.916  8.727   1.000 17.503 ? 442 MET AAA N   1 ? 
ATOM   758  C CA  . MET A 1 96  ? 1.442   -7.769  8.695   1.000 16.960 ? 442 MET AAA CA  1 ? 
ATOM   759  C C   . MET A 1 96  ? 1.140   -7.382  7.244   1.000 15.796 ? 442 MET AAA C   1 ? 
ATOM   760  O O   . MET A 1 96  ? -0.050  -7.181  6.921   1.000 16.284 ? 442 MET AAA O   1 ? 
ATOM   761  C CB  . MET A 1 96  ? 2.021   -6.568  9.445   1.000 17.842 ? 442 MET AAA CB  1 ? 
ATOM   762  C CG  . MET A 1 96  ? 2.059   -6.782  10.934  1.000 19.324 ? 442 MET AAA CG  1 ? 
ATOM   763  S SD  . MET A 1 96  ? 2.718   -5.338  11.806  1.000 25.086 ? 442 MET AAA SD  1 ? 
ATOM   764  C CE  . MET A 1 96  ? 2.494   -5.855  13.507  1.000 25.575 ? 442 MET AAA CE  1 ? 
ATOM   765  N N   . ALA A 1 97  ? 2.164   -7.297  6.395   1.000 15.628 ? 443 ALA AAA N   1 ? 
ATOM   766  C CA  . ALA A 1 97  ? 2.014   -7.021  4.948   1.000 15.875 ? 443 ALA AAA CA  1 ? 
ATOM   767  C C   . ALA A 1 97  ? 1.021   -8.025  4.348   1.000 16.030 ? 443 ALA AAA C   1 ? 
ATOM   768  O O   . ALA A 1 97  ? 0.079   -7.598  3.661   1.000 16.604 ? 443 ALA AAA O   1 ? 
ATOM   769  C CB  . ALA A 1 97  ? 3.355   -7.090  4.262   1.000 15.633 ? 443 ALA AAA CB  1 ? 
ATOM   770  N N   . ARG A 1 98  ? 1.201   -9.316  4.625   1.000 16.386 ? 444 ARG AAA N   1 ? 
ATOM   771  C CA  . ARG A 1 98  ? 0.329   -10.379 4.060   1.000 17.561 ? 444 ARG AAA CA  1 ? 
ATOM   772  C C   . ARG A 1 98  ? -1.117  -10.184 4.524   1.000 17.651 ? 444 ARG AAA C   1 ? 
ATOM   773  O O   . ARG A 1 98  ? -2.028  -10.347 3.688   1.000 17.669 ? 444 ARG AAA O   1 ? 
ATOM   774  C CB  . ARG A 1 98  ? 0.839   -11.770 4.435   1.000 19.546 ? 444 ARG AAA CB  1 ? 
ATOM   775  C CG  . ARG A 1 98  ? 2.095   -12.171 3.683   1.000 22.019 ? 444 ARG AAA CG  1 ? 
ATOM   776  C CD  . ARG A 1 98  ? 2.379   -13.644 3.866   1.000 25.916 ? 444 ARG AAA CD  1 ? 
ATOM   777  N NE  . ARG A 1 98  ? 3.679   -13.971 3.310   1.000 30.117 ? 444 ARG AAA NE  1 ? 
ATOM   778  C CZ  . ARG A 1 98  ? 4.748   -14.341 4.013   1.000 32.129 ? 444 ARG AAA CZ  1 ? 
ATOM   779  N NH1 . ARG A 1 98  ? 5.878   -14.598 3.380   1.000 32.775 ? 444 ARG AAA NH1 1 ? 
ATOM   780  N NH2 . ARG A 1 98  ? 4.691   -14.462 5.329   1.000 33.590 ? 444 ARG AAA NH2 1 ? 
ATOM   781  N N   . LYS A 1 99  ? -1.340  -9.852  5.796   1.000 16.420 ? 445 LYS AAA N   1 ? 
ATOM   782  C CA  . LYS A 1 99  ? -2.711  -9.639  6.332   1.000 16.478 ? 445 LYS AAA CA  1 ? 
ATOM   783  C C   . LYS A 1 99  ? -3.353  -8.433  5.637   1.000 16.425 ? 445 LYS AAA C   1 ? 
ATOM   784  O O   . LYS A 1 99  ? -4.549  -8.512  5.302   1.000 16.681 ? 445 LYS AAA O   1 ? 
ATOM   785  C CB  . LYS A 1 99  ? -2.683  -9.457  7.850   1.000 18.077 ? 445 LYS AAA CB  1 ? 
ATOM   786  C CG  . LYS A 1 99  ? -2.296  -10.709 8.616   1.000 19.663 ? 445 LYS AAA CG  1 ? 
ATOM   787  C CD  . LYS A 1 99  ? -2.176  -10.491 10.098  1.000 21.889 ? 445 LYS AAA CD  1 ? 
ATOM   788  C CE  . LYS A 1 99  ? -1.688  -11.730 10.813  1.000 25.477 ? 445 LYS AAA CE  1 ? 
ATOM   789  N NZ  . LYS A 1 99  ? -1.606  -11.513 12.276  1.000 28.786 ? 445 LYS AAA NZ  1 ? 
ATOM   790  N N   . LEU A 1 100 ? -2.606  -7.347  5.448   1.000 15.580 ? 446 LEU AAA N   1 ? 
ATOM   791  C CA  . LEU A 1 100 ? -3.161  -6.135  4.788   1.000 15.663 ? 446 LEU AAA CA  1 ? 
ATOM   792  C C   . LEU A 1 100 ? -3.348  -6.420  3.294   1.000 15.555 ? 446 LEU AAA C   1 ? 
ATOM   793  O O   . LEU A 1 100 ? -4.364  -5.971  2.737   1.000 15.843 ? 446 LEU AAA O   1 ? 
ATOM   794  C CB  . LEU A 1 100 ? -2.259  -4.922  5.018   1.000 16.305 ? 446 LEU AAA CB  1 ? 
ATOM   795  C CG  . LEU A 1 100 ? -2.847  -3.602  4.519   1.000 17.663 ? 446 LEU AAA CG  1 ? 
ATOM   796  C CD1 . LEU A 1 100 ? -4.159  -3.279  5.219   1.000 19.272 ? 446 LEU AAA CD1 1 ? 
ATOM   797  C CD2 . LEU A 1 100 ? -1.852  -2.475  4.711   1.000 17.915 ? 446 LEU AAA CD2 1 ? 
ATOM   798  N N   . GLN A 1 101 ? -2.434  -7.165  2.666   1.000 15.476 ? 447 GLN AAA N   1 ? 
ATOM   799  C CA  . GLN A 1 101 ? -2.567  -7.503  1.225   1.000 15.731 ? 447 GLN AAA CA  1 ? 
ATOM   800  C C   . GLN A 1 101 ? -3.816  -8.379  1.029   1.000 16.569 ? 447 GLN AAA C   1 ? 
ATOM   801  O O   . GLN A 1 101 ? -4.491  -8.210  -0.008  1.000 16.643 ? 447 GLN AAA O   1 ? 
ATOM   802  C CB  . GLN A 1 101 ? -1.312  -8.177  0.666   1.000 16.518 ? 447 GLN AAA CB  1 ? 
ATOM   803  C CG  . GLN A 1 101 ? -1.421  -8.439  -0.832  1.000 17.854 ? 447 GLN AAA CG  1 ? 
ATOM   804  C CD  . GLN A 1 101 ? -0.092  -8.551  -1.535  1.000 20.210 ? 447 GLN AAA CD  1 ? 
ATOM   805  O OE1 . GLN A 1 101 ? 0.939   -8.830  -0.924  1.000 21.053 ? 447 GLN AAA OE1 1 ? 
ATOM   806  N NE2 . GLN A 1 101 ? -0.111  -8.342  -2.844  1.000 22.175 ? 447 GLN AAA NE2 1 ? 
ATOM   807  N N   . ASP A 1 102 ? -4.139  -9.256  1.986   1.000 16.876 ? 448 ASP AAA N   1 ? 
ATOM   808  C CA  . ASP A 1 102 ? -5.381  -10.073 1.936   1.000 19.038 ? 448 ASP AAA CA  1 ? 
ATOM   809  C C   . ASP A 1 102 ? -6.581  -9.126  1.813   1.000 18.271 ? 448 ASP AAA C   1 ? 
ATOM   810  O O   . ASP A 1 102 ? -7.462  -9.393  0.976   1.000 20.340 ? 448 ASP AAA O   1 ? 
ATOM   811  C CB  . ASP A 1 102 ? -5.530  -10.978 3.162   1.000 21.160 ? 448 ASP AAA CB  1 ? 
ATOM   812  C CG  . ASP A 1 102 ? -4.550  -12.137 3.235   1.000 26.430 ? 448 ASP AAA CG  1 ? 
ATOM   813  O OD1 . ASP A 1 102 ? -3.884  -12.431 2.221   1.000 29.503 ? 448 ASP AAA OD1 1 ? 
ATOM   814  O OD2 . ASP A 1 102 ? -4.463  -12.744 4.321   1.000 32.272 ? 448 ASP AAA OD2 1 ? 
ATOM   815  N N   . VAL A 1 103 ? -6.611  -8.062  2.613   1.000 17.611 ? 449 VAL AAA N   1 ? 
ATOM   816  C CA  . VAL A 1 103 ? -7.732  -7.074  2.635   1.000 17.491 ? 449 VAL AAA CA  1 ? 
ATOM   817  C C   . VAL A 1 103 ? -7.776  -6.401  1.261   1.000 17.455 ? 449 VAL AAA C   1 ? 
ATOM   818  O O   . VAL A 1 103 ? -8.852  -6.385  0.635   1.000 18.691 ? 449 VAL AAA O   1 ? 
ATOM   819  C CB  . VAL A 1 103 ? -7.574  -6.051  3.777   1.000 19.795 ? 449 VAL AAA CB  1 ? 
ATOM   820  C CG1 . VAL A 1 103 ? -8.621  -4.947  3.716   1.000 19.947 ? 449 VAL AAA CG1 1 ? 
ATOM   821  C CG2 . VAL A 1 103 ? -7.608  -6.739  5.132   1.000 21.107 ? 449 VAL AAA CG2 1 ? 
ATOM   822  N N   . PHE A 1 104 ? -6.638  -5.902  0.793   1.000 16.623 ? 450 PHE AAA N   1 ? 
ATOM   823  C CA  . PHE A 1 104 ? -6.538  -5.192  -0.505  1.000 15.988 ? 450 PHE AAA CA  1 ? 
ATOM   824  C C   . PHE A 1 104 ? -6.994  -6.107  -1.651  1.000 16.666 ? 450 PHE AAA C   1 ? 
ATOM   825  O O   . PHE A 1 104 ? -7.817  -5.675  -2.485  1.000 17.521 ? 450 PHE AAA O   1 ? 
ATOM   826  C CB  . PHE A 1 104 ? -5.112  -4.697  -0.762  1.000 15.543 ? 450 PHE AAA CB  1 ? 
ATOM   827  C CG  . PHE A 1 104 ? -4.909  -4.274  -2.191  1.000 15.644 ? 450 PHE AAA CG  1 ? 
ATOM   828  C CD1 . PHE A 1 104 ? -5.442  -3.080  -2.645  1.000 15.627 ? 450 PHE AAA CD1 1 ? 
ATOM   829  C CD2 . PHE A 1 104 ? -4.245  -5.094  -3.092  1.000 15.347 ? 450 PHE AAA CD2 1 ? 
ATOM   830  C CE1 . PHE A 1 104 ? -5.296  -2.697  -3.969  1.000 15.820 ? 450 PHE AAA CE1 1 ? 
ATOM   831  C CE2 . PHE A 1 104 ? -4.100  -4.708  -4.413  1.000 16.122 ? 450 PHE AAA CE2 1 ? 
ATOM   832  C CZ  . PHE A 1 104 ? -4.631  -3.517  -4.847  1.000 15.579 ? 450 PHE AAA CZ  1 ? 
ATOM   833  N N   . GLU A 1 105 ? -6.444  -7.319  -1.744  1.000 16.768 ? 451 GLU AAA N   1 ? 
ATOM   834  C CA  . GLU A 1 105 ? -6.647  -8.182  -2.939  1.000 17.438 ? 451 GLU AAA CA  1 ? 
ATOM   835  C C   . GLU A 1 105 ? -8.132  -8.546  -3.029  1.000 17.456 ? 451 GLU AAA C   1 ? 
ATOM   836  O O   . GLU A 1 105 ? -8.677  -8.546  -4.148  1.000 17.940 ? 451 GLU AAA O   1 ? 
ATOM   837  C CB  . GLU A 1 105 ? -5.769  -9.434  -2.900  1.000 16.994 ? 451 GLU AAA CB  1 ? 
ATOM   838  C CG  . GLU A 1 105 ? -4.275  -9.164  -3.036  1.000 16.406 ? 451 GLU AAA CG  1 ? 
ATOM   839  C CD  . GLU A 1 105 ? -3.798  -8.604  -4.366  1.000 18.244 ? 451 GLU AAA CD  1 ? 
ATOM   840  O OE1 . GLU A 1 105 ? -4.558  -8.670  -5.358  1.000 19.072 ? 451 GLU AAA OE1 1 ? 
ATOM   841  O OE2 . GLU A 1 105 ? -2.657  -8.103  -4.413  1.000 18.842 ? 451 GLU AAA OE2 1 ? 
ATOM   842  N N   . MET A 1 106 ? -8.778  -8.816  -1.896  1.000 18.712 ? 452 MET AAA N   1 ? 
ATOM   843  C CA  A MET A 1 106 ? -10.214 -9.210  -1.869  0.500 20.447 ? 452 MET AAA CA  1 ? 
ATOM   844  C CA  B MET A 1 106 ? -10.211 -9.215  -1.882  0.500 19.738 ? 452 MET AAA CA  1 ? 
ATOM   845  C C   . MET A 1 106 ? -11.058 -8.045  -2.402  1.000 21.250 ? 452 MET AAA C   1 ? 
ATOM   846  O O   . MET A 1 106 ? -11.935 -8.284  -3.264  1.000 20.982 ? 452 MET AAA O   1 ? 
ATOM   847  C CB  A MET A 1 106 ? -10.674 -9.570  -0.453  0.500 22.553 ? 452 MET AAA CB  1 ? 
ATOM   848  C CB  B MET A 1 106 ? -10.662 -9.615  -0.474  0.500 20.715 ? 452 MET AAA CB  1 ? 
ATOM   849  C CG  A MET A 1 106 ? -10.037 -10.832 0.098   0.500 24.611 ? 452 MET AAA CG  1 ? 
ATOM   850  C CG  B MET A 1 106 ? -12.060 -10.198 -0.424  0.500 21.928 ? 452 MET AAA CG  1 ? 
ATOM   851  S SD  A MET A 1 106 ? -10.145 -12.235 -1.031  0.500 29.378 ? 452 MET AAA SD  1 ? 
ATOM   852  S SD  B MET A 1 106 ? -12.278 -11.635 -1.506  0.500 23.620 ? 452 MET AAA SD  1 ? 
ATOM   853  C CE  A MET A 1 106 ? -11.885 -12.148 -1.452  0.500 29.477 ? 452 MET AAA CE  1 ? 
ATOM   854  C CE  B MET A 1 106 ? -10.864 -12.631 -1.035  0.500 25.533 ? 452 MET AAA CE  1 ? 
ATOM   855  N N   . ARG A 1 107 ? -10.789 -6.829  -1.925  1.000 19.987 ? 453 ARG AAA N   1 ? 
ATOM   856  C CA  . ARG A 1 107 ? -11.553 -5.624  -2.345  1.000 20.540 ? 453 ARG AAA CA  1 ? 
ATOM   857  C C   . ARG A 1 107 ? -11.258 -5.288  -3.807  1.000 19.170 ? 453 ARG AAA C   1 ? 
ATOM   858  O O   . ARG A 1 107 ? -12.208 -4.971  -4.545  1.000 19.360 ? 453 ARG AAA O   1 ? 
ATOM   859  C CB  . ARG A 1 107 ? -11.216 -4.420  -1.469  1.000 23.133 ? 453 ARG AAA CB  1 ? 
ATOM   860  C CG  . ARG A 1 107 ? -11.939 -4.434  -0.139  1.000 29.511 ? 453 ARG AAA CG  1 ? 
ATOM   861  C CD  . ARG A 1 107 ? -13.379 -3.971  -0.255  1.000 34.126 ? 453 ARG AAA CD  1 ? 
ATOM   862  N NE  . ARG A 1 107 ? -14.044 -4.069  1.034   1.000 38.526 ? 453 ARG AAA NE  1 ? 
ATOM   863  C CZ  . ARG A 1 107 ? -15.355 -4.121  1.220   1.000 40.061 ? 453 ARG AAA CZ  1 ? 
ATOM   864  N NH1 . ARG A 1 107 ? -16.187 -4.088  0.191   1.000 38.610 ? 453 ARG AAA NH1 1 ? 
ATOM   865  N NH2 . ARG A 1 107 ? -15.830 -4.212  2.451   1.000 42.921 ? 453 ARG AAA NH2 1 ? 
ATOM   866  N N   . PHE A 1 108 ? -9.986  -5.318  -4.199  1.000 17.491 ? 454 PHE AAA N   1 ? 
ATOM   867  C CA  . PHE A 1 108 ? -9.540  -4.945  -5.565  1.000 17.478 ? 454 PHE AAA CA  1 ? 
ATOM   868  C C   . PHE A 1 108 ? -10.181 -5.898  -6.583  1.000 19.476 ? 454 PHE AAA C   1 ? 
ATOM   869  O O   . PHE A 1 108 ? -10.548 -5.451  -7.684  1.000 20.929 ? 454 PHE AAA O   1 ? 
ATOM   870  C CB  . PHE A 1 108 ? -8.011  -4.938  -5.638  1.000 17.475 ? 454 PHE AAA CB  1 ? 
ATOM   871  C CG  . PHE A 1 108 ? -7.439  -4.285  -6.871  1.000 17.778 ? 454 PHE AAA CG  1 ? 
ATOM   872  C CD1 . PHE A 1 108 ? -7.550  -2.916  -7.062  1.000 19.303 ? 454 PHE AAA CD1 1 ? 
ATOM   873  C CD2 . PHE A 1 108 ? -6.756  -5.032  -7.816  1.000 19.897 ? 454 PHE AAA CD2 1 ? 
ATOM   874  C CE1 . PHE A 1 108 ? -7.003  -2.311  -8.186  1.000 19.340 ? 454 PHE AAA CE1 1 ? 
ATOM   875  C CE2 . PHE A 1 108 ? -6.212  -4.424  -8.941  1.000 21.156 ? 454 PHE AAA CE2 1 ? 
ATOM   876  C CZ  . PHE A 1 108 ? -6.338  -3.067  -9.122  1.000 21.233 ? 454 PHE AAA CZ  1 ? 
ATOM   877  N N   . ALA A 1 109 ? -10.326 -7.176  -6.222  1.000 20.405 ? 455 ALA AAA N   1 ? 
ATOM   878  C CA  . ALA A 1 109 ? -10.886 -8.233  -7.098  1.000 21.331 ? 455 ALA AAA CA  1 ? 
ATOM   879  C C   . ALA A 1 109 ? -12.370 -7.973  -7.366  1.000 24.484 ? 455 ALA AAA C   1 ? 
ATOM   880  O O   . ALA A 1 109 ? -12.852 -8.380  -8.444  1.000 25.785 ? 455 ALA AAA O   1 ? 
ATOM   881  C CB  . ALA A 1 109 ? -10.688 -9.588  -6.466  1.000 21.490 ? 455 ALA AAA CB  1 ? 
ATOM   882  N N   . LYS A 1 110 ? -13.067 -7.339  -6.419  1.000 25.788 ? 456 LYS AAA N   1 ? 
ATOM   883  C CA  . LYS A 1 110 ? -14.547 -7.180  -6.454  1.000 29.759 ? 456 LYS AAA CA  1 ? 
ATOM   884  C C   . LYS A 1 110 ? -14.905 -5.762  -6.913  1.000 32.377 ? 456 LYS AAA C   1 ? 
ATOM   885  O O   . LYS A 1 110 ? -16.071 -5.356  -6.725  1.000 36.692 ? 456 LYS AAA O   1 ? 
ATOM   886  C CB  . LYS A 1 110 ? -15.131 -7.580  -5.094  1.000 32.032 ? 456 LYS AAA CB  1 ? 
ATOM   887  C CG  . LYS A 1 110 ? -15.253 -9.087  -4.913  1.000 35.633 ? 456 LYS AAA CG  1 ? 
ATOM   888  C CD  . LYS A 1 110 ? -15.304 -9.570  -3.482  1.000 38.494 ? 456 LYS AAA CD  1 ? 
ATOM   889  C CE  . LYS A 1 110 ? -15.190 -11.077 -3.401  1.000 40.698 ? 456 LYS AAA CE  1 ? 
ATOM   890  N NZ  . LYS A 1 110 ? -15.626 -11.608 -2.086  1.000 42.231 ? 456 LYS AAA NZ  1 ? 
ATOM   891  N N   . MET A 1 111 ? -13.959 -5.059  -7.545  1.000 30.759 ? 457 MET AAA N   1 ? 
ATOM   892  C CA  . MET A 1 111 ? -14.202 -3.725  -8.149  1.000 35.494 ? 457 MET AAA CA  1 ? 
ATOM   893  C C   . MET A 1 111 ? -15.111 -3.887  -9.364  1.000 39.423 ? 457 MET AAA C   1 ? 
ATOM   894  O O   . MET A 1 111 ? -14.755 -4.579  -10.316 1.000 37.439 ? 457 MET AAA O   1 ? 
ATOM   895  C CB  . MET A 1 111 ? -12.900 -3.057  -8.589  1.000 34.671 ? 457 MET AAA CB  1 ? 
ATOM   896  C CG  . MET A 1 111 ? -13.098 -1.601  -8.945  1.000 34.246 ? 457 MET AAA CG  1 ? 
ATOM   897  S SD  . MET A 1 111 ? -11.566 -0.796  -9.410  1.000 30.068 ? 457 MET AAA SD  1 ? 
ATOM   898  C CE  . MET A 1 111 ? -10.629 -0.941  -7.890  1.000 31.825 ? 457 MET AAA CE  1 ? 
ATOM   899  N N   . PRO A 1 112 ? -16.303 -3.245  -9.377  1.000 47.242 ? 458 PRO AAA N   1 ? 
ATOM   900  C CA  . PRO A 1 112 ? -17.234 -3.368  -10.500 1.000 51.170 ? 458 PRO AAA CA  1 ? 
ATOM   901  C C   . PRO A 1 112 ? -16.653 -2.782  -11.798 1.000 54.556 ? 458 PRO AAA C   1 ? 
ATOM   902  O O   . PRO A 1 112 ? -15.844 -1.871  -11.716 1.000 50.004 ? 458 PRO AAA O   1 ? 
ATOM   903  C CB  . PRO A 1 112 ? -18.476 -2.584  -10.039 1.000 50.227 ? 458 PRO AAA CB  1 ? 
ATOM   904  C CG  . PRO A 1 112 ? -18.325 -2.482  -8.535  1.000 49.681 ? 458 PRO AAA CG  1 ? 
ATOM   905  C CD  . PRO A 1 112 ? -16.832 -2.380  -8.312  1.000 49.320 ? 458 PRO AAA CD  1 ? 
ATOM   906  N N   . ASP A 1 113 ? -17.070 -3.328  -12.947 1.000 60.547 ? 459 ASP AAA N   1 ? 
ATOM   907  C CA  . ASP A 1 113 ? -16.644 -2.894  -14.306 1.000 67.585 ? 459 ASP AAA CA  1 ? 
ATOM   908  C C   . ASP A 1 113 ? -17.828 -3.033  -15.272 1.000 70.926 ? 459 ASP AAA C   1 ? 
ATOM   909  O O   . ASP A 1 113 ? -18.410 -2.039  -15.708 1.000 76.666 ? 459 ASP AAA O   1 ? 
ATOM   910  C CB  . ASP A 1 113 ? -15.430 -3.691  -14.792 1.000 71.047 ? 459 ASP AAA CB  1 ? 
ATOM   911  C CG  . ASP A 1 113 ? -15.645 -5.195  -14.855 1.000 73.964 ? 459 ASP AAA CG  1 ? 
ATOM   912  O OD1 . ASP A 1 113 ? -16.650 -5.673  -14.292 1.000 76.337 ? 459 ASP AAA OD1 1 ? 
ATOM   913  O OD2 . ASP A 1 113 ? -14.802 -5.878  -15.470 1.000 77.695 ? 459 ASP AAA OD2 1 ? 
HETATM 914  N N12 . V9Z B 2 .   ? 8.260   0.672   10.796  1.000 21.494 ? 501 V9Z AAA N12 1 ? 
HETATM 915  C C13 . V9Z B 2 .   ? 7.782   -0.679  11.084  1.000 21.532 ? 501 V9Z AAA C13 1 ? 
HETATM 916  C C21 . V9Z B 2 .   ? 6.363   -4.391  12.685  1.000 22.255 ? 501 V9Z AAA C21 1 ? 
HETATM 917  C C01 . V9Z B 2 .   ? 5.558   4.452   12.314  1.000 25.632 ? 501 V9Z AAA C01 1 ? 
HETATM 918  N N05 . V9Z B 2 .   ? 6.686   3.552   12.433  1.000 24.503 ? 501 V9Z AAA N05 1 ? 
HETATM 919  C C07 . V9Z B 2 .   ? 6.888   2.552   11.588  1.000 23.861 ? 501 V9Z AAA C07 1 ? 
HETATM 920  O O08 . V9Z B 2 .   ? 6.135   2.323   10.645  1.000 23.246 ? 501 V9Z AAA O08 1 ? 
HETATM 921  C C09 . V9Z B 2 .   ? 8.101   1.673   11.834  1.000 23.693 ? 501 V9Z AAA C09 1 ? 
HETATM 922  C C16 . V9Z B 2 .   ? 8.673   -1.406  12.095  1.000 21.711 ? 501 V9Z AAA C16 1 ? 
HETATM 923  C C18 . V9Z B 2 .   ? 7.996   -2.619  12.732  1.000 21.995 ? 501 V9Z AAA C18 1 ? 
HETATM 924  C C19 . V9Z B 2 .   ? 6.967   -3.294  12.091  1.000 22.630 ? 501 V9Z AAA C19 1 ? 
HETATM 925  C C23 . V9Z B 2 .   ? 6.777   -4.824  13.922  1.000 23.989 ? 501 V9Z AAA C23 1 ? 
HETATM 926  C C25 . V9Z B 2 .   ? 7.798   -4.163  14.569  1.000 24.945 ? 501 V9Z AAA C25 1 ? 
HETATM 927  C C27 . V9Z B 2 .   ? 8.404   -3.068  13.980  1.000 24.156 ? 501 V9Z AAA C27 1 ? 
HETATM 928  C C29 . V9Z B 2 .   ? 10.009  -1.767  11.458  1.000 20.792 ? 501 V9Z AAA C29 1 ? 
HETATM 929  C C30 . V9Z B 2 .   ? 10.105  -2.818  10.556  1.000 21.147 ? 501 V9Z AAA C30 1 ? 
HETATM 930  C C32 . V9Z B 2 .   ? 11.319  -3.147  9.981   1.000 20.623 ? 501 V9Z AAA C32 1 ? 
HETATM 931  C C34 . V9Z B 2 .   ? 12.454  -2.434  10.301  1.000 20.684 ? 501 V9Z AAA C34 1 ? 
HETATM 932  C C36 . V9Z B 2 .   ? 12.372  -1.384  11.187  1.000 20.506 ? 501 V9Z AAA C36 1 ? 
HETATM 933  C C38 . V9Z B 2 .   ? 11.158  -1.051  11.763  1.000 21.340 ? 501 V9Z AAA C38 1 ? 
HETATM 934  C C40 . V9Z B 2 .   ? 8.767   1.111   9.624   1.000 20.863 ? 501 V9Z AAA C40 1 ? 
HETATM 935  O O41 . V9Z B 2 .   ? 9.112   2.269   9.472   1.000 22.666 ? 501 V9Z AAA O41 1 ? 
HETATM 936  C C42 . V9Z B 2 .   ? 8.910   0.159   8.477   1.000 19.741 ? 501 V9Z AAA C42 1 ? 
HETATM 937  C C43 . V9Z B 2 .   ? 7.798   -0.221  7.728   1.000 19.203 ? 501 V9Z AAA C43 1 ? 
HETATM 938  C C45 . V9Z B 2 .   ? 7.915   -1.072  6.634   1.000 18.393 ? 501 V9Z AAA C45 1 ? 
HETATM 939  C C46 . V9Z B 2 .   ? 6.688   -1.483  5.857   1.000 17.876 ? 501 V9Z AAA C46 1 ? 
HETATM 940  C C50 . V9Z B 2 .   ? 9.188   -1.536  6.308   1.000 18.483 ? 501 V9Z AAA C50 1 ? 
HETATM 941  O O51 . V9Z B 2 .   ? 9.331   -2.373  5.225   1.000 18.210 ? 501 V9Z AAA O51 1 ? 
HETATM 942  C C52 . V9Z B 2 .   ? 9.527   -1.674  4.002   1.000 18.673 ? 501 V9Z AAA C52 1 ? 
HETATM 943  C C56 . V9Z B 2 .   ? 10.332  -1.165  7.027   1.000 18.936 ? 501 V9Z AAA C56 1 ? 
HETATM 944  C C57 . V9Z B 2 .   ? 11.706  -1.656  6.656   1.000 19.942 ? 501 V9Z AAA C57 1 ? 
HETATM 945  C C61 . V9Z B 2 .   ? 10.166  -0.302  8.104   1.000 19.420 ? 501 V9Z AAA C61 1 ? 
HETATM 946  O O   . HOH C 3 .   ? -4.177  -14.276 5.996   1.000 42.543 ? 601 HOH AAA O   1 ? 
HETATM 947  O O   . HOH C 3 .   ? 5.763   3.566   8.668   1.000 23.333 ? 602 HOH AAA O   1 ? 
HETATM 948  O O   . HOH C 3 .   ? -12.726 -4.261  6.004   1.000 33.806 ? 603 HOH AAA O   1 ? 
HETATM 949  O O   . HOH C 3 .   ? -9.852  1.705   -13.908 1.000 31.454 ? 604 HOH AAA O   1 ? 
HETATM 950  O O   . HOH C 3 .   ? 14.540  -14.583 8.328   1.000 53.407 ? 605 HOH AAA O   1 ? 
HETATM 951  O O   . HOH C 3 .   ? -10.163 4.932   6.891   1.000 21.542 ? 606 HOH AAA O   1 ? 
HETATM 952  O O   . HOH C 3 .   ? -0.113  -4.372  16.361  1.000 44.230 ? 607 HOH AAA O   1 ? 
HETATM 953  O O   . HOH C 3 .   ? 17.368  -6.602  2.765   1.000 38.307 ? 608 HOH AAA O   1 ? 
HETATM 954  O O   . HOH C 3 .   ? 7.792   -15.356 5.014   1.000 41.335 ? 609 HOH AAA O   1 ? 
HETATM 955  O O   . HOH C 3 .   ? 11.456  -11.403 2.903   1.000 29.200 ? 610 HOH AAA O   1 ? 
HETATM 956  O O   . HOH C 3 .   ? 3.405   4.101   9.313   1.000 22.753 ? 611 HOH AAA O   1 ? 
HETATM 957  O O   . HOH C 3 .   ? 23.402  -0.894  1.229   1.000 28.860 ? 612 HOH AAA O   1 ? 
HETATM 958  O O   . HOH C 3 .   ? -1.802  -3.198  -11.565 1.000 33.080 ? 613 HOH AAA O   1 ? 
HETATM 959  O O   . HOH C 3 .   ? -3.781  13.108  1.541   1.000 46.080 ? 614 HOH AAA O   1 ? 
HETATM 960  O O   . HOH C 3 .   ? -3.816  -10.327 13.050  1.000 37.140 ? 615 HOH AAA O   1 ? 
HETATM 961  O O   . HOH C 3 .   ? -2.561  -11.800 0.039   1.000 47.829 ? 616 HOH AAA O   1 ? 
HETATM 962  O O   . HOH C 3 .   ? -8.004  -0.458  15.945  1.000 31.835 ? 617 HOH AAA O   1 ? 
HETATM 963  O O   . HOH C 3 .   ? 4.908   4.822   -8.463  1.000 31.681 ? 618 HOH AAA O   1 ? 
HETATM 964  O O   . HOH C 3 .   ? -3.756  -5.059  -11.287 1.000 35.069 ? 619 HOH AAA O   1 ? 
HETATM 965  O O   . HOH C 3 .   ? 1.828   12.534  0.984   1.000 42.741 ? 620 HOH AAA O   1 ? 
HETATM 966  O O   . HOH C 3 .   ? 3.023   10.590  -10.970 1.000 45.172 ? 621 HOH AAA O   1 ? 
HETATM 967  O O   . HOH C 3 .   ? 3.785   -3.217  -8.317  1.000 32.865 ? 622 HOH AAA O   1 ? 
HETATM 968  O O   . HOH C 3 .   ? -5.771  0.445   9.229   1.000 18.116 ? 623 HOH AAA O   1 ? 
HETATM 969  O O   . HOH C 3 .   ? -9.231  -8.055  10.171  1.000 33.373 ? 624 HOH AAA O   1 ? 
HETATM 970  O O   . HOH C 3 .   ? 5.845   -9.266  -4.926  1.000 19.999 ? 625 HOH AAA O   1 ? 
HETATM 971  O O   . HOH C 3 .   ? 21.921  3.593   -4.065  1.000 35.915 ? 626 HOH AAA O   1 ? 
HETATM 972  O O   . HOH C 3 .   ? 20.437  3.209   1.328   1.000 38.319 ? 627 HOH AAA O   1 ? 
HETATM 973  O O   . HOH C 3 .   ? 9.906   8.464   12.692  1.000 44.876 ? 628 HOH AAA O   1 ? 
HETATM 974  O O   . HOH C 3 .   ? 8.451   5.295   -5.483  1.000 37.127 ? 629 HOH AAA O   1 ? 
HETATM 975  O O   . HOH C 3 .   ? -8.148  9.891   -8.401  1.000 37.694 ? 630 HOH AAA O   1 ? 
HETATM 976  O O   . HOH C 3 .   ? 21.978  -4.563  4.013   1.000 32.509 ? 631 HOH AAA O   1 ? 
HETATM 977  O O   . HOH C 3 .   ? 23.796  4.626   -0.517  1.000 25.270 ? 632 HOH AAA O   1 ? 
HETATM 978  O O   . HOH C 3 .   ? 4.427   11.274  -7.396  1.000 42.215 ? 633 HOH AAA O   1 ? 
HETATM 979  O O   . HOH C 3 .   ? 6.475   9.795   -0.551  1.000 36.861 ? 634 HOH AAA O   1 ? 
HETATM 980  O O   . HOH C 3 .   ? -2.600  15.318  -3.369  1.000 34.460 ? 635 HOH AAA O   1 ? 
HETATM 981  O O   . HOH C 3 .   ? -6.523  -9.260  6.986   1.000 24.234 ? 636 HOH AAA O   1 ? 
HETATM 982  O O   . HOH C 3 .   ? 9.406   4.889   10.057  1.000 25.872 ? 637 HOH AAA O   1 ? 
HETATM 983  O O   . HOH C 3 .   ? 8.451   0.866   0.371   1.000 22.483 ? 638 HOH AAA O   1 ? 
HETATM 984  O O   . HOH C 3 .   ? -19.355 11.669  -10.367 1.000 51.422 ? 639 HOH AAA O   1 ? 
HETATM 985  O O   . HOH C 3 .   ? 15.456  4.589   -3.327  1.000 41.917 ? 640 HOH AAA O   1 ? 
HETATM 986  O O   . HOH C 3 .   ? 7.517   2.949   7.395   1.000 37.468 ? 641 HOH AAA O   1 ? 
HETATM 987  O O   . HOH C 3 .   ? 6.938   -0.900  1.770   1.000 19.477 ? 642 HOH AAA O   1 ? 
HETATM 988  O O   . HOH C 3 .   ? 4.839   -5.612  -7.226  1.000 26.848 ? 643 HOH AAA O   1 ? 
HETATM 989  O O   . HOH C 3 .   ? -1.461  -14.083 13.143  1.000 42.540 ? 644 HOH AAA O   1 ? 
HETATM 990  O O   . HOH C 3 .   ? 5.878   2.321   5.428   1.000 22.134 ? 645 HOH AAA O   1 ? 
HETATM 991  O O   . HOH C 3 .   ? -11.469 -8.353  -10.783 1.000 40.282 ? 646 HOH AAA O   1 ? 
HETATM 992  O O   . HOH C 3 .   ? 19.503  1.129   13.028  1.000 43.808 ? 647 HOH AAA O   1 ? 
HETATM 993  O O   . HOH C 3 .   ? 20.396  7.112   11.958  1.000 35.418 ? 648 HOH AAA O   1 ? 
HETATM 994  O O   . HOH C 3 .   ? 0.315   -13.054 7.747   1.000 27.132 ? 649 HOH AAA O   1 ? 
HETATM 995  O O   . HOH C 3 .   ? -9.087  -2.470  0.821   1.000 33.846 ? 650 HOH AAA O   1 ? 
HETATM 996  O O   . HOH C 3 .   ? 1.514   2.955   -10.721 1.000 29.867 ? 651 HOH AAA O   1 ? 
HETATM 997  O O   . HOH C 3 .   ? -9.502  -6.091  -10.136 1.000 36.586 ? 652 HOH AAA O   1 ? 
HETATM 998  O O   . HOH C 3 .   ? 3.772   1.411   -9.362  1.000 29.741 ? 653 HOH AAA O   1 ? 
HETATM 999  O O   . HOH C 3 .   ? 1.292   13.169  -4.780  1.000 35.870 ? 654 HOH AAA O   1 ? 
HETATM 1000 O O   . HOH C 3 .   ? 7.352   5.633   0.804   1.000 22.830 ? 655 HOH AAA O   1 ? 
HETATM 1001 O O   . HOH C 3 .   ? -8.867  -7.169  12.443  1.000 38.980 ? 656 HOH AAA O   1 ? 
HETATM 1002 O O   . HOH C 3 .   ? -5.472  3.608   12.690  1.000 41.322 ? 657 HOH AAA O   1 ? 
HETATM 1003 O O   . HOH C 3 .   ? 14.246  -5.305  8.523   1.000 28.302 ? 658 HOH AAA O   1 ? 
HETATM 1004 O O   . HOH C 3 .   ? 6.960   5.879   9.193   1.000 27.181 ? 659 HOH AAA O   1 ? 
HETATM 1005 O O   . HOH C 3 .   ? 21.056  7.473   4.806   1.000 40.636 ? 660 HOH AAA O   1 ? 
HETATM 1006 O O   . HOH C 3 .   ? 8.876   9.126   7.401   1.000 38.485 ? 661 HOH AAA O   1 ? 
HETATM 1007 O O   . HOH C 3 .   ? -3.891  -10.772 -7.074  1.000 20.058 ? 662 HOH AAA O   1 ? 
HETATM 1008 O O   . HOH C 3 .   ? 7.815   7.427   -3.052  1.000 46.292 ? 663 HOH AAA O   1 ? 
HETATM 1009 O O   . HOH C 3 .   ? -5.974  5.765   9.646   1.000 30.643 ? 664 HOH AAA O   1 ? 
HETATM 1010 O O   . HOH C 3 .   ? 5.314   0.986   3.054   1.000 20.819 ? 665 HOH AAA O   1 ? 
HETATM 1011 O O   . HOH C 3 .   ? 11.074  6.238   2.867   1.000 31.905 ? 666 HOH AAA O   1 ? 
HETATM 1012 O O   . HOH C 3 .   ? 13.795  -1.977  -5.588  1.000 31.543 ? 667 HOH AAA O   1 ? 
HETATM 1013 O O   . HOH C 3 .   ? -2.969  14.139  -13.879 1.000 25.282 ? 668 HOH AAA O   1 ? 
HETATM 1014 O O   . HOH C 3 .   ? 11.282  -0.602  -5.290  1.000 25.008 ? 669 HOH AAA O   1 ? 
HETATM 1015 O O   . HOH C 3 .   ? -2.744  9.627   4.619   1.000 41.198 ? 670 HOH AAA O   1 ? 
HETATM 1016 O O   . HOH C 3 .   ? -14.175 0.593   -2.578  1.000 42.442 ? 671 HOH AAA O   1 ? 
HETATM 1017 O O   . HOH C 3 .   ? -5.767  9.205   -9.783  1.000 26.459 ? 672 HOH AAA O   1 ? 
HETATM 1018 O O   . HOH C 3 .   ? -10.955 16.612  -15.539 1.000 40.285 ? 673 HOH AAA O   1 ? 
HETATM 1019 O O   . HOH C 3 .   ? 9.442   -3.997  -5.190  1.000 29.108 ? 674 HOH AAA O   1 ? 
HETATM 1020 O O   . HOH C 3 .   ? -11.380 -6.523  1.943   1.000 28.219 ? 675 HOH AAA O   1 ? 
HETATM 1021 O O   . HOH C 3 .   ? -2.711  10.477  -14.211 1.000 32.125 ? 676 HOH AAA O   1 ? 
HETATM 1022 O O   . HOH C 3 .   ? 14.723  9.887   7.407   1.000 40.541 ? 677 HOH AAA O   1 ? 
HETATM 1023 O O   . HOH C 3 .   ? -7.665  -0.241  -14.650 1.000 33.877 ? 678 HOH AAA O   1 ? 
HETATM 1024 O O   . HOH C 3 .   ? 9.216   4.375   2.516   1.000 25.784 ? 679 HOH AAA O   1 ? 
HETATM 1025 O O   . HOH C 3 .   ? 0.167   -9.315  12.738  1.000 39.816 ? 680 HOH AAA O   1 ? 
HETATM 1026 O O   . HOH C 3 .   ? 14.764  -10.058 2.355   1.000 38.009 ? 681 HOH AAA O   1 ? 
HETATM 1027 O O   . HOH C 3 .   ? 18.507  4.362   3.157   1.000 31.415 ? 682 HOH AAA O   1 ? 
HETATM 1028 O O   . HOH C 3 .   ? 6.776   -13.139 8.621   1.000 30.174 ? 683 HOH AAA O   1 ? 
HETATM 1029 O O   . HOH C 3 .   ? -5.328  8.745   5.770   1.000 46.196 ? 684 HOH AAA O   1 ? 
HETATM 1030 O O   . HOH C 3 .   ? 22.833  5.346   2.151   1.000 32.944 ? 685 HOH AAA O   1 ? 
HETATM 1031 O O   . HOH C 3 .   ? 15.440  -0.061  12.893  1.000 32.701 ? 686 HOH AAA O   1 ? 
HETATM 1032 O O   . HOH C 3 .   ? 4.485   -12.954 0.717   1.000 35.045 ? 687 HOH AAA O   1 ? 
HETATM 1033 O O   . HOH C 3 .   ? 17.148  -3.844  8.376   1.000 46.230 ? 688 HOH AAA O   1 ? 
HETATM 1034 O O   . HOH C 3 .   ? -14.508 6.781   -0.901  1.000 37.123 ? 689 HOH AAA O   1 ? 
HETATM 1035 O O   . HOH C 3 .   ? -7.117  10.123  -13.585 1.000 38.267 ? 690 HOH AAA O   1 ? 
HETATM 1036 O O   . HOH C 3 .   ? 8.903   3.938   14.310  1.000 49.130 ? 691 HOH AAA O   1 ? 
HETATM 1037 O O   . HOH C 3 .   ? 1.971   5.600   -10.506 1.000 39.059 ? 692 HOH AAA O   1 ? 
HETATM 1038 O O   . HOH C 3 .   ? 0.020   -4.607  -9.981  1.000 27.036 ? 693 HOH AAA O   1 ? 
HETATM 1039 O O   . HOH C 3 .   ? -1.981  11.530  2.404   1.000 29.623 ? 694 HOH AAA O   1 ? 
HETATM 1040 O O   . HOH C 3 .   ? 5.322   8.218   -6.938  1.000 43.393 ? 695 HOH AAA O   1 ? 
HETATM 1041 O O   . HOH C 3 .   ? -0.942  -7.350  14.223  1.000 39.962 ? 696 HOH AAA O   1 ? 
HETATM 1042 O O   . HOH C 3 .   ? -10.207 8.805   -6.386  1.000 35.714 ? 697 HOH AAA O   1 ? 
HETATM 1043 O O   . HOH C 3 .   ? 9.948   -9.321  13.935  1.000 28.596 ? 698 HOH AAA O   1 ? 
HETATM 1044 O O   . HOH C 3 .   ? -1.770  -14.423 2.856   0.500 33.743 ? 699 HOH AAA O   1 ? 
HETATM 1045 O O   . HOH C 3 .   ? -9.087  7.399   0.579   1.000 38.537 ? 700 HOH AAA O   1 ? 
HETATM 1046 O O   . HOH C 3 .   ? 18.053  -4.229  -4.796  1.000 41.204 ? 701 HOH AAA O   1 ? 
HETATM 1047 O O   . HOH C 3 .   ? 10.788  6.493   -6.759  1.000 42.302 ? 702 HOH AAA O   1 ? 
HETATM 1048 O O   . HOH C 3 .   ? -2.247  0.408   15.362  1.000 39.699 ? 703 HOH AAA O   1 ? 
HETATM 1049 O O   . HOH C 3 .   ? 13.553  8.700   5.325   1.000 36.008 ? 704 HOH AAA O   1 ? 
HETATM 1050 O O   . HOH C 3 .   ? 3.447   10.797  2.032   1.000 38.203 ? 705 HOH AAA O   1 ? 
HETATM 1051 O O   . HOH C 3 .   ? 12.382  -4.093  13.621  1.000 34.829 ? 706 HOH AAA O   1 ? 
HETATM 1052 O O   . HOH C 3 .   ? 2.223   -12.169 0.033   1.000 44.300 ? 707 HOH AAA O   1 ? 
HETATM 1053 O O   . HOH C 3 .   ? 1.638   4.126   12.399  1.000 36.662 ? 708 HOH AAA O   1 ? 
HETATM 1054 O O   . HOH C 3 .   ? 2.513   -14.793 7.529   1.000 30.089 ? 709 HOH AAA O   1 ? 
HETATM 1055 O O   . HOH C 3 .   ? 16.301  -6.047  6.777   1.000 42.477 ? 710 HOH AAA O   1 ? 
HETATM 1056 O O   . HOH C 3 .   ? -15.790 -6.228  -2.092  1.000 43.739 ? 711 HOH AAA O   1 ? 
HETATM 1057 O O   . HOH C 3 .   ? -0.893  -0.420  -14.258 1.000 44.188 ? 712 HOH AAA O   1 ? 
HETATM 1058 O O   . HOH C 3 .   ? -14.378 12.312  -13.518 1.000 49.337 ? 713 HOH AAA O   1 ? 
HETATM 1059 O O   . HOH C 3 .   ? 2.399   -4.330  16.401  1.000 43.209 ? 714 HOH AAA O   1 ? 
HETATM 1060 O O   . HOH C 3 .   ? 2.631   -10.213 12.621  1.000 52.279 ? 715 HOH AAA O   1 ? 
HETATM 1061 O O   . HOH C 3 .   ? 10.942  9.781   5.787   1.000 47.290 ? 716 HOH AAA O   1 ? 
HETATM 1062 O O   . HOH C 3 .   ? 4.838   -1.195  -9.548  1.000 49.432 ? 717 HOH AAA O   1 ? 
HETATM 1063 O O   . HOH C 3 .   ? -13.690 -7.288  0.185   1.000 38.928 ? 718 HOH AAA O   1 ? 
HETATM 1064 O O   . HOH C 3 .   ? -12.908 11.299  -0.695  1.000 47.072 ? 719 HOH AAA O   1 ? 
HETATM 1065 O O   . HOH C 3 .   ? 1.060   2.112   -20.661 0.500 43.350 ? 720 HOH AAA O   1 ? 
HETATM 1066 O O   . HOH C 3 .   ? -10.176 -4.163  -14.403 1.000 55.863 ? 721 HOH AAA O   1 ? 
HETATM 1067 O O   . HOH C 3 .   ? -9.695  -10.526 3.274   1.000 42.500 ? 722 HOH AAA O   1 ? 
HETATM 1068 O O   . HOH C 3 .   ? -1.733  -13.899 6.012   1.000 42.435 ? 723 HOH AAA O   1 ? 
HETATM 1069 O O   . HOH C 3 .   ? 16.724  -9.687  4.133   1.000 45.687 ? 724 HOH AAA O   1 ? 
HETATM 1070 O O   . HOH C 3 .   ? 3.287   11.102  4.711   1.000 49.301 ? 725 HOH AAA O   1 ? 
HETATM 1071 O O   . HOH C 3 .   ? 24.417  -2.026  -0.914  1.000 54.737 ? 726 HOH AAA O   1 ? 
HETATM 1072 O O   . HOH C 3 .   ? -8.194  7.372   3.279   1.000 37.985 ? 727 HOH AAA O   1 ? 
HETATM 1073 O O   . HOH C 3 .   ? -14.823 -0.804  -16.056 1.000 58.127 ? 728 HOH AAA O   1 ? 
HETATM 1074 O O   . HOH C 3 .   ? -17.339 -8.634  -8.134  1.000 38.429 ? 729 HOH AAA O   1 ? 
HETATM 1075 O O   . HOH C 3 .   ? 19.821  4.578   14.456  1.000 52.749 ? 730 HOH AAA O   1 ? 
HETATM 1076 O O   . HOH C 3 .   ? -5.039  7.811   -21.850 1.000 36.037 ? 731 HOH AAA O   1 ? 
HETATM 1077 O O   . HOH C 3 .   ? -12.937 -2.620  -16.722 1.000 56.157 ? 732 HOH AAA O   1 ? 
HETATM 1078 O O   . HOH C 3 .   ? -6.139  -15.968 5.793   1.000 47.492 ? 733 HOH AAA O   1 ? 
HETATM 1079 O O   . HOH C 3 .   ? -0.564  -3.089  -13.940 1.000 53.065 ? 734 HOH AAA O   1 ? 
HETATM 1080 O O   . HOH C 3 .   ? -7.241  -1.307  -17.254 1.000 62.286 ? 735 HOH AAA O   1 ? 
HETATM 1081 O O   . HOH C 3 .   ? -11.109 7.738   13.177  1.000 44.081 ? 736 HOH AAA O   1 ? 
HETATM 1082 O O   . HOH C 3 .   ? -2.222  -6.217  -12.855 1.000 35.495 ? 737 HOH AAA O   1 ? 
HETATM 1083 O O   . HOH C 3 .   ? -13.026 0.890   -17.097 1.000 44.774 ? 738 HOH AAA O   1 ? 
HETATM 1084 O O   . HOH C 3 .   ? 18.120  3.022   15.926  1.000 52.676 ? 739 HOH AAA O   1 ? 
HETATM 1085 O O   . HOH C 3 .   ? 8.345   7.826   -0.506  1.000 37.234 ? 740 HOH AAA O   1 ? 
HETATM 1086 O O   . HOH C 3 .   ? -1.527  7.984   8.732   1.000 40.098 ? 741 HOH AAA O   1 ? 
HETATM 1087 O O   . HOH C 3 .   ? 5.833   -14.919 10.740  1.000 54.677 ? 742 HOH AAA O   1 ? 
HETATM 1088 O O   . HOH C 3 .   ? 10.149  5.790   12.497  1.000 32.053 ? 743 HOH AAA O   1 ? 
HETATM 1089 O O   . HOH C 3 .   ? -12.913 9.397   -5.256  1.000 43.084 ? 744 HOH AAA O   1 ? 
HETATM 1090 O O   . HOH C 3 .   ? 2.563   6.136   11.031  1.000 30.488 ? 745 HOH AAA O   1 ? 
HETATM 1091 O O   . HOH C 3 .   ? 24.399  -3.521  4.792   1.000 31.115 ? 746 HOH AAA O   1 ? 
HETATM 1092 O O   . HOH C 3 .   ? 6.090   12.125  1.774   1.000 49.848 ? 747 HOH AAA O   1 ? 
HETATM 1093 O O   . HOH C 3 .   ? 8.773   0.691   15.204  1.000 44.173 ? 748 HOH AAA O   1 ? 
HETATM 1094 O O   . HOH C 3 .   ? 10.786  12.338  7.429   1.000 48.672 ? 749 HOH AAA O   1 ? 
HETATM 1095 O O   . HOH C 3 .   ? -4.641  6.299   12.285  1.000 43.064 ? 750 HOH AAA O   1 ? 
HETATM 1096 O O   . HOH C 3 .   ? 1.831   2.030   -13.306 1.000 34.520 ? 751 HOH AAA O   1 ? 
HETATM 1097 O O   . HOH C 3 .   ? -6.857  7.782   7.678   1.000 43.536 ? 752 HOH AAA O   1 ? 
HETATM 1098 O O   . HOH C 3 .   ? 4.095   -12.525 13.067  1.000 48.614 ? 753 HOH AAA O   1 ? 
HETATM 1099 O O   . HOH C 3 .   ? -2.802  2.958   14.886  1.000 44.553 ? 754 HOH AAA O   1 ? 
HETATM 1100 O O   . HOH C 3 .   ? 6.578   7.973   10.871  1.000 34.717 ? 755 HOH AAA O   1 ? 
HETATM 1101 O O   . HOH C 3 .   ? 4.545   11.077  -4.699  1.000 41.578 ? 756 HOH AAA O   1 ? 
HETATM 1102 O O   . HOH C 3 .   ? 7.392   8.712   13.243  1.000 51.414 ? 757 HOH AAA O   1 ? 
HETATM 1103 O O   . HOH C 3 .   ? 19.223  6.988   2.962   1.000 35.279 ? 758 HOH AAA O   1 ? 
HETATM 1104 O O   . HOH C 3 .   ? 8.586   -3.495  -7.786  1.000 38.749 ? 759 HOH AAA O   1 ? 
HETATM 1105 O O   . HOH C 3 .   ? -3.658  6.996   9.898   1.000 46.532 ? 760 HOH AAA O   1 ? 
HETATM 1106 O O   . HOH C 3 .   ? 5.494   11.744  6.114   1.000 50.462 ? 761 HOH AAA O   1 ? 
HETATM 1107 O O   . HOH C 3 .   ? 4.098   7.826   12.268  1.000 38.966 ? 762 HOH AAA O   1 ? 
HETATM 1108 O O   . HOH C 3 .   ? -7.290  6.867   16.453  1.000 53.347 ? 763 HOH AAA O   1 ? 
HETATM 1109 O O   . HOH C 3 .   ? 20.550  7.130   0.717   1.000 67.053 ? 764 HOH AAA O   1 ? 
HETATM 1110 O O   . HOH C 3 .   ? -0.702  4.413   14.094  1.000 40.110 ? 765 HOH AAA O   1 ? 
HETATM 1111 O O   . HOH C 3 .   ? 0.247   7.564   10.962  1.000 32.571 ? 766 HOH AAA O   1 ? 
HETATM 1112 O O   . HOH C 3 .   ? 18.295  8.301   -1.796  1.000 44.077 ? 767 HOH AAA O   1 ? 
HETATM 1113 O O   . HOH C 3 .   ? 7.246   12.160  4.177   1.000 56.032 ? 768 HOH AAA O   1 ? 
HETATM 1114 O O   . HOH C 3 .   ? -1.811  6.648   12.982  1.000 40.068 ? 769 HOH AAA O   1 ? 
# 
